data_3NVV
#
_entry.id   3NVV
#
_cell.length_a   132.766
_cell.length_b   73.418
_cell.length_c   138.158
_cell.angle_alpha   90.000
_cell.angle_beta   96.930
_cell.angle_gamma   90.000
#
_symmetry.space_group_name_H-M   'P 1 21 1'
#
loop_
_entity.id
_entity.type
_entity.pdbx_description
1 polymer 'Xanthine dehydrogenase/oxidase'
2 polymer 'Xanthine dehydrogenase/oxidase'
3 polymer 'Xanthine dehydrogenase/oxidase'
4 non-polymer 'FE2/S2 (INORGANIC) CLUSTER'
5 non-polymer 'FLAVIN-ADENINE DINUCLEOTIDE'
6 non-polymer 'PHOSPHONIC ACIDMONO-(2-AMINO-5,6-DIMERCAPTO-4-OXO-3,7,8A,9,10,10A-HEXAHYDRO-4H-8-OXA-1,3,9,10-TETRAAZA-ANTHRACEN-7-YLMETHYL)ESTER'
7 non-polymer 'DIOXOTHIOMOLYBDENUM(VI) ION'
8 non-polymer ARSENITE
9 water water
#
loop_
_entity_poly.entity_id
_entity_poly.type
_entity_poly.pdbx_seq_one_letter_code
_entity_poly.pdbx_strand_id
1 'polypeptide(L)'
;TADELVFFVNGKKVVEKNADPETTLLAYLRRKLGLRGTKLGCGEGGCGACTVMLSKYDRLQDKIIHFSANACLAPICTLH
HVAVTTVEGIGSTKTRLHPVQERIAKSHGSQCGFCTPGIVMSMYTLLRNQPEPTVEEIEDAFQGNLCRCTGYRPILQGFR
TFAK
;
A,J
2 'polypeptide(L)'
;LFNPEEFMPLDPTQEPIFPPELLRLKDVPPKQLRFEGERVTWIQASTLKELLDLKAQHPEAKLVVGNTEIGIEMKFKNQL
FPMIICPAWIPELNAVEHGPEGISFGAACALSSVEKTLLEAVAKLPTQKTEVFRGVLEQLRWFAGKQVKSVASLGGNIIT
ASPISDLNPVFMASGTKLTIVSRGTRRTVPMDHTFFPSYRKTLLGPEEILLSIEIPYSREDEFFSAFKQASRREDDIAKV
TCGMRVLFQPGSMQVKELALCYGGMADRTISALKTTQKQLSKFWNEKLLQDVCAGLAEELSLSPDAPGGMIEFRRTLTLS
FFFKFYLTVLKKLG
;
B,K
3 'polypeptide(L)'
;DTVGRPLPHLAAAMQASGEAVYCDDIPRYENELFLRLVTSTRAHAKIKSIDVSEAQKVPGFVCFLSADDIPGSNETGLFN
DETVFAKDTVTCVGHIIGAVVADTPEHAERAAHVVKVTYEDLPAIITIEDAIKNNSFYGSELKIEKGDLKKGFSEADNVV
SGELYIGGQDHFYLETHCTIAIPKGEEGEMELFVSTQNAMKTQSFVAKMLGVPVNRILVRVKRMGGGFGGKETRSTLVSV
AVALAAYKTGHPVRCMLDRNEDMLITGGRHPFLARYKVGFMKTGTIVALEVDHYSNAGNSRDLSHSIMERALFHMDNCYK
IPNIRGTGRLCKTNLSSNTAFRGFGGPQALFIAENWMSEVAVTCGLPAEEVRWKNMYKEGDLTHFNQRLEGFSVPRCWDE
CLKSSQYYARKSEVDKFNKENCWKKRGLCIIPTKFGISFTVPFLNQAGALIHVYTDGSVLVSHGGTEMGQGLHTKMVQVA
SKALKIPISKIYISETSTNTVPNSSPTAASVSTDIYGQAVYEACQTILKRLEPFKKKNPDGSWEDWVMAAYQDRVSLSTT
GFYRTPNLGYSFETNSGNAFHYFTYGVACSEVEIDCLTGDHKNLRTDIVMDVGSSLNPAIDIGQVEGAFVQGLGLFTLEE
LHYSPEGSLHTRGPSTYKIPAFGSIPTEFRVSLLRDCPNKKAIYASKAVGEPPLFLGASVFFAIKDAIRAARAQHTNNNT
KELFRLDSPATPEKIRNACVDKFTTLCVTGAPGNC
;
C,L
#
# COMPACT_ATOMS: atom_id res chain seq x y z
N THR A 1 10.26 5.68 -36.48
CA THR A 1 11.37 6.48 -37.07
C THR A 1 11.89 7.54 -36.10
N ALA A 2 11.61 7.33 -34.81
CA ALA A 2 12.08 8.26 -33.77
C ALA A 2 13.48 7.92 -33.33
N ASP A 3 14.27 8.96 -33.10
CA ASP A 3 15.59 8.82 -32.53
C ASP A 3 15.48 8.52 -31.05
N GLU A 4 16.45 7.81 -30.50
CA GLU A 4 16.51 7.60 -29.06
C GLU A 4 16.96 8.88 -28.38
N LEU A 5 16.35 9.17 -27.23
CA LEU A 5 16.77 10.30 -26.42
C LEU A 5 17.65 9.79 -25.30
N VAL A 6 18.84 10.38 -25.19
CA VAL A 6 19.82 9.94 -24.24
C VAL A 6 20.19 11.06 -23.26
N PHE A 7 19.90 10.84 -21.98
CA PHE A 7 20.39 11.76 -20.95
C PHE A 7 20.80 11.03 -19.69
N PHE A 8 21.33 11.77 -18.73
CA PHE A 8 21.78 11.20 -17.48
C PHE A 8 20.99 11.73 -16.30
N VAL A 9 20.71 10.86 -15.33
CA VAL A 9 20.07 11.30 -14.09
C VAL A 9 20.89 10.74 -12.95
N ASN A 10 21.45 11.63 -12.13
CA ASN A 10 22.28 11.22 -10.99
C ASN A 10 23.41 10.24 -11.39
N GLY A 11 24.02 10.54 -12.54
CA GLY A 11 25.20 9.83 -12.96
C GLY A 11 24.91 8.59 -13.78
N LYS A 12 23.62 8.24 -13.88
CA LYS A 12 23.16 7.03 -14.55
C LYS A 12 22.52 7.35 -15.89
N LYS A 13 22.88 6.58 -16.90
CA LYS A 13 22.38 6.79 -18.24
C LYS A 13 20.93 6.36 -18.41
N VAL A 14 20.14 7.23 -19.02
CA VAL A 14 18.75 6.95 -19.35
C VAL A 14 18.64 6.96 -20.87
N VAL A 15 18.16 5.87 -21.46
CA VAL A 15 17.96 5.79 -22.92
C VAL A 15 16.47 5.70 -23.16
N GLU A 16 15.87 6.78 -23.64
CA GLU A 16 14.44 6.80 -23.90
C GLU A 16 14.17 6.64 -25.39
N LYS A 17 13.61 5.49 -25.75
CA LYS A 17 13.45 5.13 -27.17
C LYS A 17 12.13 5.65 -27.72
N ASN A 18 11.23 6.06 -26.83
CA ASN A 18 9.94 6.56 -27.27
C ASN A 18 9.52 7.86 -26.57
N ALA A 19 10.43 8.83 -26.57
CA ALA A 19 10.18 10.15 -26.02
C ALA A 19 8.95 10.81 -26.63
N ASP A 20 8.00 11.16 -25.76
CA ASP A 20 6.91 12.05 -26.13
C ASP A 20 7.36 13.50 -25.89
N PRO A 21 7.28 14.36 -26.94
CA PRO A 21 7.66 15.78 -26.83
C PRO A 21 6.94 16.50 -25.69
N GLU A 22 5.75 16.05 -25.33
CA GLU A 22 4.95 16.66 -24.28
C GLU A 22 5.40 16.33 -22.85
N THR A 23 6.31 15.35 -22.71
CA THR A 23 6.76 14.88 -21.39
C THR A 23 7.74 15.83 -20.69
N THR A 24 7.37 16.27 -19.48
CA THR A 24 8.21 17.17 -18.69
C THR A 24 9.24 16.36 -17.91
N LEU A 25 10.38 16.97 -17.61
CA LEU A 25 11.35 16.29 -16.80
C LEU A 25 10.75 15.88 -15.45
N LEU A 26 9.97 16.77 -14.84
CA LEU A 26 9.34 16.39 -13.55
C LEU A 26 8.48 15.13 -13.64
N ALA A 27 7.67 15.01 -14.69
CA ALA A 27 6.87 13.83 -14.85
C ALA A 27 7.79 12.62 -15.03
N TYR A 28 8.81 12.76 -15.86
CA TYR A 28 9.72 11.67 -16.12
C TYR A 28 10.41 11.18 -14.85
N LEU A 29 10.95 12.11 -14.05
CA LEU A 29 11.62 11.73 -12.80
C LEU A 29 10.67 11.03 -11.83
N ARG A 30 9.52 11.65 -11.61
CA ARG A 30 8.55 11.09 -10.66
C ARG A 30 7.89 9.82 -11.14
N ARG A 31 7.44 9.79 -12.38
CA ARG A 31 6.53 8.73 -12.79
C ARG A 31 7.14 7.67 -13.70
N LYS A 32 8.31 7.95 -14.26
CA LYS A 32 9.05 6.90 -14.97
C LYS A 32 10.23 6.38 -14.16
N LEU A 33 11.04 7.28 -13.61
CA LEU A 33 12.23 6.87 -12.89
C LEU A 33 12.02 6.60 -11.39
N GLY A 34 10.88 7.02 -10.86
CA GLY A 34 10.53 6.77 -9.47
C GLY A 34 11.39 7.54 -8.47
N LEU A 35 11.94 8.68 -8.88
CA LEU A 35 12.71 9.55 -7.97
C LEU A 35 11.77 10.68 -7.54
N ARG A 36 11.21 10.55 -6.35
CA ARG A 36 10.11 11.43 -5.95
C ARG A 36 10.49 12.54 -4.96
N GLY A 37 11.79 12.71 -4.73
CA GLY A 37 12.32 13.86 -4.02
C GLY A 37 11.98 15.21 -4.66
N THR A 38 12.01 15.27 -5.99
CA THR A 38 11.67 16.46 -6.74
C THR A 38 10.13 16.59 -6.75
N LYS A 39 9.60 17.76 -6.37
CA LYS A 39 8.14 17.92 -6.16
C LYS A 39 7.41 18.80 -7.17
N LEU A 40 6.10 18.60 -7.25
CA LEU A 40 5.22 19.51 -8.00
C LEU A 40 4.64 20.50 -6.99
N GLY A 41 4.88 21.79 -7.23
CA GLY A 41 4.31 22.86 -6.41
C GLY A 41 3.36 23.82 -7.15
N CYS A 42 3.46 23.91 -8.49
CA CYS A 42 2.67 24.86 -9.26
C CYS A 42 2.56 24.54 -10.77
N GLY A 43 3.58 23.88 -11.31
CA GLY A 43 3.63 23.59 -12.75
C GLY A 43 3.79 24.79 -13.67
N GLU A 44 4.15 25.95 -13.11
CA GLU A 44 4.29 27.18 -13.93
C GLU A 44 5.55 27.99 -13.63
N GLY A 45 6.52 27.40 -12.94
CA GLY A 45 7.85 28.00 -12.82
C GLY A 45 8.01 28.96 -11.67
N GLY A 46 6.92 29.15 -10.91
CA GLY A 46 6.92 30.17 -9.88
C GLY A 46 7.49 29.79 -8.51
N CYS A 47 7.60 28.50 -8.22
CA CYS A 47 7.70 28.06 -6.81
C CYS A 47 9.02 27.38 -6.46
N GLY A 48 9.67 26.83 -7.47
CA GLY A 48 10.95 26.17 -7.29
C GLY A 48 10.93 24.80 -6.64
N ALA A 49 9.76 24.30 -6.25
CA ALA A 49 9.65 22.97 -5.61
C ALA A 49 10.25 21.84 -6.45
N CYS A 50 10.29 22.06 -7.77
CA CYS A 50 10.76 21.09 -8.72
C CYS A 50 12.22 21.33 -9.18
N THR A 51 13.00 22.11 -8.43
CA THR A 51 14.30 22.56 -8.91
C THR A 51 15.28 21.40 -8.95
N VAL A 52 15.99 21.30 -10.07
CA VAL A 52 17.07 20.31 -10.22
C VAL A 52 18.27 21.07 -10.74
N MET A 53 19.43 20.42 -10.77
CA MET A 53 20.59 20.98 -11.45
C MET A 53 20.75 20.28 -12.78
N LEU A 54 21.06 21.05 -13.82
CA LEU A 54 21.38 20.51 -15.11
C LEU A 54 22.87 20.78 -15.38
N SER A 55 23.53 19.82 -16.02
CA SER A 55 24.94 19.93 -16.34
C SER A 55 25.13 19.46 -17.77
N LYS A 56 25.91 20.20 -18.55
CA LYS A 56 26.24 19.73 -19.88
C LYS A 56 27.61 20.25 -20.27
N TYR A 57 28.23 19.59 -21.25
CA TYR A 57 29.42 20.13 -21.84
C TYR A 57 28.99 21.09 -22.94
N ASP A 58 29.16 22.39 -22.70
CA ASP A 58 28.78 23.40 -23.66
C ASP A 58 29.84 23.48 -24.75
N ARG A 59 29.47 23.04 -25.95
CA ARG A 59 30.37 22.91 -27.08
C ARG A 59 30.78 24.29 -27.66
N LEU A 60 30.00 25.32 -27.35
CA LEU A 60 30.31 26.68 -27.78
C LEU A 60 31.24 27.40 -26.80
N GLN A 61 31.22 27.00 -25.54
CA GLN A 61 32.08 27.61 -24.55
C GLN A 61 33.30 26.75 -24.25
N ASP A 62 33.30 25.53 -24.79
CA ASP A 62 34.33 24.51 -24.53
C ASP A 62 34.48 24.21 -23.04
N LYS A 63 33.35 24.07 -22.35
CA LYS A 63 33.31 24.09 -20.90
C LYS A 63 32.14 23.22 -20.42
N ILE A 64 32.34 22.53 -19.30
CA ILE A 64 31.22 21.93 -18.57
C ILE A 64 30.56 23.07 -17.78
N ILE A 65 29.24 23.17 -17.88
CA ILE A 65 28.48 24.19 -17.13
C ILE A 65 27.41 23.50 -16.27
N HIS A 66 27.04 24.14 -15.17
CA HIS A 66 26.03 23.65 -14.23
C HIS A 66 25.05 24.77 -13.96
N PHE A 67 23.76 24.49 -14.08
CA PHE A 67 22.75 25.50 -13.74
C PHE A 67 21.50 24.85 -13.17
N SER A 68 20.68 25.65 -12.48
CA SER A 68 19.42 25.15 -11.96
C SER A 68 18.31 25.32 -13.01
N ALA A 69 17.27 24.52 -12.90
CA ALA A 69 16.15 24.62 -13.81
C ALA A 69 14.92 24.08 -13.12
N ASN A 70 13.76 24.53 -13.57
CA ASN A 70 12.49 23.99 -13.10
C ASN A 70 12.14 22.73 -13.89
N ALA A 71 12.12 21.58 -13.20
CA ALA A 71 11.74 20.32 -13.84
C ALA A 71 10.34 20.33 -14.44
N CYS A 72 9.44 21.16 -13.90
CA CYS A 72 8.03 21.15 -14.30
C CYS A 72 7.82 21.76 -15.70
N LEU A 73 8.80 22.53 -16.15
CA LEU A 73 8.70 23.16 -17.48
C LEU A 73 9.75 22.69 -18.48
N ALA A 74 10.70 21.89 -18.01
CA ALA A 74 11.76 21.38 -18.89
C ALA A 74 11.24 20.19 -19.69
N PRO A 75 11.13 20.35 -21.01
CA PRO A 75 10.76 19.18 -21.80
C PRO A 75 11.95 18.22 -21.82
N ILE A 76 11.70 16.92 -21.61
CA ILE A 76 12.79 15.93 -21.71
C ILE A 76 13.50 16.00 -23.08
N CYS A 77 12.73 16.31 -24.13
CA CYS A 77 13.27 16.43 -25.49
C CYS A 77 14.29 17.57 -25.70
N THR A 78 14.45 18.46 -24.71
CA THR A 78 15.55 19.45 -24.74
C THR A 78 16.84 18.92 -24.11
N LEU A 79 16.78 17.74 -23.50
CA LEU A 79 17.82 17.24 -22.58
C LEU A 79 18.78 16.17 -23.18
N HIS A 80 18.68 15.93 -24.47
CA HIS A 80 19.60 14.99 -25.10
C HIS A 80 21.03 15.39 -24.75
N HIS A 81 21.81 14.45 -24.22
CA HIS A 81 23.18 14.69 -23.75
C HIS A 81 23.31 15.72 -22.62
N VAL A 82 22.27 15.82 -21.80
CA VAL A 82 22.33 16.67 -20.61
C VAL A 82 22.32 15.76 -19.39
N ALA A 83 23.03 16.15 -18.33
CA ALA A 83 23.01 15.44 -17.06
C ALA A 83 22.13 16.16 -16.01
N VAL A 84 21.23 15.38 -15.38
CA VAL A 84 20.30 15.87 -14.34
C VAL A 84 20.80 15.40 -12.97
N THR A 85 20.86 16.32 -12.02
CA THR A 85 21.13 15.96 -10.63
C THR A 85 19.89 16.37 -9.82
N THR A 86 19.29 15.41 -9.12
CA THR A 86 18.19 15.70 -8.22
C THR A 86 18.69 15.69 -6.79
N VAL A 87 17.78 15.96 -5.86
CA VAL A 87 18.11 15.89 -4.43
C VAL A 87 18.70 14.53 -4.01
N GLU A 88 18.21 13.44 -4.61
CA GLU A 88 18.73 12.12 -4.24
C GLU A 88 20.15 11.86 -4.77
N GLY A 89 20.61 12.73 -5.65
CA GLY A 89 21.91 12.62 -6.29
C GLY A 89 23.04 13.18 -5.44
N ILE A 90 22.71 13.97 -4.43
CA ILE A 90 23.77 14.66 -3.70
C ILE A 90 24.04 14.12 -2.31
N GLY A 91 23.15 13.29 -1.79
CA GLY A 91 23.31 12.77 -0.44
C GLY A 91 22.01 12.18 0.05
N SER A 92 22.10 11.33 1.06
CA SER A 92 20.89 10.78 1.70
C SER A 92 21.19 10.29 3.11
N THR A 93 20.14 10.04 3.88
CA THR A 93 20.32 9.63 5.26
C THR A 93 20.86 8.19 5.31
N LYS A 94 20.66 7.44 4.24
CA LYS A 94 21.16 6.07 4.16
C LYS A 94 22.65 6.01 3.83
N THR A 95 23.20 7.09 3.28
CA THR A 95 24.64 7.17 2.99
C THR A 95 25.27 8.26 3.84
N ARG A 96 25.34 9.47 3.31
CA ARG A 96 25.86 10.63 4.01
C ARG A 96 25.09 11.80 3.44
N LEU A 97 24.65 12.72 4.29
CA LEU A 97 24.00 13.95 3.81
C LEU A 97 25.05 14.89 3.21
N HIS A 98 24.67 15.60 2.16
CA HIS A 98 25.51 16.69 1.67
C HIS A 98 25.47 17.79 2.72
N PRO A 99 26.58 18.53 2.88
CA PRO A 99 26.59 19.68 3.80
C PRO A 99 25.37 20.62 3.65
N VAL A 100 24.91 20.83 2.41
CA VAL A 100 23.70 21.65 2.15
C VAL A 100 22.47 21.06 2.86
N GLN A 101 22.33 19.74 2.78
CA GLN A 101 21.22 19.01 3.41
C GLN A 101 21.35 19.04 4.92
N GLU A 102 22.55 18.77 5.41
CA GLU A 102 22.75 18.80 6.86
C GLU A 102 22.38 20.18 7.46
N ARG A 103 22.88 21.24 6.84
CA ARG A 103 22.72 22.58 7.44
C ARG A 103 21.29 23.08 7.41
N ILE A 104 20.54 22.81 6.34
CA ILE A 104 19.15 23.27 6.31
C ILE A 104 18.32 22.53 7.37
N ALA A 105 18.58 21.25 7.54
CA ALA A 105 17.87 20.46 8.55
C ALA A 105 18.24 20.92 9.95
N LYS A 106 19.53 21.04 10.23
CA LYS A 106 19.97 21.38 11.58
C LYS A 106 19.67 22.82 12.01
N SER A 107 19.53 23.70 11.02
CA SER A 107 19.24 25.11 11.29
C SER A 107 17.76 25.41 11.47
N HIS A 108 16.95 24.35 11.47
CA HIS A 108 15.48 24.46 11.57
C HIS A 108 14.94 25.18 10.34
N GLY A 109 15.60 24.92 9.21
CA GLY A 109 15.17 25.48 7.93
C GLY A 109 14.18 24.62 7.17
N SER A 110 13.72 23.52 7.77
CA SER A 110 12.71 22.64 7.14
C SER A 110 11.59 22.42 8.18
N GLN A 111 10.35 22.79 7.84
CA GLN A 111 9.18 22.53 8.67
C GLN A 111 8.35 21.45 8.01
N CYS A 112 7.42 21.81 7.11
CA CYS A 112 6.71 20.77 6.40
C CYS A 112 7.60 19.92 5.50
N GLY A 113 8.64 20.56 4.94
CA GLY A 113 9.68 19.84 4.22
C GLY A 113 9.47 19.80 2.71
N PHE A 114 8.30 20.28 2.25
CA PHE A 114 7.95 20.13 0.83
C PHE A 114 8.80 20.98 -0.12
N CYS A 115 9.24 22.15 0.34
CA CYS A 115 10.05 23.04 -0.49
C CYS A 115 11.54 22.73 -0.32
N THR A 116 11.86 21.91 0.66
CA THR A 116 13.28 21.68 1.01
C THR A 116 14.12 21.10 -0.11
N PRO A 117 13.64 20.06 -0.82
CA PRO A 117 14.50 19.63 -1.93
C PRO A 117 14.84 20.71 -2.97
N GLY A 118 13.84 21.52 -3.38
CA GLY A 118 14.06 22.61 -4.34
C GLY A 118 15.06 23.64 -3.82
N ILE A 119 14.98 23.96 -2.54
CA ILE A 119 15.90 24.93 -1.95
C ILE A 119 17.32 24.35 -1.85
N VAL A 120 17.41 23.09 -1.44
CA VAL A 120 18.68 22.36 -1.39
C VAL A 120 19.34 22.38 -2.79
N MET A 121 18.55 22.15 -3.84
CA MET A 121 19.17 22.10 -5.17
C MET A 121 19.59 23.49 -5.68
N SER A 122 18.84 24.54 -5.31
CA SER A 122 19.26 25.91 -5.63
C SER A 122 20.59 26.26 -4.94
N MET A 123 20.74 25.87 -3.68
CA MET A 123 21.96 26.13 -2.91
C MET A 123 23.12 25.28 -3.45
N TYR A 124 22.84 23.99 -3.63
CA TYR A 124 23.78 23.08 -4.27
C TYR A 124 24.31 23.65 -5.59
N THR A 125 23.42 24.09 -6.48
CA THR A 125 23.84 24.62 -7.75
C THR A 125 24.76 25.84 -7.59
N LEU A 126 24.44 26.73 -6.67
CA LEU A 126 25.31 27.87 -6.41
C LEU A 126 26.71 27.42 -6.04
N LEU A 127 26.82 26.51 -5.08
CA LEU A 127 28.12 26.04 -4.60
C LEU A 127 28.92 25.34 -5.69
N ARG A 128 28.23 24.68 -6.60
CA ARG A 128 28.88 24.04 -7.74
C ARG A 128 29.42 25.03 -8.77
N ASN A 129 28.85 26.22 -8.80
CA ASN A 129 29.33 27.30 -9.64
C ASN A 129 30.35 28.16 -8.93
N GLN A 130 30.11 28.38 -7.64
CA GLN A 130 30.91 29.27 -6.83
C GLN A 130 31.08 28.67 -5.45
N PRO A 131 32.21 27.99 -5.22
CA PRO A 131 32.48 27.29 -3.97
C PRO A 131 32.64 28.25 -2.79
N GLU A 132 32.89 29.52 -3.07
CA GLU A 132 33.04 30.52 -2.01
C GLU A 132 32.17 31.74 -2.34
N PRO A 133 30.83 31.57 -2.20
CA PRO A 133 29.93 32.66 -2.55
C PRO A 133 29.92 33.73 -1.48
N THR A 134 29.43 34.92 -1.85
CA THR A 134 29.22 35.95 -0.85
C THR A 134 27.82 35.75 -0.28
N VAL A 135 27.53 36.50 0.78
CA VAL A 135 26.23 36.49 1.42
C VAL A 135 25.14 36.92 0.44
N GLU A 136 25.45 37.87 -0.45
CA GLU A 136 24.46 38.39 -1.41
C GLU A 136 24.10 37.39 -2.48
N GLU A 137 25.13 36.69 -2.99
CA GLU A 137 24.92 35.64 -3.97
C GLU A 137 23.99 34.57 -3.40
N ILE A 138 24.19 34.26 -2.12
CA ILE A 138 23.35 33.26 -1.42
C ILE A 138 21.86 33.68 -1.43
N GLU A 139 21.54 34.90 -1.00
CA GLU A 139 20.12 35.32 -1.01
C GLU A 139 19.48 35.30 -2.41
N ASP A 140 20.23 35.74 -3.41
CA ASP A 140 19.72 35.81 -4.79
C ASP A 140 19.47 34.47 -5.45
N ALA A 141 20.13 33.46 -4.90
CA ALA A 141 20.01 32.08 -5.38
C ALA A 141 18.60 31.54 -5.24
N PHE A 142 17.79 32.17 -4.39
CA PHE A 142 16.46 31.64 -4.02
C PHE A 142 15.27 32.47 -4.49
N GLN A 143 15.47 33.38 -5.44
CA GLN A 143 14.37 34.18 -5.95
C GLN A 143 13.28 33.29 -6.52
N GLY A 144 13.64 32.09 -6.91
CA GLY A 144 12.67 31.17 -7.54
C GLY A 144 12.16 30.08 -6.62
N ASN A 145 12.48 30.17 -5.33
CA ASN A 145 12.00 29.14 -4.37
C ASN A 145 11.11 29.73 -3.29
N LEU A 146 9.90 29.17 -3.15
CA LEU A 146 8.91 29.65 -2.15
C LEU A 146 8.82 28.66 -1.00
N CYS A 147 8.73 29.21 0.22
CA CYS A 147 8.52 28.41 1.43
C CYS A 147 7.39 29.08 2.18
N ARG A 148 6.37 28.30 2.52
CA ARG A 148 5.17 28.82 3.20
C ARG A 148 5.24 28.69 4.72
N CYS A 149 6.15 27.84 5.22
CA CYS A 149 6.18 27.52 6.65
C CYS A 149 7.17 28.33 7.44
N THR A 150 8.35 28.58 6.90
CA THR A 150 9.45 28.94 7.81
C THR A 150 9.63 30.42 8.03
N GLY A 151 9.13 31.25 7.12
CA GLY A 151 9.50 32.67 7.16
C GLY A 151 10.94 32.93 6.74
N TYR A 152 11.61 31.92 6.16
CA TYR A 152 12.91 32.06 5.47
C TYR A 152 14.14 32.34 6.33
N ARG A 153 13.96 33.12 7.39
CA ARG A 153 15.08 33.47 8.31
C ARG A 153 16.04 32.28 8.59
N PRO A 154 15.52 31.12 9.05
CA PRO A 154 16.45 30.02 9.43
C PRO A 154 17.22 29.44 8.26
N ILE A 155 16.60 29.43 7.07
CA ILE A 155 17.24 28.86 5.90
C ILE A 155 18.44 29.71 5.50
N LEU A 156 18.24 31.02 5.52
CA LEU A 156 19.32 31.96 5.20
C LEU A 156 20.42 31.89 6.27
N GLN A 157 20.03 31.79 7.54
CA GLN A 157 21.03 31.73 8.60
C GLN A 157 21.93 30.49 8.47
N GLY A 158 21.31 29.33 8.26
CA GLY A 158 22.06 28.09 8.08
C GLY A 158 22.96 28.12 6.85
N PHE A 159 22.53 28.77 5.79
CA PHE A 159 23.31 28.80 4.55
C PHE A 159 24.39 29.89 4.56
N ARG A 160 24.17 30.96 5.31
CA ARG A 160 25.18 32.03 5.47
C ARG A 160 26.54 31.48 5.90
N THR A 161 26.54 30.28 6.51
CA THR A 161 27.78 29.64 6.95
C THR A 161 28.65 29.19 5.77
N PHE A 162 28.08 29.11 4.57
CA PHE A 162 28.87 28.82 3.37
C PHE A 162 29.59 30.05 2.77
N ALA A 163 29.34 31.22 3.34
CA ALA A 163 29.76 32.47 2.68
C ALA A 163 31.21 32.88 3.00
N LYS A 164 31.89 33.38 1.96
CA LYS A 164 33.06 34.31 2.03
C LYS A 164 33.96 34.14 0.81
N LEU B 1 19.98 28.15 19.05
CA LEU B 1 19.01 27.23 18.38
C LEU B 1 19.69 26.11 17.61
N PHE B 2 20.90 26.38 17.10
CA PHE B 2 21.78 25.38 16.49
C PHE B 2 23.26 25.77 16.63
N ASN B 3 24.16 24.80 16.42
CA ASN B 3 25.59 25.05 16.58
C ASN B 3 26.37 24.78 15.29
N PRO B 4 26.69 25.85 14.53
CA PRO B 4 27.41 25.69 13.24
C PRO B 4 28.83 25.11 13.34
N GLU B 5 29.45 25.21 14.52
CA GLU B 5 30.79 24.64 14.76
C GLU B 5 30.86 23.12 14.57
N GLU B 6 29.71 22.46 14.63
CA GLU B 6 29.59 20.99 14.56
C GLU B 6 29.26 20.51 13.14
N PHE B 7 28.87 21.42 12.25
CA PHE B 7 28.60 21.07 10.83
C PHE B 7 29.79 20.40 10.12
N MET B 8 29.48 19.46 9.23
CA MET B 8 30.44 18.86 8.30
C MET B 8 30.98 19.93 7.37
N PRO B 9 32.32 20.02 7.22
CA PRO B 9 32.87 20.99 6.28
C PRO B 9 32.58 20.59 4.83
N LEU B 10 32.47 21.58 3.96
CA LEU B 10 32.28 21.35 2.54
C LEU B 10 33.61 20.94 1.89
N ASP B 11 33.57 19.95 1.00
CA ASP B 11 34.76 19.47 0.30
C ASP B 11 34.51 19.51 -1.21
N PRO B 12 34.75 20.66 -1.85
CA PRO B 12 34.44 20.91 -3.27
C PRO B 12 34.98 19.87 -4.25
N THR B 13 36.02 19.14 -3.88
CA THR B 13 36.58 18.10 -4.76
C THR B 13 35.82 16.76 -4.69
N GLN B 14 34.95 16.61 -3.68
CA GLN B 14 34.24 15.35 -3.43
C GLN B 14 32.81 15.31 -3.99
N GLU B 15 32.51 16.23 -4.90
CA GLU B 15 31.19 16.31 -5.51
C GLU B 15 30.99 15.22 -6.58
N PRO B 16 29.74 14.75 -6.77
CA PRO B 16 29.42 13.88 -7.91
C PRO B 16 30.13 14.30 -9.18
N ILE B 17 30.80 13.34 -9.82
CA ILE B 17 31.52 13.59 -11.05
C ILE B 17 30.51 13.85 -12.20
N PHE B 18 30.89 14.71 -13.16
CA PHE B 18 30.13 14.86 -14.42
C PHE B 18 30.28 13.54 -15.17
N PRO B 19 29.16 12.92 -15.60
CA PRO B 19 29.23 11.55 -16.15
C PRO B 19 30.27 11.40 -17.28
N PRO B 20 31.34 10.62 -17.03
CA PRO B 20 32.39 10.43 -18.04
C PRO B 20 31.87 9.91 -19.37
N GLU B 21 30.83 9.08 -19.33
CA GLU B 21 30.23 8.54 -20.54
C GLU B 21 29.68 9.67 -21.38
N LEU B 22 29.00 10.61 -20.70
CA LEU B 22 28.46 11.79 -21.34
C LEU B 22 29.55 12.65 -21.94
N LEU B 23 30.68 12.74 -21.25
CA LEU B 23 31.81 13.53 -21.71
C LEU B 23 32.37 12.95 -23.00
N ARG B 24 32.43 11.62 -23.09
CA ARG B 24 32.89 10.93 -24.30
C ARG B 24 31.97 11.19 -25.49
N LEU B 25 30.67 11.29 -25.21
CA LEU B 25 29.66 11.53 -26.24
C LEU B 25 29.71 12.93 -26.84
N LYS B 26 30.44 13.84 -26.21
CA LYS B 26 30.48 15.23 -26.68
C LYS B 26 31.24 15.37 -28.01
N ASP B 27 32.11 14.40 -28.29
CA ASP B 27 32.88 14.36 -29.53
C ASP B 27 31.96 14.11 -30.74
N VAL B 28 30.92 13.32 -30.53
CA VAL B 28 29.94 12.99 -31.57
C VAL B 28 29.33 14.24 -32.21
N PRO B 29 29.39 14.34 -33.55
CA PRO B 29 28.85 15.53 -34.24
C PRO B 29 27.33 15.62 -34.10
N PRO B 30 26.82 16.81 -33.74
CA PRO B 30 25.38 17.00 -33.62
C PRO B 30 24.66 16.71 -34.94
N LYS B 31 23.49 16.09 -34.85
CA LYS B 31 22.66 15.88 -36.01
C LYS B 31 21.21 16.05 -35.62
N GLN B 32 20.38 16.38 -36.60
CA GLN B 32 18.95 16.54 -36.40
C GLN B 32 18.33 15.29 -35.76
N LEU B 33 17.46 15.51 -34.77
CA LEU B 33 16.75 14.42 -34.12
C LEU B 33 15.26 14.62 -34.22
N ARG B 34 14.53 13.51 -34.27
CA ARG B 34 13.08 13.52 -34.43
C ARG B 34 12.47 12.70 -33.32
N PHE B 35 11.58 13.32 -32.55
CA PHE B 35 10.82 12.62 -31.53
C PHE B 35 9.34 12.67 -31.87
N GLU B 36 8.65 11.55 -31.66
CA GLU B 36 7.25 11.46 -32.04
C GLU B 36 6.42 11.07 -30.83
N GLY B 37 5.40 11.88 -30.53
CA GLY B 37 4.51 11.62 -29.39
C GLY B 37 3.08 11.32 -29.82
N GLU B 38 2.19 11.20 -28.83
CA GLU B 38 0.76 10.99 -29.12
C GLU B 38 0.18 12.05 -30.02
N ARG B 39 0.68 13.27 -29.87
CA ARG B 39 0.09 14.43 -30.51
C ARG B 39 1.11 15.36 -31.17
N VAL B 40 2.39 15.19 -30.85
CA VAL B 40 3.40 16.17 -31.23
C VAL B 40 4.61 15.49 -31.82
N THR B 41 5.10 16.04 -32.93
CA THR B 41 6.41 15.65 -33.47
C THR B 41 7.38 16.78 -33.15
N TRP B 42 8.56 16.40 -32.64
CA TRP B 42 9.57 17.37 -32.21
C TRP B 42 10.83 17.10 -32.97
N ILE B 43 11.35 18.15 -33.63
CA ILE B 43 12.60 18.06 -34.37
C ILE B 43 13.63 18.95 -33.72
N GLN B 44 14.73 18.36 -33.31
CA GLN B 44 15.84 19.10 -32.75
C GLN B 44 16.81 19.47 -33.86
N ALA B 45 16.82 20.74 -34.26
CA ALA B 45 17.64 21.21 -35.38
C ALA B 45 19.07 21.42 -34.94
N SER B 46 20.02 20.86 -35.70
CA SER B 46 21.45 20.97 -35.37
C SER B 46 22.11 22.15 -36.07
N THR B 47 21.53 22.59 -37.19
CA THR B 47 22.09 23.68 -37.98
C THR B 47 21.05 24.74 -38.32
N LEU B 48 21.50 25.99 -38.42
CA LEU B 48 20.66 27.08 -38.89
C LEU B 48 20.00 26.71 -40.23
N LYS B 49 20.79 26.13 -41.13
CA LYS B 49 20.28 25.72 -42.42
C LYS B 49 19.09 24.79 -42.28
N GLU B 50 19.22 23.80 -41.40
CA GLU B 50 18.17 22.82 -41.14
C GLU B 50 16.91 23.51 -40.63
N LEU B 51 17.10 24.45 -39.70
CA LEU B 51 16.01 25.26 -39.14
C LEU B 51 15.22 26.02 -40.21
N LEU B 52 15.94 26.64 -41.16
CA LEU B 52 15.28 27.48 -42.16
C LEU B 52 14.51 26.63 -43.17
N ASP B 53 15.08 25.48 -43.52
CA ASP B 53 14.43 24.50 -44.38
C ASP B 53 13.19 23.90 -43.74
N LEU B 54 13.32 23.50 -42.48
CA LEU B 54 12.20 22.92 -41.73
C LEU B 54 11.05 23.92 -41.65
N LYS B 55 11.39 25.19 -41.43
CA LYS B 55 10.41 26.24 -41.32
C LYS B 55 9.78 26.58 -42.66
N ALA B 56 10.57 26.51 -43.72
CA ALA B 56 10.02 26.68 -45.06
C ALA B 56 9.08 25.53 -45.39
N GLN B 57 9.48 24.32 -45.01
CA GLN B 57 8.68 23.12 -45.24
C GLN B 57 7.43 23.08 -44.37
N HIS B 58 7.55 23.61 -43.14
CA HIS B 58 6.47 23.58 -42.16
C HIS B 58 6.36 24.93 -41.46
N PRO B 59 5.74 25.93 -42.11
CA PRO B 59 5.72 27.30 -41.57
C PRO B 59 4.94 27.43 -40.26
N GLU B 60 4.02 26.50 -40.02
CA GLU B 60 3.22 26.50 -38.79
C GLU B 60 3.94 25.85 -37.61
N ALA B 61 5.08 25.18 -37.87
CA ALA B 61 5.86 24.53 -36.81
C ALA B 61 6.25 25.55 -35.76
N LYS B 62 6.04 25.19 -34.49
CA LYS B 62 6.31 26.07 -33.36
C LYS B 62 7.73 25.93 -32.84
N LEU B 63 8.45 27.04 -32.70
CA LEU B 63 9.80 26.99 -32.11
C LEU B 63 9.68 26.87 -30.61
N VAL B 64 10.56 26.09 -29.99
CA VAL B 64 10.67 26.05 -28.54
C VAL B 64 12.13 26.05 -28.15
N VAL B 65 12.49 26.93 -27.22
CA VAL B 65 13.83 26.92 -26.67
C VAL B 65 13.75 26.53 -25.20
N GLY B 66 13.41 27.49 -24.35
CA GLY B 66 13.25 27.26 -22.92
C GLY B 66 11.93 26.63 -22.51
N ASN B 67 10.92 26.73 -23.37
CA ASN B 67 9.57 26.23 -23.06
C ASN B 67 8.87 26.93 -21.88
N THR B 68 9.43 28.04 -21.40
CA THR B 68 8.83 28.73 -20.23
C THR B 68 7.52 29.45 -20.59
N GLU B 69 7.27 29.58 -21.89
CA GLU B 69 6.02 30.17 -22.35
C GLU B 69 5.17 29.13 -23.04
N ILE B 70 5.77 28.32 -23.92
CA ILE B 70 5.04 27.26 -24.60
C ILE B 70 4.47 26.19 -23.65
N GLY B 71 5.21 25.87 -22.59
CA GLY B 71 4.73 24.95 -21.56
C GLY B 71 3.48 25.43 -20.84
N ILE B 72 3.40 26.74 -20.61
CA ILE B 72 2.24 27.37 -20.01
C ILE B 72 1.08 27.37 -21.00
N GLU B 73 1.37 27.74 -22.24
CA GLU B 73 0.35 27.75 -23.29
C GLU B 73 -0.28 26.38 -23.49
N MET B 74 0.55 25.34 -23.53
CA MET B 74 0.03 24.00 -23.70
C MET B 74 -0.78 23.56 -22.47
N LYS B 75 -0.20 23.72 -21.28
CA LYS B 75 -0.83 23.24 -20.04
C LYS B 75 -2.08 24.00 -19.62
N PHE B 76 -2.02 25.32 -19.68
CA PHE B 76 -3.04 26.19 -19.10
C PHE B 76 -3.96 26.91 -20.10
N LYS B 77 -3.48 27.15 -21.30
CA LYS B 77 -4.28 27.83 -22.31
C LYS B 77 -4.79 26.87 -23.36
N ASN B 78 -4.63 25.57 -23.07
CA ASN B 78 -5.16 24.47 -23.90
C ASN B 78 -4.56 24.34 -25.32
N GLN B 79 -3.60 25.21 -25.66
CA GLN B 79 -2.97 25.24 -26.98
C GLN B 79 -2.27 23.94 -27.35
N LEU B 80 -2.37 23.55 -28.62
CA LEU B 80 -1.66 22.37 -29.09
C LEU B 80 -0.94 22.67 -30.39
N PHE B 81 0.37 22.44 -30.38
CA PHE B 81 1.21 22.68 -31.54
C PHE B 81 1.75 21.33 -32.02
N PRO B 82 1.12 20.77 -33.07
CA PRO B 82 1.42 19.41 -33.55
C PRO B 82 2.85 19.22 -34.05
N MET B 83 3.50 20.30 -34.49
CA MET B 83 4.93 20.24 -34.80
C MET B 83 5.72 21.33 -34.08
N ILE B 84 6.76 20.88 -33.38
CA ILE B 84 7.68 21.76 -32.67
C ILE B 84 9.10 21.57 -33.21
N ILE B 85 9.80 22.69 -33.39
CA ILE B 85 11.22 22.68 -33.70
C ILE B 85 11.98 23.33 -32.57
N CYS B 86 13.02 22.65 -32.09
CA CYS B 86 13.87 23.20 -31.07
C CYS B 86 15.23 23.58 -31.67
N PRO B 87 15.50 24.89 -31.78
CA PRO B 87 16.74 25.37 -32.39
C PRO B 87 17.88 25.62 -31.40
N ALA B 88 17.75 25.14 -30.16
CA ALA B 88 18.67 25.53 -29.08
C ALA B 88 20.14 25.17 -29.35
N TRP B 89 20.36 24.16 -30.18
CA TRP B 89 21.69 23.65 -30.47
C TRP B 89 22.47 24.49 -31.47
N ILE B 90 21.75 25.34 -32.20
CA ILE B 90 22.32 26.08 -33.34
C ILE B 90 23.30 27.16 -32.85
N PRO B 91 24.57 27.10 -33.30
CA PRO B 91 25.56 28.05 -32.78
C PRO B 91 25.18 29.53 -33.02
N GLU B 92 24.56 29.82 -34.16
CA GLU B 92 24.24 31.20 -34.52
C GLU B 92 23.25 31.83 -33.53
N LEU B 93 22.37 30.99 -32.98
CA LEU B 93 21.33 31.43 -32.06
C LEU B 93 21.85 31.51 -30.63
N ASN B 94 23.12 31.18 -30.44
CA ASN B 94 23.75 31.23 -29.11
C ASN B 94 24.95 32.17 -29.04
N ALA B 95 25.27 32.82 -30.15
CA ALA B 95 26.49 33.61 -30.25
C ALA B 95 26.38 34.97 -29.52
N VAL B 96 27.41 35.30 -28.75
CA VAL B 96 27.53 36.59 -28.10
C VAL B 96 28.64 37.42 -28.79
N GLU B 97 28.24 38.44 -29.55
CA GLU B 97 29.15 39.16 -30.46
C GLU B 97 29.24 40.65 -30.11
N HIS B 98 30.47 41.10 -29.87
CA HIS B 98 30.75 42.50 -29.58
C HIS B 98 31.04 43.26 -30.87
N GLY B 99 30.24 44.28 -31.16
CA GLY B 99 30.39 45.05 -32.39
C GLY B 99 30.61 46.53 -32.16
N PRO B 100 30.68 47.32 -33.25
CA PRO B 100 30.88 48.78 -33.10
C PRO B 100 29.72 49.48 -32.37
N GLU B 101 28.49 49.04 -32.66
CA GLU B 101 27.27 49.74 -32.21
C GLU B 101 26.64 49.18 -30.93
N GLY B 102 26.92 47.92 -30.61
CA GLY B 102 26.36 47.29 -29.42
C GLY B 102 26.77 45.84 -29.23
N ILE B 103 26.08 45.14 -28.33
CA ILE B 103 26.36 43.73 -28.07
C ILE B 103 25.21 42.92 -28.63
N SER B 104 25.56 41.94 -29.45
CA SER B 104 24.58 41.08 -30.10
C SER B 104 24.51 39.76 -29.34
N PHE B 105 23.29 39.29 -29.15
CA PHE B 105 23.00 38.04 -28.49
C PHE B 105 22.15 37.24 -29.45
N GLY B 106 22.52 35.98 -29.64
CA GLY B 106 21.68 35.05 -30.38
C GLY B 106 20.37 34.88 -29.63
N ALA B 107 19.31 34.57 -30.36
CA ALA B 107 17.97 34.59 -29.83
C ALA B 107 17.72 33.50 -28.80
N ALA B 108 18.52 32.42 -28.83
CA ALA B 108 18.35 31.32 -27.87
C ALA B 108 19.16 31.55 -26.60
N CYS B 109 19.97 32.59 -26.56
CA CYS B 109 20.72 32.95 -25.37
C CYS B 109 19.77 33.12 -24.18
N ALA B 110 20.10 32.39 -23.11
CA ALA B 110 19.36 32.45 -21.85
C ALA B 110 19.54 33.80 -21.18
N LEU B 111 18.53 34.22 -20.42
CA LEU B 111 18.52 35.54 -19.83
C LEU B 111 19.67 35.64 -18.82
N SER B 112 20.09 34.51 -18.25
CA SER B 112 21.25 34.48 -17.34
C SER B 112 22.55 34.84 -18.07
N SER B 113 22.66 34.43 -19.33
CA SER B 113 23.86 34.70 -20.14
C SER B 113 23.88 36.18 -20.49
N VAL B 114 22.70 36.70 -20.84
CA VAL B 114 22.55 38.12 -21.13
C VAL B 114 22.96 38.95 -19.93
N GLU B 115 22.46 38.56 -18.76
CA GLU B 115 22.71 39.28 -17.53
C GLU B 115 24.19 39.25 -17.18
N LYS B 116 24.81 38.07 -17.28
CA LYS B 116 26.25 37.95 -17.04
C LYS B 116 27.05 38.88 -17.97
N THR B 117 26.77 38.79 -19.27
CA THR B 117 27.47 39.54 -20.30
C THR B 117 27.34 41.05 -20.04
N LEU B 118 26.11 41.50 -19.82
CA LEU B 118 25.84 42.92 -19.57
C LEU B 118 26.48 43.40 -18.28
N LEU B 119 26.49 42.57 -17.24
CA LEU B 119 27.10 42.94 -15.96
C LEU B 119 28.60 43.14 -16.12
N GLU B 120 29.20 42.31 -16.96
CA GLU B 120 30.61 42.46 -17.32
C GLU B 120 30.86 43.72 -18.15
N ALA B 121 30.03 43.95 -19.16
CA ALA B 121 30.10 45.17 -19.96
C ALA B 121 30.02 46.42 -19.06
N VAL B 122 29.06 46.46 -18.14
CA VAL B 122 28.86 47.59 -17.23
C VAL B 122 30.05 47.81 -16.27
N ALA B 123 30.67 46.73 -15.82
CA ALA B 123 31.85 46.87 -14.93
C ALA B 123 33.09 47.42 -15.64
N LYS B 124 33.19 47.18 -16.95
CA LYS B 124 34.40 47.47 -17.73
C LYS B 124 34.32 48.81 -18.47
N LEU B 125 33.15 49.11 -19.01
CA LEU B 125 32.99 50.23 -19.92
C LEU B 125 32.59 51.53 -19.20
N PRO B 126 32.82 52.68 -19.85
CA PRO B 126 32.40 53.95 -19.28
C PRO B 126 30.90 53.98 -19.06
N THR B 127 30.48 54.51 -17.91
CA THR B 127 29.06 54.74 -17.60
C THR B 127 28.29 55.27 -18.83
N GLN B 128 28.88 56.21 -19.56
CA GLN B 128 28.19 56.87 -20.66
C GLN B 128 27.84 55.95 -21.85
N LYS B 129 28.51 54.81 -21.95
CA LYS B 129 28.22 53.86 -23.05
C LYS B 129 27.23 52.74 -22.65
N THR B 130 26.98 52.60 -21.35
CA THR B 130 26.23 51.45 -20.83
C THR B 130 24.85 51.78 -20.25
N GLU B 131 24.28 52.91 -20.68
CA GLU B 131 22.96 53.33 -20.19
C GLU B 131 21.85 52.32 -20.52
N VAL B 132 21.82 51.82 -21.76
CA VAL B 132 20.79 50.86 -22.16
C VAL B 132 21.04 49.51 -21.45
N PHE B 133 22.30 49.09 -21.40
CA PHE B 133 22.67 47.86 -20.69
C PHE B 133 22.14 47.86 -19.26
N ARG B 134 22.28 48.99 -18.56
CA ARG B 134 21.84 49.10 -17.17
C ARG B 134 20.31 49.10 -17.07
N GLY B 135 19.65 49.71 -18.05
CA GLY B 135 18.20 49.60 -18.18
C GLY B 135 17.79 48.13 -18.25
N VAL B 136 18.47 47.36 -19.11
CA VAL B 136 18.15 45.93 -19.26
C VAL B 136 18.34 45.20 -17.92
N LEU B 137 19.47 45.46 -17.27
CA LEU B 137 19.80 44.84 -15.98
C LEU B 137 18.82 45.16 -14.87
N GLU B 138 18.32 46.39 -14.83
CA GLU B 138 17.32 46.78 -13.86
C GLU B 138 16.05 45.97 -14.04
N GLN B 139 15.68 45.69 -15.30
CA GLN B 139 14.47 44.93 -15.60
C GLN B 139 14.66 43.47 -15.25
N LEU B 140 15.92 43.01 -15.33
CA LEU B 140 16.24 41.63 -14.99
C LEU B 140 16.46 41.39 -13.48
N ARG B 141 16.46 42.46 -12.70
CA ARG B 141 16.82 42.38 -11.28
C ARG B 141 15.94 41.43 -10.46
N TRP B 142 14.65 41.77 -10.37
CA TRP B 142 13.67 40.99 -9.61
C TRP B 142 12.65 40.47 -10.62
N PHE B 143 13.14 39.54 -11.43
CA PHE B 143 12.49 39.02 -12.62
C PHE B 143 12.59 37.51 -12.41
N ALA B 144 11.49 36.84 -12.11
CA ALA B 144 11.57 35.36 -11.94
C ALA B 144 12.60 34.90 -10.87
N GLY B 145 13.21 33.71 -11.09
CA GLY B 145 14.29 33.14 -10.26
C GLY B 145 15.45 32.64 -11.14
N LYS B 146 16.54 32.17 -10.53
CA LYS B 146 17.69 31.65 -11.29
C LYS B 146 17.30 30.52 -12.24
N GLN B 147 16.37 29.68 -11.79
CA GLN B 147 15.86 28.53 -12.55
C GLN B 147 15.27 28.96 -13.87
N VAL B 148 14.44 29.99 -13.84
CA VAL B 148 13.78 30.45 -15.07
C VAL B 148 14.80 31.15 -15.96
N LYS B 149 15.64 31.96 -15.32
CA LYS B 149 16.57 32.79 -16.09
C LYS B 149 17.63 31.94 -16.81
N SER B 150 17.95 30.77 -16.25
CA SER B 150 18.95 29.90 -16.86
C SER B 150 18.44 29.22 -18.12
N VAL B 151 17.13 29.16 -18.32
CA VAL B 151 16.59 28.52 -19.52
C VAL B 151 15.73 29.40 -20.41
N ALA B 152 15.15 30.45 -19.86
CA ALA B 152 14.36 31.39 -20.67
C ALA B 152 15.27 32.14 -21.65
N SER B 153 14.92 32.10 -22.94
CA SER B 153 15.74 32.76 -23.95
C SER B 153 15.32 34.21 -24.17
N LEU B 154 16.28 35.00 -24.62
CA LEU B 154 16.04 36.40 -24.93
C LEU B 154 15.01 36.55 -26.04
N GLY B 155 15.16 35.79 -27.12
CA GLY B 155 14.22 35.82 -28.25
C GLY B 155 12.83 35.32 -27.89
N GLY B 156 12.77 34.29 -27.05
CA GLY B 156 11.49 33.80 -26.54
C GLY B 156 10.65 34.89 -25.88
N ASN B 157 11.26 35.69 -25.00
CA ASN B 157 10.55 36.83 -24.36
C ASN B 157 10.06 37.86 -25.39
N ILE B 158 10.93 38.22 -26.34
CA ILE B 158 10.59 39.18 -27.37
C ILE B 158 9.44 38.72 -28.24
N ILE B 159 9.53 37.51 -28.80
CA ILE B 159 8.49 37.01 -29.71
C ILE B 159 7.19 36.59 -28.98
N THR B 160 7.29 36.21 -27.71
CA THR B 160 6.10 35.94 -26.91
C THR B 160 5.19 37.16 -26.97
N ALA B 161 5.80 38.35 -26.87
CA ALA B 161 5.12 39.64 -27.04
C ALA B 161 3.98 39.83 -26.05
N SER B 162 4.26 39.52 -24.78
CA SER B 162 3.26 39.75 -23.74
C SER B 162 3.09 41.26 -23.58
N PRO B 163 1.83 41.72 -23.36
CA PRO B 163 1.71 43.16 -23.12
C PRO B 163 2.55 43.60 -21.91
N ILE B 164 2.85 42.66 -21.02
CA ILE B 164 3.61 43.00 -19.81
C ILE B 164 5.06 42.52 -19.81
N SER B 165 5.59 42.19 -20.99
CA SER B 165 7.04 41.92 -21.09
C SER B 165 7.85 43.09 -20.53
N ASP B 166 8.79 42.81 -19.62
CA ASP B 166 9.61 43.85 -19.02
C ASP B 166 10.79 44.22 -19.93
N LEU B 167 11.04 43.41 -20.95
CA LEU B 167 12.18 43.65 -21.83
C LEU B 167 11.81 44.40 -23.10
N ASN B 168 10.67 44.06 -23.70
CA ASN B 168 10.25 44.72 -24.93
C ASN B 168 10.17 46.27 -24.86
N PRO B 169 9.64 46.85 -23.76
CA PRO B 169 9.69 48.31 -23.61
C PRO B 169 11.10 48.93 -23.65
N VAL B 170 12.08 48.24 -23.07
CA VAL B 170 13.49 48.69 -23.11
C VAL B 170 14.07 48.58 -24.53
N PHE B 171 13.79 47.47 -25.20
CA PHE B 171 14.24 47.24 -26.58
C PHE B 171 13.59 48.21 -27.58
N MET B 172 12.30 48.48 -27.39
CA MET B 172 11.65 49.49 -28.22
C MET B 172 12.24 50.88 -27.98
N ALA B 173 12.35 51.30 -26.72
CA ALA B 173 12.84 52.66 -26.40
C ALA B 173 14.24 52.91 -26.89
N SER B 174 15.05 51.84 -26.99
CA SER B 174 16.44 51.95 -27.40
C SER B 174 16.66 51.63 -28.87
N GLY B 175 15.58 51.30 -29.59
CA GLY B 175 15.70 50.89 -30.98
C GLY B 175 16.69 49.75 -31.14
N THR B 176 16.63 48.78 -30.23
CA THR B 176 17.42 47.55 -30.30
C THR B 176 17.19 46.85 -31.63
N LYS B 177 18.27 46.44 -32.30
CA LYS B 177 18.17 45.86 -33.65
C LYS B 177 17.92 44.34 -33.65
N LEU B 178 16.94 43.93 -34.45
CA LEU B 178 16.53 42.54 -34.55
C LEU B 178 16.86 41.98 -35.93
N THR B 179 17.71 40.95 -35.98
CA THR B 179 18.03 40.31 -37.24
C THR B 179 17.12 39.10 -37.42
N ILE B 180 16.36 39.13 -38.52
CA ILE B 180 15.29 38.18 -38.72
C ILE B 180 15.51 37.48 -40.06
N VAL B 181 15.36 36.16 -40.09
CA VAL B 181 15.71 35.32 -41.25
C VAL B 181 14.63 34.28 -41.60
N SER B 182 14.51 33.96 -42.89
CA SER B 182 13.92 32.69 -43.35
C SER B 182 14.79 32.11 -44.47
N ARG B 183 14.38 31.00 -45.07
CA ARG B 183 15.09 30.45 -46.23
C ARG B 183 15.08 31.53 -47.31
N GLY B 184 16.25 32.10 -47.57
CA GLY B 184 16.40 33.17 -48.55
C GLY B 184 16.53 34.53 -47.91
N THR B 185 15.53 34.89 -47.10
CA THR B 185 15.43 36.24 -46.54
C THR B 185 16.37 36.47 -45.37
N ARG B 186 16.89 37.69 -45.31
CA ARG B 186 17.62 38.19 -44.15
C ARG B 186 17.38 39.69 -44.07
N ARG B 187 16.92 40.16 -42.91
CA ARG B 187 16.68 41.58 -42.69
C ARG B 187 16.93 41.96 -41.23
N THR B 188 17.47 43.16 -41.02
CA THR B 188 17.65 43.72 -39.68
C THR B 188 16.75 44.96 -39.53
N VAL B 189 16.05 45.04 -38.40
CA VAL B 189 15.19 46.18 -38.11
C VAL B 189 15.39 46.67 -36.69
N PRO B 190 15.41 48.00 -36.47
CA PRO B 190 15.36 48.42 -35.07
C PRO B 190 13.94 48.21 -34.57
N MET B 191 13.81 47.81 -33.31
CA MET B 191 12.48 47.60 -32.76
C MET B 191 11.84 48.97 -32.57
N ASP B 192 10.63 49.12 -33.07
CA ASP B 192 9.89 50.37 -32.88
C ASP B 192 8.44 50.03 -32.66
N HIS B 193 7.58 51.05 -32.61
CA HIS B 193 6.18 50.83 -32.27
C HIS B 193 5.50 49.80 -33.18
N THR B 194 5.91 49.75 -34.45
CA THR B 194 5.25 48.90 -35.45
C THR B 194 5.56 47.40 -35.30
N PHE B 195 6.57 47.04 -34.51
CA PHE B 195 6.97 45.63 -34.38
C PHE B 195 5.90 44.75 -33.73
N PHE B 196 5.01 45.36 -32.95
CA PHE B 196 3.93 44.65 -32.27
C PHE B 196 2.59 45.21 -32.78
N PRO B 197 2.05 44.60 -33.84
CA PRO B 197 0.80 45.08 -34.48
C PRO B 197 -0.46 44.80 -33.66
N SER B 198 -0.51 43.66 -32.98
CA SER B 198 -1.68 43.30 -32.17
C SER B 198 -1.28 42.33 -31.06
N TYR B 199 -2.27 42.01 -30.22
CA TYR B 199 -2.09 41.15 -29.06
C TYR B 199 -1.30 39.88 -29.38
N ARG B 200 -0.19 39.69 -28.65
CA ARG B 200 0.68 38.51 -28.76
C ARG B 200 1.25 38.28 -30.17
N LYS B 201 1.27 39.33 -30.99
CA LYS B 201 1.73 39.22 -32.36
C LYS B 201 2.94 40.12 -32.62
N THR B 202 3.81 39.67 -33.51
CA THR B 202 4.96 40.47 -33.93
C THR B 202 4.97 40.61 -35.44
N LEU B 203 5.79 41.53 -35.92
CA LEU B 203 5.92 41.78 -37.34
C LEU B 203 6.94 40.81 -37.96
N LEU B 204 6.63 39.52 -37.92
CA LEU B 204 7.42 38.48 -38.58
C LEU B 204 6.52 37.71 -39.54
N GLY B 205 7.11 37.15 -40.59
CA GLY B 205 6.39 36.23 -41.49
C GLY B 205 6.24 34.87 -40.84
N PRO B 206 5.28 34.04 -41.33
CA PRO B 206 5.03 32.71 -40.76
C PRO B 206 6.26 31.79 -40.73
N GLU B 207 7.20 32.03 -41.64
CA GLU B 207 8.42 31.20 -41.74
C GLU B 207 9.59 31.78 -40.97
N GLU B 208 9.56 33.10 -40.77
CA GLU B 208 10.70 33.83 -40.22
C GLU B 208 11.03 33.44 -38.78
N ILE B 209 12.32 33.47 -38.45
CA ILE B 209 12.77 33.23 -37.09
C ILE B 209 13.68 34.37 -36.65
N LEU B 210 13.61 34.74 -35.37
CA LEU B 210 14.48 35.77 -34.85
C LEU B 210 15.85 35.18 -34.58
N LEU B 211 16.87 35.68 -35.27
CA LEU B 211 18.23 35.12 -35.19
C LEU B 211 19.05 35.75 -34.07
N SER B 212 19.15 37.06 -34.08
CA SER B 212 19.95 37.76 -33.08
C SER B 212 19.36 39.12 -32.78
N ILE B 213 19.79 39.65 -31.64
CA ILE B 213 19.30 40.90 -31.04
C ILE B 213 20.52 41.71 -30.61
N GLU B 214 20.64 42.92 -31.14
CA GLU B 214 21.76 43.79 -30.76
C GLU B 214 21.32 44.94 -29.89
N ILE B 215 21.82 44.94 -28.65
CA ILE B 215 21.50 45.96 -27.67
C ILE B 215 22.56 47.04 -27.78
N PRO B 216 22.15 48.29 -28.09
CA PRO B 216 23.09 49.37 -28.46
C PRO B 216 23.87 49.90 -27.27
N TYR B 217 25.11 50.31 -27.51
CA TYR B 217 25.79 51.22 -26.59
C TYR B 217 25.02 52.53 -26.59
N SER B 218 25.04 53.22 -25.47
CA SER B 218 24.50 54.58 -25.43
C SER B 218 25.56 55.51 -26.00
N ARG B 219 25.14 56.69 -26.44
CA ARG B 219 26.07 57.65 -27.04
C ARG B 219 26.28 58.80 -26.08
N GLU B 220 27.17 59.72 -26.42
CA GLU B 220 27.28 60.98 -25.67
C GLU B 220 25.92 61.67 -25.62
N ASP B 221 25.65 62.33 -24.50
CA ASP B 221 24.40 63.07 -24.30
C ASP B 221 23.12 62.21 -24.35
N GLU B 222 23.29 60.89 -24.17
CA GLU B 222 22.16 59.95 -24.25
C GLU B 222 21.98 59.26 -22.90
N PHE B 223 20.74 59.23 -22.40
CA PHE B 223 20.43 58.69 -21.08
C PHE B 223 19.23 57.75 -21.13
N PHE B 224 19.22 56.77 -20.23
CA PHE B 224 18.22 55.71 -20.26
C PHE B 224 17.81 55.33 -18.86
N SER B 225 16.52 55.12 -18.67
CA SER B 225 15.99 54.47 -17.46
C SER B 225 14.98 53.40 -17.84
N ALA B 226 14.76 52.45 -16.93
CA ALA B 226 13.69 51.47 -17.04
C ALA B 226 13.07 51.31 -15.66
N PHE B 227 11.75 51.16 -15.61
CA PHE B 227 11.05 50.96 -14.34
C PHE B 227 9.98 49.90 -14.49
N LYS B 228 9.56 49.31 -13.37
CA LYS B 228 8.45 48.38 -13.41
C LYS B 228 7.65 48.39 -12.13
N GLN B 229 6.34 48.19 -12.29
CA GLN B 229 5.38 47.98 -11.22
C GLN B 229 5.75 46.76 -10.39
N ALA B 230 5.63 46.87 -9.06
CA ALA B 230 5.97 45.78 -8.16
C ALA B 230 4.74 45.03 -7.63
N SER B 231 3.85 44.69 -8.56
CA SER B 231 2.69 43.84 -8.29
C SER B 231 2.21 43.32 -9.65
N ARG B 232 1.74 42.08 -9.69
CA ARG B 232 1.12 41.57 -10.90
C ARG B 232 -0.09 40.79 -10.43
N ARG B 233 -1.24 41.08 -11.04
CA ARG B 233 -2.52 40.54 -10.56
C ARG B 233 -3.29 39.77 -11.64
N GLU B 234 -2.87 39.93 -12.89
CA GLU B 234 -3.47 39.18 -13.99
C GLU B 234 -2.39 38.60 -14.90
N ASP B 235 -2.75 37.54 -15.59
CA ASP B 235 -1.76 36.70 -16.28
C ASP B 235 -0.79 37.48 -17.18
N ASP B 236 -1.30 38.31 -18.07
CA ASP B 236 -0.40 39.05 -18.97
C ASP B 236 -0.86 40.46 -19.33
N ILE B 237 -1.61 41.10 -18.43
CA ILE B 237 -2.02 42.48 -18.62
C ILE B 237 -1.88 43.32 -17.35
N ALA B 238 -1.83 44.64 -17.54
CA ALA B 238 -2.01 45.62 -16.47
C ALA B 238 -0.91 45.64 -15.41
N LYS B 239 0.32 45.42 -15.86
CA LYS B 239 1.48 45.62 -15.03
C LYS B 239 2.36 46.63 -15.78
N VAL B 240 2.43 47.85 -15.25
CA VAL B 240 3.17 48.93 -15.88
C VAL B 240 4.67 48.68 -15.84
N THR B 241 5.30 48.80 -17.00
CA THR B 241 6.72 48.55 -17.16
C THR B 241 7.18 49.41 -18.33
N CYS B 242 8.35 50.02 -18.21
CA CYS B 242 8.74 50.96 -19.24
C CYS B 242 10.24 51.02 -19.52
N GLY B 243 10.54 51.51 -20.73
CA GLY B 243 11.88 51.93 -21.12
C GLY B 243 11.76 53.38 -21.55
N MET B 244 12.73 54.19 -21.11
CA MET B 244 12.74 55.62 -21.37
C MET B 244 14.11 56.07 -21.84
N ARG B 245 14.12 56.74 -22.99
CA ARG B 245 15.36 57.24 -23.58
C ARG B 245 15.26 58.72 -23.96
N VAL B 246 16.32 59.47 -23.68
CA VAL B 246 16.45 60.82 -24.22
C VAL B 246 17.87 61.03 -24.79
N LEU B 247 17.91 61.59 -26.00
CA LEU B 247 19.15 62.09 -26.59
C LEU B 247 19.07 63.61 -26.73
N PHE B 248 20.10 64.29 -26.24
CA PHE B 248 20.20 65.74 -26.31
C PHE B 248 21.13 66.15 -27.44
N GLN B 249 20.84 67.29 -28.08
CA GLN B 249 21.82 67.96 -28.95
C GLN B 249 23.14 68.10 -28.17
N PRO B 250 24.30 67.95 -28.86
CA PRO B 250 25.61 67.84 -28.18
C PRO B 250 25.87 68.87 -27.08
N GLY B 251 26.17 68.38 -25.88
CA GLY B 251 26.47 69.23 -24.73
C GLY B 251 25.32 70.07 -24.19
N SER B 252 24.11 69.85 -24.70
CA SER B 252 22.95 70.66 -24.31
C SER B 252 21.98 69.93 -23.39
N MET B 253 20.88 70.60 -23.04
CA MET B 253 19.72 69.98 -22.39
C MET B 253 18.52 70.15 -23.32
N GLN B 254 18.82 70.32 -24.60
CA GLN B 254 17.80 70.45 -25.61
C GLN B 254 17.55 69.09 -26.25
N VAL B 255 16.31 68.65 -26.15
CA VAL B 255 15.89 67.32 -26.62
C VAL B 255 16.12 67.19 -28.11
N LYS B 256 16.91 66.18 -28.49
CA LYS B 256 17.05 65.80 -29.89
C LYS B 256 16.18 64.59 -30.20
N GLU B 257 16.13 63.63 -29.28
CA GLU B 257 15.29 62.44 -29.44
C GLU B 257 14.69 62.08 -28.08
N LEU B 258 13.48 61.50 -28.10
CA LEU B 258 12.85 61.04 -26.84
C LEU B 258 11.95 59.85 -27.12
N ALA B 259 12.05 58.84 -26.25
CA ALA B 259 11.26 57.64 -26.43
C ALA B 259 10.79 57.16 -25.07
N LEU B 260 9.48 57.06 -24.94
CA LEU B 260 8.85 56.53 -23.73
C LEU B 260 7.98 55.39 -24.16
N CYS B 261 8.37 54.18 -23.75
CA CYS B 261 7.66 52.99 -24.20
C CYS B 261 7.17 52.23 -22.98
N TYR B 262 5.93 51.75 -23.07
CA TYR B 262 5.24 51.17 -21.94
C TYR B 262 4.63 49.81 -22.24
N GLY B 263 4.83 48.89 -21.30
CA GLY B 263 4.02 47.67 -21.20
C GLY B 263 2.90 47.89 -20.18
N GLY B 264 1.89 47.01 -20.18
CA GLY B 264 0.80 47.06 -19.18
C GLY B 264 -0.20 48.21 -19.28
N MET B 265 -0.22 48.88 -20.43
CA MET B 265 -1.12 50.01 -20.65
C MET B 265 -2.02 49.76 -21.85
N ALA B 266 -1.94 48.56 -22.42
CA ALA B 266 -2.70 48.18 -23.62
C ALA B 266 -2.47 46.69 -23.88
N ASP B 267 -2.96 46.18 -25.02
CA ASP B 267 -2.80 44.76 -25.33
C ASP B 267 -1.47 44.46 -26.04
N ARG B 268 -0.56 45.43 -25.99
CA ARG B 268 0.79 45.29 -26.55
C ARG B 268 1.68 46.38 -25.97
N THR B 269 2.99 46.22 -26.15
CA THR B 269 3.95 47.26 -25.82
C THR B 269 3.74 48.46 -26.75
N ILE B 270 3.64 49.64 -26.16
CA ILE B 270 3.33 50.84 -26.94
C ILE B 270 4.32 51.99 -26.69
N SER B 271 4.42 52.90 -27.66
CA SER B 271 5.26 54.09 -27.54
C SER B 271 4.39 55.34 -27.42
N ALA B 272 4.71 56.22 -26.47
CA ALA B 272 3.99 57.48 -26.30
C ALA B 272 4.45 58.50 -27.37
N LEU B 273 4.21 58.16 -28.63
CA LEU B 273 4.82 58.87 -29.78
C LEU B 273 4.36 60.31 -29.87
N LYS B 274 3.06 60.51 -29.68
CA LYS B 274 2.46 61.84 -29.80
C LYS B 274 3.04 62.78 -28.75
N THR B 275 3.10 62.30 -27.51
CA THR B 275 3.73 63.05 -26.42
C THR B 275 5.23 63.36 -26.65
N THR B 276 6.00 62.37 -27.09
CA THR B 276 7.44 62.58 -27.21
C THR B 276 7.79 63.49 -28.39
N GLN B 277 7.06 63.34 -29.49
CA GLN B 277 7.26 64.17 -30.68
C GLN B 277 7.16 65.66 -30.35
N LYS B 278 6.21 66.01 -29.48
CA LYS B 278 5.98 67.40 -29.08
C LYS B 278 7.14 68.01 -28.29
N GLN B 279 8.03 67.18 -27.76
CA GLN B 279 9.13 67.68 -26.94
C GLN B 279 10.42 67.91 -27.70
N LEU B 280 10.44 67.60 -28.98
CA LEU B 280 11.65 67.79 -29.78
C LEU B 280 12.06 69.27 -29.79
N SER B 281 13.34 69.52 -29.56
CA SER B 281 13.93 70.87 -29.43
C SER B 281 13.64 71.60 -28.12
N LYS B 282 12.74 71.05 -27.30
CA LYS B 282 12.44 71.63 -25.99
C LYS B 282 13.57 71.37 -24.98
N PHE B 283 13.63 72.18 -23.93
CA PHE B 283 14.67 72.05 -22.91
C PHE B 283 14.24 71.22 -21.69
N TRP B 284 15.19 70.51 -21.08
CA TRP B 284 14.89 69.59 -19.99
C TRP B 284 14.62 70.33 -18.69
N ASN B 285 13.38 70.83 -18.55
CA ASN B 285 12.96 71.63 -17.39
C ASN B 285 11.53 71.38 -16.92
N GLU B 286 11.09 72.13 -15.91
CA GLU B 286 9.75 71.94 -15.31
C GLU B 286 8.63 71.98 -16.34
N LYS B 287 8.79 72.83 -17.36
CA LYS B 287 7.78 72.97 -18.39
C LYS B 287 7.69 71.67 -19.19
N LEU B 288 8.84 71.06 -19.47
CA LEU B 288 8.85 69.80 -20.18
C LEU B 288 8.19 68.70 -19.31
N LEU B 289 8.54 68.67 -18.02
CA LEU B 289 7.89 67.75 -17.06
C LEU B 289 6.37 67.86 -17.12
N GLN B 290 5.87 69.11 -17.09
CA GLN B 290 4.42 69.35 -17.08
C GLN B 290 3.75 68.89 -18.39
N ASP B 291 4.38 69.22 -19.52
CA ASP B 291 3.85 68.90 -20.83
C ASP B 291 3.89 67.40 -21.12
N VAL B 292 4.96 66.73 -20.68
CA VAL B 292 5.05 65.27 -20.88
C VAL B 292 3.99 64.57 -20.04
N CYS B 293 3.88 64.94 -18.77
CA CYS B 293 2.86 64.34 -17.90
C CYS B 293 1.46 64.54 -18.43
N ALA B 294 1.17 65.73 -18.98
CA ALA B 294 -0.11 66.03 -19.62
C ALA B 294 -0.34 65.18 -20.87
N GLY B 295 0.73 65.00 -21.64
CA GLY B 295 0.69 64.17 -22.83
C GLY B 295 0.43 62.71 -22.47
N LEU B 296 1.17 62.22 -21.47
CA LEU B 296 1.04 60.85 -20.99
C LEU B 296 -0.35 60.57 -20.43
N ALA B 297 -0.85 61.49 -19.59
CA ALA B 297 -2.21 61.40 -19.06
C ALA B 297 -3.23 61.20 -20.17
N GLU B 298 -3.06 61.88 -21.31
CA GLU B 298 -4.03 61.79 -22.41
C GLU B 298 -3.78 60.58 -23.31
N GLU B 299 -2.57 60.49 -23.86
CA GLU B 299 -2.23 59.45 -24.82
C GLU B 299 -2.45 58.04 -24.26
N LEU B 300 -2.18 57.87 -22.96
CA LEU B 300 -2.26 56.53 -22.35
C LEU B 300 -3.49 56.32 -21.47
N SER B 301 -4.47 57.23 -21.57
CA SER B 301 -5.63 57.16 -20.68
C SER B 301 -6.38 55.85 -20.83
N LEU B 302 -6.85 55.35 -19.70
CA LEU B 302 -7.53 54.06 -19.66
C LEU B 302 -9.01 54.25 -19.38
N SER B 303 -9.84 53.56 -20.14
CA SER B 303 -11.26 53.51 -19.89
C SER B 303 -11.52 52.94 -18.51
N PRO B 304 -12.59 53.41 -17.83
CA PRO B 304 -12.95 52.86 -16.52
C PRO B 304 -13.05 51.34 -16.50
N ASP B 305 -13.43 50.75 -17.63
CA ASP B 305 -13.59 49.29 -17.74
C ASP B 305 -12.43 48.58 -18.44
N ALA B 306 -11.26 49.23 -18.48
CA ALA B 306 -10.11 48.65 -19.17
C ALA B 306 -9.72 47.31 -18.55
N PRO B 307 -9.33 46.33 -19.39
CA PRO B 307 -8.94 45.03 -18.82
C PRO B 307 -7.81 45.20 -17.80
N GLY B 308 -7.95 44.54 -16.65
CA GLY B 308 -6.93 44.57 -15.62
C GLY B 308 -7.16 45.55 -14.48
N GLY B 309 -8.10 46.48 -14.66
CA GLY B 309 -8.43 47.46 -13.59
C GLY B 309 -7.23 48.29 -13.15
N MET B 310 -7.19 48.65 -11.86
CA MET B 310 -6.10 49.49 -11.32
C MET B 310 -5.86 50.76 -12.17
N ILE B 311 -6.96 51.36 -12.62
CA ILE B 311 -6.94 52.43 -13.62
C ILE B 311 -6.16 53.65 -13.14
N GLU B 312 -6.48 54.13 -11.94
CA GLU B 312 -5.81 55.30 -11.36
C GLU B 312 -4.33 55.01 -11.07
N PHE B 313 -4.08 53.90 -10.37
CA PHE B 313 -2.72 53.45 -10.09
C PHE B 313 -1.82 53.42 -11.35
N ARG B 314 -2.34 52.86 -12.44
CA ARG B 314 -1.53 52.68 -13.64
C ARG B 314 -1.25 54.03 -14.31
N ARG B 315 -2.26 54.86 -14.44
CA ARG B 315 -2.03 56.22 -14.92
C ARG B 315 -0.96 56.90 -14.06
N THR B 316 -1.11 56.81 -12.74
CA THR B 316 -0.18 57.46 -11.81
C THR B 316 1.25 56.96 -12.00
N LEU B 317 1.42 55.64 -12.17
CA LEU B 317 2.75 55.07 -12.42
C LEU B 317 3.38 55.59 -13.69
N THR B 318 2.61 55.64 -14.78
CA THR B 318 3.17 56.15 -16.04
C THR B 318 3.77 57.52 -15.81
N LEU B 319 3.08 58.36 -15.04
CA LEU B 319 3.58 59.68 -14.75
C LEU B 319 4.73 59.69 -13.74
N SER B 320 4.59 58.91 -12.67
CA SER B 320 5.59 58.88 -11.61
C SER B 320 6.91 58.30 -12.14
N PHE B 321 6.82 57.33 -13.04
CA PHE B 321 8.02 56.76 -13.66
C PHE B 321 8.72 57.80 -14.54
N PHE B 322 7.94 58.56 -15.32
CA PHE B 322 8.56 59.65 -16.06
C PHE B 322 9.23 60.68 -15.14
N PHE B 323 8.58 61.01 -14.02
CA PHE B 323 9.16 61.93 -13.07
C PHE B 323 10.51 61.44 -12.55
N LYS B 324 10.60 60.14 -12.23
CA LYS B 324 11.84 59.55 -11.76
C LYS B 324 12.91 59.64 -12.84
N PHE B 325 12.55 59.33 -14.09
CA PHE B 325 13.44 59.49 -15.25
C PHE B 325 13.88 60.96 -15.39
N TYR B 326 12.92 61.88 -15.31
CA TYR B 326 13.18 63.32 -15.39
C TYR B 326 14.25 63.77 -14.37
N LEU B 327 14.03 63.45 -13.11
CA LEU B 327 15.03 63.73 -12.05
C LEU B 327 16.37 62.98 -12.24
N THR B 328 16.33 61.77 -12.77
CA THR B 328 17.55 60.98 -12.92
C THR B 328 18.45 61.60 -14.00
N VAL B 329 17.82 61.98 -15.11
CA VAL B 329 18.45 62.68 -16.23
C VAL B 329 19.06 64.00 -15.75
N LEU B 330 18.32 64.75 -14.95
CA LEU B 330 18.88 65.95 -14.32
C LEU B 330 20.14 65.68 -13.49
N LYS B 331 20.12 64.64 -12.67
CA LYS B 331 21.31 64.27 -11.88
C LYS B 331 22.48 63.86 -12.80
N LYS B 332 22.17 63.09 -13.84
CA LYS B 332 23.17 62.66 -14.83
C LYS B 332 23.75 63.82 -15.66
N LEU B 333 22.89 64.76 -16.05
CA LEU B 333 23.32 65.99 -16.74
C LEU B 333 24.21 66.85 -15.85
N GLY B 334 24.23 66.56 -14.55
CA GLY B 334 24.99 67.33 -13.58
C GLY B 334 24.34 68.67 -13.28
N ASP C 1 16.21 14.00 28.98
CA ASP C 1 15.00 14.88 29.03
C ASP C 1 15.20 16.03 28.03
N THR C 2 14.53 15.96 26.88
CA THR C 2 14.70 16.95 25.84
C THR C 2 13.65 18.08 25.88
N VAL C 3 12.71 18.01 26.81
CA VAL C 3 11.69 19.06 26.91
C VAL C 3 12.35 20.41 27.24
N GLY C 4 12.12 21.39 26.35
CA GLY C 4 12.74 22.70 26.48
C GLY C 4 14.04 22.84 25.71
N ARG C 5 14.46 21.78 25.03
CA ARG C 5 15.66 21.80 24.20
C ARG C 5 15.28 22.00 22.72
N PRO C 6 16.12 22.71 21.95
CA PRO C 6 15.88 23.01 20.52
C PRO C 6 16.13 21.83 19.57
N LEU C 7 15.41 20.75 19.76
CA LEU C 7 15.61 19.55 18.98
C LEU C 7 15.06 19.80 17.58
N PRO C 8 15.87 19.55 16.52
CA PRO C 8 15.32 19.71 15.16
C PRO C 8 14.10 18.82 14.93
N HIS C 9 13.18 19.30 14.08
CA HIS C 9 12.09 18.48 13.55
C HIS C 9 12.61 17.07 13.22
N LEU C 10 11.94 16.05 13.75
CA LEU C 10 12.43 14.67 13.59
C LEU C 10 12.62 14.27 12.14
N ALA C 11 11.79 14.81 11.24
CA ALA C 11 11.88 14.40 9.84
C ALA C 11 12.73 15.34 8.98
N ALA C 12 13.38 16.33 9.60
CA ALA C 12 14.07 17.40 8.83
C ALA C 12 15.18 16.86 7.91
N ALA C 13 15.97 15.90 8.40
CA ALA C 13 17.03 15.32 7.59
C ALA C 13 16.46 14.58 6.37
N MET C 14 15.40 13.79 6.58
CA MET C 14 14.71 13.12 5.46
C MET C 14 14.03 14.07 4.48
N GLN C 15 13.52 15.19 4.99
CA GLN C 15 12.93 16.17 4.12
C GLN C 15 13.98 16.86 3.26
N ALA C 16 15.13 17.15 3.86
CA ALA C 16 16.25 17.73 3.12
C ALA C 16 16.81 16.78 2.07
N SER C 17 16.66 15.47 2.28
CA SER C 17 17.27 14.51 1.34
C SER C 17 16.22 14.04 0.32
N GLY C 18 14.99 14.52 0.42
CA GLY C 18 13.92 14.02 -0.47
C GLY C 18 13.47 12.58 -0.18
N GLU C 19 13.81 12.05 0.98
CA GLU C 19 13.39 10.69 1.40
C GLU C 19 12.02 10.70 2.11
N ALA C 20 11.64 11.84 2.66
CA ALA C 20 10.37 11.95 3.33
C ALA C 20 9.25 11.73 2.30
N VAL C 21 8.32 10.84 2.61
CA VAL C 21 7.27 10.49 1.66
C VAL C 21 6.01 11.33 1.96
N TYR C 22 5.53 12.05 0.94
CA TYR C 22 4.23 12.72 0.97
C TYR C 22 3.30 11.90 0.10
N CYS C 23 2.01 12.21 0.19
CA CYS C 23 0.98 11.40 -0.39
C CYS C 23 1.28 10.96 -1.82
N ASP C 24 1.63 11.91 -2.71
CA ASP C 24 1.86 11.53 -4.14
C ASP C 24 3.19 10.81 -4.36
N ASP C 25 4.05 10.78 -3.35
CA ASP C 25 5.33 10.06 -3.46
C ASP C 25 5.14 8.56 -3.22
N ILE C 26 3.98 8.17 -2.72
CA ILE C 26 3.69 6.76 -2.46
C ILE C 26 3.71 6.07 -3.84
N PRO C 27 4.41 4.90 -3.96
CA PRO C 27 4.41 4.25 -5.27
C PRO C 27 3.00 3.90 -5.73
N ARG C 28 2.82 3.84 -7.05
CA ARG C 28 1.54 3.53 -7.65
C ARG C 28 1.39 2.01 -7.78
N TYR C 29 0.18 1.53 -7.54
CA TYR C 29 -0.13 0.13 -7.85
C TYR C 29 -0.14 -0.04 -9.36
N GLU C 30 0.14 -1.25 -9.81
CA GLU C 30 0.30 -1.56 -11.23
C GLU C 30 -0.94 -1.14 -12.02
N ASN C 31 -2.11 -1.19 -11.38
CA ASN C 31 -3.41 -0.92 -12.01
C ASN C 31 -4.02 0.42 -11.57
N GLU C 32 -3.22 1.27 -10.92
CA GLU C 32 -3.72 2.52 -10.33
C GLU C 32 -4.10 3.54 -11.38
N LEU C 33 -5.31 4.08 -11.24
CA LEU C 33 -5.84 5.11 -12.09
C LEU C 33 -5.72 6.53 -11.48
N PHE C 34 -6.07 7.52 -12.30
CA PHE C 34 -5.90 8.93 -11.95
C PHE C 34 -7.15 9.70 -12.19
N LEU C 35 -7.46 10.58 -11.25
CA LEU C 35 -8.71 11.34 -11.34
C LEU C 35 -8.44 12.83 -11.54
N ARG C 36 -9.23 13.46 -12.40
CA ARG C 36 -9.19 14.92 -12.54
C ARG C 36 -10.61 15.49 -12.42
N LEU C 37 -10.76 16.48 -11.54
CA LEU C 37 -12.09 17.07 -11.31
C LEU C 37 -12.57 17.91 -12.51
N VAL C 38 -13.86 17.87 -12.73
CA VAL C 38 -14.47 18.71 -13.74
C VAL C 38 -15.35 19.70 -13.00
N THR C 39 -15.16 20.97 -13.33
CA THR C 39 -15.58 22.04 -12.47
C THR C 39 -16.30 23.18 -13.22
N SER C 40 -17.29 23.81 -12.55
CA SER C 40 -18.05 24.92 -13.12
C SER C 40 -17.22 26.12 -13.54
N THR C 41 -17.57 26.65 -14.71
CA THR C 41 -17.00 27.90 -15.19
C THR C 41 -17.97 29.08 -15.02
N ARG C 42 -19.10 28.84 -14.35
CA ARG C 42 -20.07 29.92 -14.10
C ARG C 42 -20.30 30.07 -12.61
N ALA C 43 -20.53 31.31 -12.17
CA ALA C 43 -20.80 31.59 -10.76
C ALA C 43 -22.13 31.00 -10.31
N HIS C 44 -23.16 31.05 -11.16
CA HIS C 44 -24.46 30.59 -10.73
C HIS C 44 -25.22 30.27 -12.01
N ALA C 45 -25.60 29.01 -12.17
CA ALA C 45 -26.25 28.58 -13.42
C ALA C 45 -26.87 27.20 -13.28
N LYS C 46 -27.83 26.91 -14.14
CA LYS C 46 -28.39 25.58 -14.27
C LYS C 46 -27.49 24.80 -15.20
N ILE C 47 -27.31 23.52 -14.92
CA ILE C 47 -26.50 22.67 -15.77
C ILE C 47 -27.44 22.03 -16.77
N LYS C 48 -27.22 22.33 -18.05
CA LYS C 48 -28.11 21.90 -19.12
C LYS C 48 -27.65 20.67 -19.89
N SER C 49 -26.34 20.42 -19.90
CA SER C 49 -25.78 19.20 -20.47
C SER C 49 -24.30 19.07 -20.15
N ILE C 50 -23.85 17.83 -20.11
CA ILE C 50 -22.44 17.55 -19.93
C ILE C 50 -22.09 16.58 -21.04
N ASP C 51 -21.19 17.00 -21.90
CA ASP C 51 -20.85 16.22 -23.07
C ASP C 51 -19.43 15.67 -22.91
N VAL C 52 -19.34 14.35 -22.83
CA VAL C 52 -18.06 13.66 -22.66
C VAL C 52 -17.57 12.97 -23.94
N SER C 53 -18.24 13.28 -25.07
CA SER C 53 -17.91 12.61 -26.35
C SER C 53 -16.44 12.81 -26.76
N GLU C 54 -15.94 14.03 -26.64
CA GLU C 54 -14.55 14.27 -27.02
C GLU C 54 -13.59 13.71 -25.97
N ALA C 55 -14.00 13.70 -24.70
CA ALA C 55 -13.15 13.19 -23.64
C ALA C 55 -12.93 11.68 -23.81
N GLN C 56 -13.94 10.98 -24.30
CA GLN C 56 -13.88 9.54 -24.52
C GLN C 56 -12.88 9.17 -25.63
N LYS C 57 -12.52 10.14 -26.46
CA LYS C 57 -11.56 9.87 -27.52
C LYS C 57 -10.12 10.04 -27.07
N VAL C 58 -9.92 10.50 -25.84
CA VAL C 58 -8.56 10.65 -25.31
C VAL C 58 -7.98 9.29 -24.94
N PRO C 59 -6.80 8.98 -25.46
CA PRO C 59 -6.10 7.75 -25.12
C PRO C 59 -6.11 7.59 -23.61
N GLY C 60 -6.43 6.38 -23.15
CA GLY C 60 -6.33 6.02 -21.72
C GLY C 60 -7.54 6.45 -20.90
N PHE C 61 -8.53 7.05 -21.55
CA PHE C 61 -9.74 7.48 -20.86
C PHE C 61 -10.45 6.25 -20.26
N VAL C 62 -10.90 6.34 -19.00
CA VAL C 62 -11.61 5.23 -18.37
C VAL C 62 -13.10 5.51 -18.27
N CYS C 63 -13.48 6.56 -17.53
CA CYS C 63 -14.88 6.93 -17.36
C CYS C 63 -15.04 8.38 -16.89
N PHE C 64 -16.24 8.91 -17.06
CA PHE C 64 -16.66 10.14 -16.42
C PHE C 64 -17.61 9.80 -15.29
N LEU C 65 -17.35 10.39 -14.13
CA LEU C 65 -18.20 10.23 -12.95
C LEU C 65 -18.99 11.50 -12.65
N SER C 66 -20.24 11.33 -12.26
CA SER C 66 -21.15 12.42 -11.89
C SER C 66 -22.05 11.93 -10.77
N ALA C 67 -22.95 12.80 -10.30
CA ALA C 67 -23.82 12.49 -9.16
C ALA C 67 -24.57 11.16 -9.35
N ASP C 68 -25.02 10.88 -10.57
CA ASP C 68 -25.70 9.62 -10.89
C ASP C 68 -24.94 8.33 -10.50
N ASP C 69 -23.61 8.41 -10.40
CA ASP C 69 -22.76 7.25 -10.09
C ASP C 69 -22.59 6.91 -8.59
N ILE C 70 -23.03 7.84 -7.73
CA ILE C 70 -22.85 7.72 -6.30
C ILE C 70 -23.81 6.66 -5.72
N PRO C 71 -23.27 5.61 -5.06
CA PRO C 71 -24.15 4.56 -4.50
C PRO C 71 -24.86 4.92 -3.19
N GLY C 72 -24.28 5.81 -2.40
CA GLY C 72 -24.81 6.14 -1.09
C GLY C 72 -25.56 7.45 -1.05
N SER C 73 -24.82 8.55 -0.91
CA SER C 73 -25.42 9.88 -0.73
C SER C 73 -24.60 10.95 -1.45
N ASN C 74 -25.28 11.85 -2.18
CA ASN C 74 -24.64 13.02 -2.78
C ASN C 74 -24.68 14.25 -1.84
N GLU C 75 -25.07 14.06 -0.59
CA GLU C 75 -25.15 15.19 0.35
C GLU C 75 -23.94 15.14 1.27
N THR C 76 -23.17 16.22 1.33
CA THR C 76 -21.90 16.23 2.08
C THR C 76 -21.62 17.62 2.66
N GLY C 77 -20.44 17.79 3.25
CA GLY C 77 -20.03 19.07 3.80
C GLY C 77 -20.32 19.05 5.29
N LEU C 78 -19.62 19.90 6.02
CA LEU C 78 -19.73 19.90 7.49
C LEU C 78 -21.18 20.04 7.98
N PHE C 79 -21.99 20.85 7.28
CA PHE C 79 -23.41 21.08 7.63
C PHE C 79 -24.39 20.52 6.60
N ASN C 80 -23.88 19.56 5.83
CA ASN C 80 -24.73 18.79 4.92
C ASN C 80 -25.47 19.61 3.88
N ASP C 81 -24.81 20.68 3.44
CA ASP C 81 -25.40 21.65 2.53
C ASP C 81 -24.62 21.74 1.24
N GLU C 82 -23.79 20.73 0.97
CA GLU C 82 -23.02 20.64 -0.27
C GLU C 82 -23.36 19.38 -1.03
N THR C 83 -23.00 19.35 -2.31
CA THR C 83 -23.07 18.14 -3.11
C THR C 83 -21.65 17.61 -3.25
N VAL C 84 -21.54 16.29 -3.43
CA VAL C 84 -20.27 15.71 -3.83
C VAL C 84 -20.06 16.15 -5.27
N PHE C 85 -21.09 15.95 -6.08
CA PHE C 85 -21.06 16.31 -7.48
C PHE C 85 -22.34 17.11 -7.74
N ALA C 86 -22.18 18.31 -8.30
CA ALA C 86 -23.30 19.21 -8.55
C ALA C 86 -24.24 18.55 -9.54
N LYS C 87 -25.54 18.63 -9.29
CA LYS C 87 -26.48 17.85 -10.09
C LYS C 87 -27.19 18.70 -11.17
N ASP C 88 -28.01 19.65 -10.74
CA ASP C 88 -28.80 20.45 -11.67
C ASP C 88 -28.30 21.90 -11.76
N THR C 89 -27.67 22.37 -10.68
CA THR C 89 -27.30 23.77 -10.57
C THR C 89 -25.89 23.91 -10.01
N VAL C 90 -25.08 24.76 -10.64
CA VAL C 90 -23.78 25.14 -10.06
C VAL C 90 -23.89 26.49 -9.35
N THR C 91 -23.13 26.65 -8.27
CA THR C 91 -23.25 27.83 -7.41
C THR C 91 -21.94 28.56 -7.12
N CYS C 92 -20.86 28.14 -7.79
CA CYS C 92 -19.68 28.98 -7.90
C CYS C 92 -18.84 28.54 -9.09
N VAL C 93 -17.98 29.42 -9.55
CA VAL C 93 -16.92 28.98 -10.46
C VAL C 93 -16.02 28.05 -9.63
N GLY C 94 -15.66 26.90 -10.18
CA GLY C 94 -14.93 25.90 -9.37
C GLY C 94 -15.79 24.86 -8.67
N HIS C 95 -17.11 25.04 -8.70
CA HIS C 95 -18.05 24.05 -8.13
C HIS C 95 -17.90 22.71 -8.87
N ILE C 96 -17.75 21.63 -8.11
CA ILE C 96 -17.41 20.33 -8.73
C ILE C 96 -18.63 19.70 -9.36
N ILE C 97 -18.52 19.41 -10.66
CA ILE C 97 -19.63 18.83 -11.44
C ILE C 97 -19.47 17.30 -11.57
N GLY C 98 -18.23 16.87 -11.72
CA GLY C 98 -17.92 15.47 -11.94
C GLY C 98 -16.43 15.27 -11.93
N ALA C 99 -16.00 14.10 -12.41
CA ALA C 99 -14.57 13.80 -12.52
C ALA C 99 -14.33 12.88 -13.68
N VAL C 100 -13.16 13.05 -14.31
CA VAL C 100 -12.68 12.10 -15.30
C VAL C 100 -11.69 11.13 -14.62
N VAL C 101 -11.74 9.86 -15.02
CA VAL C 101 -10.71 8.89 -14.60
C VAL C 101 -9.94 8.42 -15.83
N ALA C 102 -8.62 8.36 -15.72
CA ALA C 102 -7.81 7.91 -16.86
C ALA C 102 -6.57 7.14 -16.39
N ASP C 103 -5.81 6.62 -17.33
CA ASP C 103 -4.68 5.75 -16.95
C ASP C 103 -3.43 6.52 -16.51
N THR C 104 -3.36 7.82 -16.86
CA THR C 104 -2.23 8.68 -16.43
C THR C 104 -2.79 10.03 -16.04
N PRO C 105 -2.08 10.79 -15.17
CA PRO C 105 -2.55 12.13 -14.85
C PRO C 105 -2.57 13.09 -16.07
N GLU C 106 -1.64 12.91 -17.00
CA GLU C 106 -1.62 13.71 -18.24
C GLU C 106 -2.90 13.44 -19.06
N HIS C 107 -3.34 12.17 -19.11
CA HIS C 107 -4.54 11.79 -19.89
C HIS C 107 -5.80 12.28 -19.17
N ALA C 108 -5.80 12.22 -17.84
CA ALA C 108 -6.96 12.73 -17.09
C ALA C 108 -7.14 14.23 -17.36
N GLU C 109 -6.02 14.95 -17.37
CA GLU C 109 -5.99 16.39 -17.62
C GLU C 109 -6.54 16.69 -19.00
N ARG C 110 -6.01 16.00 -20.01
CA ARG C 110 -6.44 16.17 -21.38
C ARG C 110 -7.93 15.95 -21.57
N ALA C 111 -8.46 14.88 -20.99
CA ALA C 111 -9.88 14.54 -21.10
C ALA C 111 -10.75 15.56 -20.41
N ALA C 112 -10.34 15.99 -19.22
CA ALA C 112 -11.15 16.94 -18.44
C ALA C 112 -11.37 18.24 -19.19
N HIS C 113 -10.32 18.73 -19.86
CA HIS C 113 -10.38 19.98 -20.58
C HIS C 113 -11.39 19.96 -21.72
N VAL C 114 -11.66 18.77 -22.23
CA VAL C 114 -12.48 18.62 -23.42
C VAL C 114 -13.92 18.19 -23.10
N VAL C 115 -14.20 18.04 -21.80
CA VAL C 115 -15.58 17.86 -21.33
C VAL C 115 -16.30 19.20 -21.53
N LYS C 116 -17.47 19.18 -22.15
CA LYS C 116 -18.17 20.43 -22.46
C LYS C 116 -19.46 20.56 -21.66
N VAL C 117 -19.58 21.67 -20.95
CA VAL C 117 -20.77 21.92 -20.15
C VAL C 117 -21.56 23.09 -20.75
N THR C 118 -22.88 22.91 -20.81
CA THR C 118 -23.82 23.91 -21.27
C THR C 118 -24.61 24.35 -20.07
N TYR C 119 -24.76 25.66 -19.94
CA TYR C 119 -25.40 26.30 -18.80
C TYR C 119 -26.51 27.26 -19.20
N GLU C 120 -27.37 27.56 -18.23
CA GLU C 120 -28.28 28.67 -18.30
C GLU C 120 -27.99 29.47 -17.03
N ASP C 121 -27.44 30.67 -17.21
CA ASP C 121 -27.06 31.54 -16.09
C ASP C 121 -28.22 31.97 -15.21
N LEU C 122 -27.94 32.09 -13.91
CA LEU C 122 -28.87 32.59 -12.93
C LEU C 122 -28.22 33.81 -12.25
N PRO C 123 -29.04 34.71 -11.65
CA PRO C 123 -28.50 35.91 -11.04
C PRO C 123 -27.54 35.51 -9.92
N ALA C 124 -26.34 36.08 -9.93
CA ALA C 124 -25.31 35.70 -8.99
C ALA C 124 -25.04 36.80 -7.95
N ILE C 125 -24.51 36.37 -6.82
CA ILE C 125 -24.18 37.28 -5.74
C ILE C 125 -22.74 36.97 -5.41
N ILE C 126 -21.88 37.96 -5.60
CA ILE C 126 -20.44 37.78 -5.49
C ILE C 126 -19.88 38.54 -4.28
N THR C 127 -20.22 39.82 -4.15
CA THR C 127 -19.56 40.64 -3.14
C THR C 127 -20.37 40.64 -1.86
N ILE C 128 -19.72 41.02 -0.76
CA ILE C 128 -20.43 41.20 0.48
C ILE C 128 -21.58 42.23 0.33
N GLU C 129 -21.32 43.30 -0.42
CA GLU C 129 -22.37 44.32 -0.64
C GLU C 129 -23.54 43.76 -1.46
N ASP C 130 -23.25 42.97 -2.50
CA ASP C 130 -24.27 42.16 -3.18
C ASP C 130 -25.13 41.40 -2.16
N ALA C 131 -24.45 40.69 -1.25
CA ALA C 131 -25.08 39.83 -0.26
C ALA C 131 -25.91 40.61 0.77
N ILE C 132 -25.38 41.71 1.28
CA ILE C 132 -26.15 42.56 2.21
C ILE C 132 -27.39 43.12 1.50
N LYS C 133 -27.17 43.70 0.32
CA LYS C 133 -28.25 44.23 -0.52
C LYS C 133 -29.35 43.21 -0.79
N ASN C 134 -28.96 41.95 -0.98
CA ASN C 134 -29.91 40.89 -1.29
C ASN C 134 -30.41 40.08 -0.11
N ASN C 135 -30.00 40.46 1.09
CA ASN C 135 -30.29 39.68 2.29
C ASN C 135 -29.85 38.22 2.18
N SER C 136 -28.68 38.00 1.60
CA SER C 136 -28.23 36.63 1.36
C SER C 136 -27.23 36.21 2.44
N PHE C 137 -27.74 35.58 3.48
CA PHE C 137 -26.91 35.20 4.63
C PHE C 137 -27.13 33.74 5.05
N TYR C 138 -26.12 33.15 5.69
CA TYR C 138 -26.32 31.88 6.39
C TYR C 138 -26.66 32.17 7.84
N GLY C 139 -27.86 31.76 8.24
CA GLY C 139 -28.23 31.84 9.64
C GLY C 139 -28.53 33.26 10.08
N SER C 140 -28.62 33.46 11.39
CA SER C 140 -29.00 34.76 11.90
C SER C 140 -27.80 35.47 12.52
N GLU C 141 -28.00 36.70 12.92
CA GLU C 141 -26.90 37.50 13.43
C GLU C 141 -26.26 36.89 14.71
N LEU C 142 -24.94 36.84 14.75
CA LEU C 142 -24.20 36.56 15.98
C LEU C 142 -23.90 37.86 16.73
N LYS C 143 -23.91 37.83 18.05
CA LYS C 143 -23.72 39.05 18.81
C LYS C 143 -23.11 38.82 20.20
N ILE C 144 -22.19 39.71 20.59
CA ILE C 144 -21.74 39.81 21.98
C ILE C 144 -21.88 41.27 22.37
N GLU C 145 -22.47 41.52 23.53
CA GLU C 145 -22.72 42.88 24.00
C GLU C 145 -22.50 42.94 25.51
N LYS C 146 -21.86 44.01 25.97
CA LYS C 146 -21.60 44.23 27.39
C LYS C 146 -21.70 45.73 27.64
N GLY C 147 -22.25 46.10 28.78
CA GLY C 147 -22.36 47.51 29.14
C GLY C 147 -23.52 48.20 28.46
N ASP C 148 -23.43 49.51 28.35
CA ASP C 148 -24.54 50.34 27.89
C ASP C 148 -23.98 51.28 26.82
N LEU C 149 -24.27 50.96 25.56
CA LEU C 149 -23.68 51.70 24.45
C LEU C 149 -24.15 53.15 24.35
N LYS C 150 -25.45 53.35 24.47
CA LYS C 150 -26.00 54.72 24.48
C LYS C 150 -25.34 55.59 25.55
N LYS C 151 -25.18 55.06 26.75
CA LYS C 151 -24.48 55.76 27.83
C LYS C 151 -23.03 56.05 27.44
N GLY C 152 -22.31 55.02 27.02
CA GLY C 152 -20.92 55.16 26.61
C GLY C 152 -20.71 56.24 25.56
N PHE C 153 -21.57 56.25 24.54
CA PHE C 153 -21.45 57.24 23.46
C PHE C 153 -21.80 58.67 23.91
N SER C 154 -22.65 58.79 24.92
CA SER C 154 -22.97 60.04 25.59
C SER C 154 -21.81 60.62 26.40
N GLU C 155 -21.00 59.75 26.99
CA GLU C 155 -19.88 60.20 27.80
C GLU C 155 -18.65 60.49 26.95
N ALA C 156 -18.66 60.03 25.70
CA ALA C 156 -17.50 60.18 24.81
C ALA C 156 -17.22 61.63 24.46
N ASP C 157 -15.94 61.99 24.37
CA ASP C 157 -15.53 63.30 23.86
C ASP C 157 -15.54 63.33 22.35
N ASN C 158 -15.09 62.24 21.75
CA ASN C 158 -14.96 62.11 20.30
C ASN C 158 -15.67 60.84 19.85
N VAL C 159 -16.16 60.85 18.62
CA VAL C 159 -16.73 59.67 18.00
C VAL C 159 -16.17 59.60 16.58
N VAL C 160 -15.75 58.40 16.17
CA VAL C 160 -15.21 58.14 14.85
C VAL C 160 -15.98 56.94 14.31
N SER C 161 -16.51 57.04 13.09
CA SER C 161 -17.16 55.90 12.48
C SER C 161 -16.60 55.71 11.09
N GLY C 162 -16.70 54.49 10.59
CA GLY C 162 -16.02 54.15 9.34
C GLY C 162 -16.37 52.76 8.84
N GLU C 163 -15.75 52.41 7.72
CA GLU C 163 -15.97 51.11 7.07
C GLU C 163 -14.60 50.60 6.66
N LEU C 164 -14.42 49.29 6.72
CA LEU C 164 -13.10 48.73 6.45
C LEU C 164 -13.26 47.36 5.81
N TYR C 165 -12.37 47.03 4.88
CA TYR C 165 -12.43 45.74 4.23
C TYR C 165 -11.08 45.05 4.34
N ILE C 166 -11.13 43.75 4.55
CA ILE C 166 -9.91 42.94 4.56
C ILE C 166 -10.10 41.77 3.59
N GLY C 167 -9.21 41.70 2.61
CA GLY C 167 -9.25 40.66 1.58
C GLY C 167 -8.93 39.30 2.16
N GLY C 168 -9.28 38.27 1.39
CA GLY C 168 -9.12 36.88 1.82
C GLY C 168 -7.70 36.44 1.56
N GLN C 169 -7.49 35.14 1.49
CA GLN C 169 -6.14 34.59 1.41
C GLN C 169 -6.19 33.13 0.98
N ASP C 170 -5.30 32.77 0.06
CA ASP C 170 -5.14 31.39 -0.35
C ASP C 170 -4.07 30.73 0.48
N HIS C 171 -4.31 29.48 0.92
CA HIS C 171 -3.41 28.82 1.88
C HIS C 171 -2.03 28.67 1.31
N PHE C 172 -1.95 28.38 0.02
CA PHE C 172 -0.64 28.15 -0.65
C PHE C 172 0.31 27.23 0.17
N TYR C 173 -0.25 26.18 0.78
CA TYR C 173 0.54 25.01 1.18
C TYR C 173 1.35 24.54 -0.01
N LEU C 174 2.64 24.31 0.17
CA LEU C 174 3.44 23.92 -1.00
C LEU C 174 2.98 22.60 -1.62
N GLU C 175 2.54 21.65 -0.79
CA GLU C 175 1.85 20.45 -1.30
C GLU C 175 0.34 20.69 -1.40
N THR C 176 -0.24 20.53 -2.59
CA THR C 176 -1.65 20.78 -2.73
C THR C 176 -2.42 19.54 -2.18
N HIS C 177 -3.74 19.58 -2.27
CA HIS C 177 -4.60 18.48 -1.86
C HIS C 177 -4.30 17.21 -2.66
N CYS C 178 -4.34 16.08 -1.98
CA CYS C 178 -3.96 14.79 -2.52
C CYS C 178 -4.64 13.67 -1.74
N THR C 179 -5.23 12.73 -2.48
CA THR C 179 -5.74 11.48 -1.93
C THR C 179 -5.40 10.29 -2.84
N ILE C 180 -5.04 9.18 -2.20
CA ILE C 180 -5.01 7.86 -2.80
C ILE C 180 -6.08 7.00 -2.13
N ALA C 181 -6.95 6.38 -2.93
CA ALA C 181 -7.96 5.44 -2.39
C ALA C 181 -7.75 4.03 -2.94
N ILE C 182 -7.65 3.06 -2.06
CA ILE C 182 -7.43 1.66 -2.45
C ILE C 182 -8.64 0.83 -2.04
N PRO C 183 -9.44 0.39 -3.04
CA PRO C 183 -10.59 -0.43 -2.75
C PRO C 183 -10.12 -1.88 -2.52
N LYS C 184 -10.59 -2.53 -1.47
CA LYS C 184 -10.13 -3.88 -1.18
C LYS C 184 -10.95 -4.96 -1.89
N GLY C 185 -12.18 -4.62 -2.27
CA GLY C 185 -13.05 -5.56 -3.00
C GLY C 185 -13.82 -6.49 -2.06
N GLU C 186 -13.57 -6.33 -0.75
CA GLU C 186 -14.24 -7.09 0.29
C GLU C 186 -15.08 -6.17 1.14
N GLU C 187 -16.38 -6.41 1.20
CA GLU C 187 -17.20 -5.80 2.24
C GLU C 187 -17.24 -4.26 2.21
N GLY C 188 -16.90 -3.67 1.08
CA GLY C 188 -16.86 -2.20 0.96
C GLY C 188 -15.63 -1.56 1.61
N GLU C 189 -14.68 -2.40 2.01
CA GLU C 189 -13.44 -1.93 2.64
C GLU C 189 -12.65 -1.03 1.68
N MET C 190 -12.14 0.08 2.21
CA MET C 190 -11.32 1.01 1.45
C MET C 190 -10.27 1.60 2.39
N GLU C 191 -9.05 1.72 1.88
CA GLU C 191 -7.90 2.30 2.65
C GLU C 191 -7.44 3.53 1.87
N LEU C 192 -7.38 4.69 2.54
CA LEU C 192 -7.05 5.96 1.86
C LEU C 192 -5.83 6.57 2.48
N PHE C 193 -4.95 7.09 1.62
CA PHE C 193 -3.80 7.84 2.06
C PHE C 193 -4.07 9.28 1.66
N VAL C 194 -4.12 10.18 2.65
CA VAL C 194 -4.66 11.52 2.42
C VAL C 194 -3.79 12.59 3.06
N SER C 195 -3.59 13.68 2.32
CA SER C 195 -3.05 14.90 2.86
C SER C 195 -4.18 15.69 3.54
N THR C 196 -4.49 15.33 4.80
CA THR C 196 -5.58 15.97 5.54
C THR C 196 -5.25 16.19 7.00
N GLN C 197 -5.84 17.24 7.56
CA GLN C 197 -5.72 17.53 8.99
C GLN C 197 -6.89 16.85 9.70
N ASN C 198 -7.81 16.21 8.94
CA ASN C 198 -9.07 15.69 9.50
C ASN C 198 -9.40 14.32 8.94
N ALA C 199 -8.67 13.31 9.42
CA ALA C 199 -8.92 11.91 9.05
C ALA C 199 -10.34 11.42 9.42
N MET C 200 -10.86 11.89 10.55
CA MET C 200 -12.20 11.51 11.04
C MET C 200 -13.31 11.92 10.06
N LYS C 201 -13.31 13.20 9.66
CA LYS C 201 -14.31 13.66 8.70
C LYS C 201 -14.10 13.07 7.33
N THR C 202 -12.85 12.89 6.93
CA THR C 202 -12.56 12.20 5.67
C THR C 202 -13.25 10.81 5.69
N GLN C 203 -12.97 10.06 6.76
CA GLN C 203 -13.47 8.70 6.92
C GLN C 203 -15.01 8.67 6.88
N SER C 204 -15.62 9.53 7.69
CA SER C 204 -17.07 9.68 7.72
C SER C 204 -17.68 10.08 6.39
N PHE C 205 -17.09 11.09 5.75
CA PHE C 205 -17.63 11.60 4.50
C PHE C 205 -17.53 10.58 3.37
N VAL C 206 -16.43 9.86 3.30
CA VAL C 206 -16.25 8.81 2.30
C VAL C 206 -17.30 7.71 2.57
N ALA C 207 -17.41 7.35 3.83
CA ALA C 207 -18.38 6.33 4.25
C ALA C 207 -19.83 6.70 3.86
N LYS C 208 -20.20 7.96 4.09
CA LYS C 208 -21.56 8.45 3.81
C LYS C 208 -21.86 8.42 2.31
N MET C 209 -20.87 8.82 1.51
CA MET C 209 -21.04 8.87 0.06
C MET C 209 -21.22 7.45 -0.48
N LEU C 210 -20.39 6.53 -0.01
CA LEU C 210 -20.47 5.12 -0.41
C LEU C 210 -21.70 4.39 0.15
N GLY C 211 -22.27 4.90 1.24
CA GLY C 211 -23.35 4.19 1.94
C GLY C 211 -22.93 2.91 2.65
N VAL C 212 -21.76 2.96 3.29
CA VAL C 212 -21.23 1.82 4.01
C VAL C 212 -20.87 2.31 5.43
N PRO C 213 -20.85 1.41 6.43
CA PRO C 213 -20.47 1.76 7.80
C PRO C 213 -19.07 2.38 7.87
N VAL C 214 -18.87 3.24 8.87
CA VAL C 214 -17.61 3.96 9.00
C VAL C 214 -16.46 2.97 9.27
N ASN C 215 -16.78 1.84 9.92
CA ASN C 215 -15.74 0.85 10.27
C ASN C 215 -15.10 0.17 9.05
N ARG C 216 -15.67 0.35 7.84
CA ARG C 216 -15.08 -0.21 6.61
C ARG C 216 -13.99 0.67 6.00
N ILE C 217 -13.87 1.91 6.50
CA ILE C 217 -13.01 2.92 5.87
C ILE C 217 -11.81 3.22 6.78
N LEU C 218 -10.61 3.15 6.23
CA LEU C 218 -9.39 3.38 7.01
C LEU C 218 -8.71 4.56 6.34
N VAL C 219 -8.40 5.60 7.11
CA VAL C 219 -7.75 6.79 6.55
C VAL C 219 -6.43 6.94 7.29
N ARG C 220 -5.35 7.07 6.52
CA ARG C 220 -3.98 7.17 7.04
C ARG C 220 -3.31 8.46 6.57
N VAL C 221 -2.64 9.15 7.50
CA VAL C 221 -1.99 10.41 7.22
C VAL C 221 -0.60 10.36 7.78
N LYS C 222 0.38 10.23 6.91
CA LYS C 222 1.76 10.25 7.34
C LYS C 222 2.17 11.67 7.69
N ARG C 223 2.03 12.54 6.69
CA ARG C 223 2.37 13.97 6.83
C ARG C 223 1.75 14.77 5.70
N MET C 224 1.63 16.07 5.95
CA MET C 224 1.22 17.04 4.92
C MET C 224 2.34 18.01 4.64
N GLY C 225 2.45 18.39 3.39
CA GLY C 225 3.36 19.47 2.97
C GLY C 225 2.65 20.80 3.23
N GLY C 226 2.31 21.06 4.49
CA GLY C 226 1.52 22.25 4.85
C GLY C 226 0.02 22.01 4.84
N GLY C 227 -0.68 22.67 5.78
CA GLY C 227 -2.11 22.55 5.94
C GLY C 227 -2.75 23.93 6.14
N PHE C 228 -2.36 24.60 7.23
CA PHE C 228 -2.73 26.00 7.53
C PHE C 228 -4.25 26.18 7.62
N GLY C 229 -4.98 25.09 7.86
CA GLY C 229 -6.46 25.16 7.99
C GLY C 229 -7.14 24.74 6.70
N GLY C 230 -6.39 24.79 5.61
CA GLY C 230 -7.02 24.56 4.29
C GLY C 230 -7.27 23.08 4.07
N LYS C 231 -6.72 22.27 4.95
CA LYS C 231 -6.94 20.83 4.94
C LYS C 231 -7.70 20.34 6.18
N GLU C 232 -8.34 21.29 6.88
CA GLU C 232 -9.20 20.95 8.02
C GLU C 232 -10.49 20.34 7.54
N THR C 233 -11.06 20.83 6.44
CA THR C 233 -12.30 20.22 5.92
C THR C 233 -12.34 20.05 4.41
N ARG C 234 -11.74 20.99 3.70
CA ARG C 234 -11.93 21.06 2.24
C ARG C 234 -11.15 19.96 1.50
N SER C 235 -10.28 19.27 2.22
CA SER C 235 -9.61 18.07 1.68
C SER C 235 -10.63 17.01 1.22
N THR C 236 -11.81 16.96 1.86
CA THR C 236 -12.85 15.99 1.47
C THR C 236 -13.41 16.18 0.06
N LEU C 237 -13.24 17.37 -0.50
CA LEU C 237 -13.65 17.58 -1.92
C LEU C 237 -12.95 16.62 -2.85
N VAL C 238 -11.64 16.44 -2.62
CA VAL C 238 -10.85 15.53 -3.43
C VAL C 238 -11.04 14.08 -2.95
N SER C 239 -10.91 13.84 -1.65
CA SER C 239 -10.98 12.48 -1.09
C SER C 239 -12.24 11.74 -1.51
N VAL C 240 -13.39 12.42 -1.48
CA VAL C 240 -14.66 11.73 -1.69
C VAL C 240 -14.78 11.36 -3.16
N ALA C 241 -14.36 12.28 -4.02
CA ALA C 241 -14.32 12.02 -5.47
C ALA C 241 -13.46 10.80 -5.82
N VAL C 242 -12.28 10.72 -5.23
CA VAL C 242 -11.33 9.66 -5.53
C VAL C 242 -11.85 8.31 -4.97
N ALA C 243 -12.45 8.35 -3.79
CA ALA C 243 -13.11 7.16 -3.19
C ALA C 243 -14.23 6.67 -4.12
N LEU C 244 -15.03 7.60 -4.63
CA LEU C 244 -16.03 7.20 -5.63
C LEU C 244 -15.38 6.49 -6.84
N ALA C 245 -14.30 7.06 -7.39
CA ALA C 245 -13.63 6.44 -8.55
C ALA C 245 -13.13 5.05 -8.23
N ALA C 246 -12.51 4.90 -7.05
CA ALA C 246 -12.08 3.60 -6.57
C ALA C 246 -13.23 2.60 -6.45
N TYR C 247 -14.33 3.06 -5.86
CA TYR C 247 -15.48 2.19 -5.68
C TYR C 247 -15.98 1.74 -7.05
N LYS C 248 -16.04 2.67 -7.99
CA LYS C 248 -16.69 2.40 -9.28
C LYS C 248 -15.83 1.52 -10.16
N THR C 249 -14.54 1.80 -10.20
CA THR C 249 -13.61 1.06 -11.06
C THR C 249 -13.12 -0.24 -10.44
N GLY C 250 -13.10 -0.31 -9.10
CA GLY C 250 -12.42 -1.39 -8.39
C GLY C 250 -10.90 -1.31 -8.42
N HIS C 251 -10.35 -0.22 -8.97
CA HIS C 251 -8.89 -0.02 -9.02
C HIS C 251 -8.47 0.98 -7.94
N PRO C 252 -7.22 0.90 -7.46
CA PRO C 252 -6.68 2.07 -6.76
C PRO C 252 -6.77 3.32 -7.65
N VAL C 253 -7.10 4.46 -7.06
CA VAL C 253 -7.19 5.74 -7.80
C VAL C 253 -6.51 6.83 -6.98
N ARG C 254 -5.86 7.79 -7.64
CA ARG C 254 -5.37 8.94 -6.90
C ARG C 254 -5.63 10.23 -7.65
N CYS C 255 -5.56 11.34 -6.91
CA CYS C 255 -5.61 12.66 -7.48
C CYS C 255 -4.72 13.56 -6.64
N MET C 256 -3.83 14.30 -7.29
CA MET C 256 -3.19 15.45 -6.65
C MET C 256 -3.56 16.70 -7.46
N LEU C 257 -4.02 17.75 -6.78
CA LEU C 257 -4.44 18.95 -7.50
C LEU C 257 -3.26 19.71 -8.03
N ASP C 258 -3.42 20.23 -9.26
CA ASP C 258 -2.55 21.29 -9.72
C ASP C 258 -2.86 22.57 -8.94
N ARG C 259 -1.88 23.46 -8.85
CA ARG C 259 -2.03 24.72 -8.07
C ARG C 259 -3.28 25.51 -8.48
N ASN C 260 -3.54 25.61 -9.80
CA ASN C 260 -4.66 26.42 -10.27
C ASN C 260 -6.03 25.86 -9.87
N GLU C 261 -6.13 24.53 -9.81
CA GLU C 261 -7.32 23.81 -9.34
C GLU C 261 -7.50 24.05 -7.86
N ASP C 262 -6.40 23.94 -7.15
CA ASP C 262 -6.43 24.06 -5.72
C ASP C 262 -6.90 25.47 -5.32
N MET C 263 -6.29 26.50 -5.89
CA MET C 263 -6.67 27.89 -5.58
C MET C 263 -8.13 28.21 -5.94
N LEU C 264 -8.64 27.62 -7.02
CA LEU C 264 -10.01 27.85 -7.43
C LEU C 264 -11.08 27.16 -6.55
N ILE C 265 -10.81 25.91 -6.22
CA ILE C 265 -11.85 24.98 -5.76
C ILE C 265 -11.97 24.96 -4.23
N THR C 266 -10.82 25.01 -3.57
CA THR C 266 -10.76 24.57 -2.17
C THR C 266 -11.00 25.61 -1.10
N GLY C 267 -11.20 26.88 -1.48
CA GLY C 267 -11.57 27.90 -0.49
C GLY C 267 -10.35 28.53 0.18
N GLY C 268 -10.53 29.70 0.76
CA GLY C 268 -9.43 30.34 1.47
C GLY C 268 -9.92 30.97 2.75
N ARG C 269 -9.14 31.94 3.22
CA ARG C 269 -9.56 32.78 4.33
C ARG C 269 -10.75 33.64 3.93
N HIS C 270 -11.66 33.87 4.88
CA HIS C 270 -12.80 34.75 4.71
C HIS C 270 -12.42 36.23 4.59
N PRO C 271 -12.76 36.87 3.47
CA PRO C 271 -12.73 38.33 3.45
C PRO C 271 -13.74 38.84 4.48
N PHE C 272 -13.48 39.99 5.09
CA PHE C 272 -14.42 40.58 6.04
C PHE C 272 -14.71 42.02 5.64
N LEU C 273 -15.95 42.44 5.85
CA LEU C 273 -16.31 43.85 5.79
C LEU C 273 -16.74 44.24 7.20
N ALA C 274 -16.26 45.38 7.68
CA ALA C 274 -16.65 45.87 8.98
C ALA C 274 -17.17 47.30 8.89
N ARG C 275 -18.26 47.56 9.62
CA ARG C 275 -18.73 48.93 9.82
C ARG C 275 -18.61 49.14 11.32
N TYR C 276 -17.90 50.20 11.70
CA TYR C 276 -17.55 50.45 13.11
C TYR C 276 -17.79 51.90 13.55
N LYS C 277 -18.06 52.04 14.85
CA LYS C 277 -18.13 53.34 15.52
C LYS C 277 -17.50 53.21 16.93
N VAL C 278 -16.52 54.06 17.21
CA VAL C 278 -15.86 54.11 18.52
C VAL C 278 -16.06 55.46 19.16
N GLY C 279 -16.33 55.43 20.47
CA GLY C 279 -16.40 56.63 21.29
C GLY C 279 -15.26 56.61 22.28
N PHE C 280 -14.62 57.76 22.44
CA PHE C 280 -13.43 57.87 23.25
C PHE C 280 -13.27 59.27 23.84
N MET C 281 -12.43 59.35 24.85
CA MET C 281 -12.11 60.61 25.52
C MET C 281 -10.96 61.31 24.82
N LYS C 282 -10.77 62.58 25.14
CA LYS C 282 -9.66 63.33 24.54
C LYS C 282 -8.29 62.78 24.99
N THR C 283 -8.32 61.95 26.03
CA THR C 283 -7.13 61.24 26.52
C THR C 283 -6.81 59.97 25.71
N GLY C 284 -7.73 59.53 24.86
CA GLY C 284 -7.50 58.33 24.09
C GLY C 284 -8.19 57.10 24.70
N THR C 285 -8.75 57.25 25.90
CA THR C 285 -9.46 56.17 26.58
C THR C 285 -10.76 55.83 25.85
N ILE C 286 -10.95 54.54 25.57
CA ILE C 286 -12.16 54.04 24.88
C ILE C 286 -13.30 53.89 25.86
N VAL C 287 -14.47 54.40 25.50
CA VAL C 287 -15.64 54.30 26.34
C VAL C 287 -16.79 53.57 25.64
N ALA C 288 -16.71 53.43 24.32
CA ALA C 288 -17.76 52.71 23.60
C ALA C 288 -17.31 52.24 22.24
N LEU C 289 -17.75 51.05 21.87
CA LEU C 289 -17.41 50.45 20.58
C LEU C 289 -18.58 49.66 20.00
N GLU C 290 -18.86 49.90 18.73
CA GLU C 290 -19.87 49.15 18.01
C GLU C 290 -19.23 48.67 16.70
N VAL C 291 -19.22 47.37 16.46
CA VAL C 291 -18.68 46.81 15.21
C VAL C 291 -19.63 45.77 14.64
N ASP C 292 -20.08 46.01 13.41
CA ASP C 292 -20.81 45.01 12.66
C ASP C 292 -19.84 44.37 11.66
N HIS C 293 -19.67 43.06 11.76
CA HIS C 293 -18.77 42.30 10.88
C HIS C 293 -19.62 41.53 9.86
N TYR C 294 -19.11 41.39 8.65
CA TYR C 294 -19.76 40.56 7.62
C TYR C 294 -18.63 39.76 6.97
N SER C 295 -18.77 38.43 6.93
CA SER C 295 -17.74 37.60 6.27
C SER C 295 -18.25 37.15 4.92
N ASN C 296 -17.35 37.01 3.95
CA ASN C 296 -17.74 36.38 2.69
C ASN C 296 -17.54 34.87 2.82
N ALA C 297 -18.62 34.15 3.09
CA ALA C 297 -18.56 32.71 3.38
C ALA C 297 -18.56 31.82 2.14
N GLY C 298 -19.03 32.35 1.02
CA GLY C 298 -19.08 31.56 -0.21
C GLY C 298 -20.27 30.60 -0.24
N ASN C 299 -20.16 29.51 -0.97
CA ASN C 299 -21.35 28.72 -1.33
C ASN C 299 -21.72 27.54 -0.44
N SER C 300 -21.18 27.49 0.77
CA SER C 300 -21.68 26.58 1.79
C SER C 300 -21.24 27.13 3.13
N ARG C 301 -21.82 26.61 4.21
CA ARG C 301 -21.51 27.06 5.55
C ARG C 301 -20.08 26.68 5.90
N ASP C 302 -19.75 25.37 5.80
CA ASP C 302 -18.42 24.89 6.22
C ASP C 302 -18.16 25.45 7.64
N LEU C 303 -16.98 25.99 7.89
CA LEU C 303 -16.62 26.50 9.24
C LEU C 303 -16.92 28.00 9.50
N SER C 304 -17.73 28.57 8.61
CA SER C 304 -17.95 30.04 8.62
C SER C 304 -18.56 30.53 9.94
N HIS C 305 -19.47 29.76 10.54
CA HIS C 305 -20.08 30.20 11.80
C HIS C 305 -19.04 30.29 12.92
N SER C 306 -18.22 29.25 13.03
CA SER C 306 -17.25 29.23 14.14
C SER C 306 -16.16 30.27 13.93
N ILE C 307 -15.87 30.55 12.67
CA ILE C 307 -14.91 31.59 12.35
C ILE C 307 -15.43 32.99 12.81
N MET C 308 -16.71 33.24 12.59
CA MET C 308 -17.31 34.50 13.02
C MET C 308 -17.37 34.61 14.54
N GLU C 309 -17.63 33.47 15.20
CA GLU C 309 -17.59 33.38 16.66
C GLU C 309 -16.20 33.80 17.16
N ARG C 310 -15.15 33.22 16.59
CA ARG C 310 -13.78 33.57 17.00
C ARG C 310 -13.49 35.05 16.74
N ALA C 311 -13.93 35.55 15.59
CA ALA C 311 -13.83 37.01 15.31
C ALA C 311 -14.44 37.85 16.43
N LEU C 312 -15.70 37.58 16.81
CA LEU C 312 -16.34 38.33 17.89
C LEU C 312 -15.56 38.19 19.21
N PHE C 313 -14.92 37.03 19.42
CA PHE C 313 -14.15 36.83 20.66
C PHE C 313 -12.90 37.66 20.69
N HIS C 314 -12.48 38.18 19.52
CA HIS C 314 -11.21 38.87 19.43
C HIS C 314 -11.33 40.35 19.03
N MET C 315 -12.57 40.85 18.95
CA MET C 315 -12.80 42.25 18.59
C MET C 315 -12.23 43.26 19.61
N ASP C 316 -11.88 42.80 20.82
CA ASP C 316 -11.22 43.64 21.86
C ASP C 316 -9.70 43.79 21.69
N ASN C 317 -9.12 42.88 20.91
CA ASN C 317 -7.70 42.59 21.02
C ASN C 317 -7.23 42.63 22.49
N CYS C 318 -6.35 43.56 22.83
CA CYS C 318 -5.78 43.62 24.19
C CYS C 318 -6.34 44.77 25.03
N TYR C 319 -7.49 45.28 24.62
CA TYR C 319 -8.03 46.52 25.18
C TYR C 319 -9.32 46.35 25.97
N LYS C 320 -9.34 46.97 27.15
CA LYS C 320 -10.50 47.01 28.00
C LYS C 320 -11.49 48.07 27.49
N ILE C 321 -12.70 47.63 27.16
CA ILE C 321 -13.75 48.47 26.54
C ILE C 321 -15.05 48.26 27.32
N PRO C 322 -15.45 49.23 28.16
CA PRO C 322 -16.59 48.98 29.05
C PRO C 322 -17.96 48.86 28.40
N ASN C 323 -18.15 49.49 27.25
CA ASN C 323 -19.42 49.43 26.55
C ASN C 323 -19.14 48.98 25.13
N ILE C 324 -19.59 47.77 24.80
CA ILE C 324 -19.21 47.14 23.54
C ILE C 324 -20.34 46.31 22.92
N ARG C 325 -20.45 46.37 21.61
CA ARG C 325 -21.37 45.49 20.91
C ARG C 325 -20.74 45.10 19.58
N GLY C 326 -20.54 43.80 19.41
CA GLY C 326 -20.05 43.27 18.14
C GLY C 326 -21.11 42.38 17.56
N THR C 327 -21.34 42.49 16.27
CA THR C 327 -22.25 41.58 15.58
C THR C 327 -21.52 40.95 14.37
N GLY C 328 -22.01 39.81 13.92
CA GLY C 328 -21.47 39.13 12.75
C GLY C 328 -22.55 38.51 11.91
N ARG C 329 -22.36 38.56 10.60
CA ARG C 329 -23.29 37.96 9.66
C ARG C 329 -22.45 37.23 8.63
N LEU C 330 -22.89 36.04 8.24
CA LEU C 330 -22.21 35.24 7.23
C LEU C 330 -22.87 35.44 5.90
N CYS C 331 -22.12 35.99 4.95
CA CYS C 331 -22.66 36.26 3.62
C CYS C 331 -22.62 35.04 2.71
N LYS C 332 -23.79 34.69 2.19
CA LYS C 332 -23.96 33.53 1.31
C LYS C 332 -23.78 34.02 -0.13
N THR C 333 -22.71 33.57 -0.76
CA THR C 333 -22.33 34.10 -2.08
C THR C 333 -21.93 32.98 -3.04
N ASN C 334 -21.88 33.35 -4.32
CA ASN C 334 -21.56 32.42 -5.39
C ASN C 334 -20.06 32.38 -5.64
N LEU C 335 -19.34 32.10 -4.54
CA LEU C 335 -17.90 31.87 -4.54
C LEU C 335 -17.60 30.53 -3.84
N SER C 336 -16.45 29.93 -4.17
CA SER C 336 -16.02 28.72 -3.47
C SER C 336 -16.12 29.00 -1.97
N SER C 337 -16.63 28.04 -1.23
CA SER C 337 -16.83 28.14 0.21
C SER C 337 -15.49 28.39 0.90
N ASN C 338 -15.46 29.45 1.68
CA ASN C 338 -14.24 29.77 2.41
C ASN C 338 -14.21 28.99 3.69
N THR C 339 -13.02 28.88 4.30
CA THR C 339 -12.83 27.85 5.28
C THR C 339 -11.88 28.34 6.39
N ALA C 340 -11.40 27.40 7.19
CA ALA C 340 -10.32 27.68 8.16
C ALA C 340 -9.02 28.11 7.47
N PHE C 341 -8.37 29.11 8.06
CA PHE C 341 -7.02 29.52 7.70
C PHE C 341 -6.43 30.06 9.01
N ARG C 342 -5.30 29.50 9.41
CA ARG C 342 -4.48 29.96 10.53
C ARG C 342 -4.93 31.29 11.10
N GLY C 343 -5.58 31.24 12.26
CA GLY C 343 -6.14 32.47 12.89
C GLY C 343 -7.65 32.45 12.97
N PHE C 344 -8.31 32.00 11.89
CA PHE C 344 -9.70 31.52 11.96
C PHE C 344 -10.65 32.63 12.41
N GLY C 345 -10.59 33.80 11.73
CA GLY C 345 -11.50 34.91 12.03
C GLY C 345 -10.85 35.87 12.98
N GLY C 346 -9.83 35.40 13.70
CA GLY C 346 -9.12 36.20 14.69
C GLY C 346 -8.37 37.36 14.05
N PRO C 347 -7.49 37.06 13.07
CA PRO C 347 -6.75 38.16 12.41
C PRO C 347 -7.64 39.24 11.85
N GLN C 348 -8.77 38.87 11.25
CA GLN C 348 -9.70 39.82 10.72
C GLN C 348 -10.24 40.80 11.77
N ALA C 349 -10.71 40.25 12.89
CA ALA C 349 -11.33 41.05 13.96
C ALA C 349 -10.27 41.86 14.68
N LEU C 350 -9.06 41.28 14.77
CA LEU C 350 -7.96 41.97 15.42
C LEU C 350 -7.48 43.11 14.55
N PHE C 351 -7.50 42.93 13.23
CA PHE C 351 -7.10 43.98 12.29
C PHE C 351 -8.13 45.13 12.36
N ILE C 352 -9.41 44.78 12.41
CA ILE C 352 -10.47 45.80 12.55
C ILE C 352 -10.26 46.63 13.83
N ALA C 353 -9.94 45.94 14.92
CA ALA C 353 -9.64 46.61 16.20
C ALA C 353 -8.48 47.57 16.10
N GLU C 354 -7.37 47.09 15.57
CA GLU C 354 -6.17 47.93 15.47
C GLU C 354 -6.38 49.12 14.54
N ASN C 355 -7.23 48.97 13.53
CA ASN C 355 -7.55 50.08 12.65
C ASN C 355 -8.27 51.22 13.39
N TRP C 356 -9.36 50.94 14.10
CA TRP C 356 -10.02 52.00 14.86
C TRP C 356 -9.10 52.53 15.96
N MET C 357 -8.29 51.64 16.56
CA MET C 357 -7.36 52.10 17.60
C MET C 357 -6.32 53.06 17.01
N SER C 358 -5.93 52.84 15.75
CA SER C 358 -4.96 53.72 15.08
C SER C 358 -5.59 55.11 14.87
N GLU C 359 -6.90 55.11 14.59
CA GLU C 359 -7.68 56.33 14.36
C GLU C 359 -7.95 57.12 15.63
N VAL C 360 -8.09 56.41 16.74
CA VAL C 360 -8.22 57.03 18.06
C VAL C 360 -6.97 57.85 18.39
N ALA C 361 -5.82 57.22 18.22
CA ALA C 361 -4.54 57.89 18.49
C ALA C 361 -4.35 59.12 17.59
N VAL C 362 -4.66 58.97 16.30
CA VAL C 362 -4.56 60.10 15.36
C VAL C 362 -5.51 61.24 15.77
N THR C 363 -6.76 60.91 16.06
CA THR C 363 -7.76 61.92 16.41
C THR C 363 -7.40 62.71 17.66
N CYS C 364 -6.82 62.02 18.63
CA CYS C 364 -6.45 62.59 19.92
C CYS C 364 -5.12 63.31 19.82
N GLY C 365 -4.42 63.11 18.72
CA GLY C 365 -3.10 63.69 18.54
C GLY C 365 -2.10 63.17 19.55
N LEU C 366 -2.22 61.90 19.93
CA LEU C 366 -1.33 61.29 20.93
C LEU C 366 -0.49 60.18 20.28
N PRO C 367 0.69 59.88 20.85
CA PRO C 367 1.53 58.81 20.30
C PRO C 367 0.79 57.48 20.40
N ALA C 368 0.86 56.67 19.34
CA ALA C 368 0.05 55.45 19.28
C ALA C 368 0.35 54.47 20.43
N GLU C 369 1.63 54.31 20.81
CA GLU C 369 1.99 53.35 21.88
C GLU C 369 1.29 53.73 23.16
N GLU C 370 1.13 55.03 23.36
CA GLU C 370 0.59 55.55 24.61
C GLU C 370 -0.89 55.28 24.71
N VAL C 371 -1.60 55.45 23.59
CA VAL C 371 -3.03 55.17 23.56
C VAL C 371 -3.27 53.66 23.75
N ARG C 372 -2.45 52.85 23.09
CA ARG C 372 -2.56 51.38 23.21
C ARG C 372 -2.37 50.96 24.67
N TRP C 373 -1.27 51.42 25.26
CA TRP C 373 -0.92 51.10 26.64
C TRP C 373 -2.00 51.48 27.64
N LYS C 374 -2.50 52.71 27.49
CA LYS C 374 -3.46 53.30 28.41
C LYS C 374 -4.78 52.53 28.37
N ASN C 375 -5.06 51.89 27.23
CA ASN C 375 -6.30 51.13 27.03
C ASN C 375 -6.19 49.60 27.29
N MET C 376 -4.98 49.15 27.56
CA MET C 376 -4.67 47.75 27.72
C MET C 376 -5.37 47.15 28.94
N TYR C 377 -5.83 45.90 28.81
CA TYR C 377 -6.32 45.15 29.95
C TYR C 377 -5.27 45.10 31.05
N LYS C 378 -5.71 44.86 32.27
CA LYS C 378 -4.80 44.58 33.40
C LYS C 378 -5.05 43.13 33.80
N GLU C 379 -4.05 42.53 34.45
CA GLU C 379 -4.16 41.19 35.05
C GLU C 379 -5.49 41.08 35.81
N GLY C 380 -6.29 40.09 35.43
CA GLY C 380 -7.53 39.80 36.15
C GLY C 380 -8.79 40.49 35.67
N ASP C 381 -8.66 41.42 34.72
CA ASP C 381 -9.83 41.97 34.03
C ASP C 381 -10.65 40.87 33.33
N LEU C 382 -11.93 41.13 33.14
CA LEU C 382 -12.80 40.32 32.28
C LEU C 382 -12.83 40.88 30.86
N THR C 383 -12.87 39.99 29.87
CA THR C 383 -13.06 40.38 28.49
C THR C 383 -14.51 40.82 28.26
N HIS C 384 -14.83 41.25 27.05
CA HIS C 384 -16.22 41.57 26.68
C HIS C 384 -17.17 40.38 26.74
N PHE C 385 -16.61 39.17 26.65
CA PHE C 385 -17.39 37.94 26.88
C PHE C 385 -17.22 37.40 28.29
N ASN C 386 -16.75 38.26 29.20
CA ASN C 386 -16.72 37.99 30.63
C ASN C 386 -15.80 36.87 31.10
N GLN C 387 -14.73 36.62 30.34
CA GLN C 387 -13.73 35.68 30.76
C GLN C 387 -12.55 36.42 31.37
N ARG C 388 -12.11 35.91 32.50
CA ARG C 388 -11.04 36.49 33.27
C ARG C 388 -9.66 36.25 32.63
N LEU C 389 -8.88 37.31 32.52
CA LEU C 389 -7.54 37.22 32.00
C LEU C 389 -6.54 36.90 33.11
N GLU C 390 -6.21 35.62 33.26
CA GLU C 390 -5.26 35.19 34.30
C GLU C 390 -3.88 34.93 33.68
N GLY C 391 -2.85 35.55 34.25
CA GLY C 391 -1.51 35.45 33.67
C GLY C 391 -1.43 36.26 32.38
N PHE C 392 -1.95 37.49 32.45
CA PHE C 392 -2.02 38.39 31.30
C PHE C 392 -0.62 38.99 31.08
N SER C 393 0.12 38.47 30.10
CA SER C 393 1.56 38.79 30.00
C SER C 393 1.88 39.92 29.00
N VAL C 394 0.85 40.46 28.35
CA VAL C 394 1.08 41.51 27.33
C VAL C 394 1.94 42.68 27.86
N PRO C 395 1.63 43.18 29.08
CA PRO C 395 2.48 44.26 29.60
C PRO C 395 3.97 43.90 29.60
N ARG C 396 4.33 42.70 30.04
CA ARG C 396 5.71 42.20 29.95
C ARG C 396 6.24 42.10 28.52
N CYS C 397 5.47 41.49 27.61
CA CYS C 397 5.90 41.43 26.20
C CYS C 397 6.14 42.85 25.67
N TRP C 398 5.26 43.78 26.03
CA TRP C 398 5.27 45.18 25.52
C TRP C 398 6.55 45.90 25.95
N ASP C 399 6.78 45.88 27.25
CA ASP C 399 7.96 46.51 27.86
C ASP C 399 9.23 45.93 27.28
N GLU C 400 9.31 44.61 27.21
CA GLU C 400 10.53 43.98 26.70
C GLU C 400 10.72 44.26 25.21
N CYS C 401 9.62 44.27 24.43
CA CYS C 401 9.75 44.55 23.00
C CYS C 401 10.14 46.03 22.77
N LEU C 402 9.55 46.93 23.55
CA LEU C 402 9.91 48.37 23.46
C LEU C 402 11.40 48.57 23.67
N LYS C 403 11.94 47.87 24.67
CA LYS C 403 13.33 47.99 25.02
C LYS C 403 14.28 47.36 24.01
N SER C 404 14.03 46.10 23.64
CA SER C 404 14.94 45.37 22.77
C SER C 404 14.88 45.86 21.33
N SER C 405 13.75 46.44 20.92
CA SER C 405 13.59 46.95 19.56
C SER C 405 14.15 48.35 19.51
N GLN C 406 14.48 48.91 20.68
CA GLN C 406 14.86 50.32 20.82
C GLN C 406 13.84 51.28 20.18
N TYR C 407 12.57 51.04 20.47
CA TYR C 407 11.46 51.71 19.80
C TYR C 407 11.55 53.24 19.79
N TYR C 408 11.82 53.84 20.96
CA TYR C 408 11.78 55.29 21.10
C TYR C 408 12.90 56.00 20.33
N ALA C 409 14.10 55.41 20.34
CA ALA C 409 15.24 55.94 19.61
C ALA C 409 15.02 55.81 18.11
N ARG C 410 14.48 54.67 17.70
CA ARG C 410 14.17 54.44 16.30
C ARG C 410 13.03 55.30 15.81
N LYS C 411 12.10 55.66 16.70
CA LYS C 411 11.00 56.58 16.35
C LYS C 411 11.57 57.94 15.97
N SER C 412 12.53 58.42 16.75
CA SER C 412 13.20 59.68 16.46
C SER C 412 13.99 59.64 15.14
N GLU C 413 14.57 58.49 14.79
CA GLU C 413 15.27 58.31 13.53
C GLU C 413 14.31 58.29 12.34
N VAL C 414 13.13 57.70 12.54
CA VAL C 414 12.10 57.66 11.51
C VAL C 414 11.65 59.09 11.21
N ASP C 415 11.41 59.86 12.27
CA ASP C 415 11.01 61.27 12.10
C ASP C 415 12.08 62.08 11.37
N LYS C 416 13.35 61.89 11.75
CA LYS C 416 14.49 62.52 11.06
C LYS C 416 14.53 62.16 9.56
N PHE C 417 14.28 60.89 9.26
CA PHE C 417 14.20 60.42 7.88
C PHE C 417 13.07 61.10 7.11
N ASN C 418 11.90 61.23 7.72
CA ASN C 418 10.76 61.81 7.02
C ASN C 418 10.93 63.32 6.80
N LYS C 419 11.67 63.96 7.71
CA LYS C 419 12.00 65.38 7.57
C LYS C 419 12.97 65.61 6.40
N GLU C 420 13.87 64.66 6.18
CA GLU C 420 14.91 64.81 5.19
C GLU C 420 14.54 64.28 3.81
N ASN C 421 13.41 63.57 3.73
CA ASN C 421 13.05 62.86 2.48
C ASN C 421 11.68 63.23 1.98
N CYS C 422 11.62 63.47 0.68
CA CYS C 422 10.41 63.98 0.09
C CYS C 422 9.57 62.89 -0.58
N TRP C 423 10.23 61.96 -1.24
CA TRP C 423 9.52 60.96 -2.06
C TRP C 423 9.62 59.52 -1.51
N LYS C 424 10.23 59.40 -0.33
CA LYS C 424 10.26 58.15 0.44
C LYS C 424 9.98 58.51 1.89
N LYS C 425 9.33 57.61 2.61
CA LYS C 425 8.98 57.85 4.00
C LYS C 425 9.05 56.55 4.80
N ARG C 426 9.40 56.66 6.08
CA ARG C 426 9.41 55.52 6.99
C ARG C 426 8.25 55.55 7.96
N GLY C 427 7.92 54.38 8.48
CA GLY C 427 6.88 54.25 9.48
C GLY C 427 7.29 53.17 10.45
N LEU C 428 6.77 53.28 11.68
CA LEU C 428 7.13 52.37 12.74
C LEU C 428 5.92 52.17 13.61
N CYS C 429 5.62 50.92 13.93
CA CYS C 429 4.47 50.66 14.76
C CYS C 429 4.70 49.47 15.67
N ILE C 430 4.17 49.57 16.88
CA ILE C 430 4.20 48.46 17.83
C ILE C 430 2.76 48.04 18.21
N ILE C 431 2.51 46.74 18.12
CA ILE C 431 1.19 46.15 18.11
C ILE C 431 1.22 44.96 19.08
N PRO C 432 0.21 44.85 19.96
CA PRO C 432 0.08 43.66 20.80
C PRO C 432 -0.92 42.67 20.20
N THR C 433 -0.94 41.46 20.73
CA THR C 433 -2.03 40.53 20.41
C THR C 433 -2.32 39.57 21.56
N LYS C 434 -3.59 39.17 21.67
CA LYS C 434 -3.97 37.98 22.43
C LYS C 434 -4.83 37.06 21.58
N PHE C 435 -4.75 35.76 21.82
CA PHE C 435 -5.44 34.79 20.99
C PHE C 435 -5.94 33.70 21.92
N GLY C 436 -7.25 33.49 21.96
CA GLY C 436 -7.86 32.51 22.84
C GLY C 436 -7.60 31.07 22.41
N ILE C 437 -7.26 30.22 23.36
CA ILE C 437 -6.83 28.85 23.07
C ILE C 437 -7.86 27.79 23.47
N SER C 438 -8.47 27.17 22.44
CA SER C 438 -9.39 26.01 22.50
C SER C 438 -10.33 26.15 21.32
N PHE C 439 -10.91 25.04 20.89
CA PHE C 439 -12.00 25.10 19.91
C PHE C 439 -13.17 25.80 20.62
N THR C 440 -13.82 26.74 19.95
CA THR C 440 -14.99 27.39 20.56
C THR C 440 -16.21 26.47 20.58
N VAL C 441 -16.12 25.34 19.88
CA VAL C 441 -17.08 24.25 20.06
C VAL C 441 -16.51 23.31 21.12
N PRO C 442 -17.15 23.25 22.32
CA PRO C 442 -16.60 22.49 23.43
C PRO C 442 -16.22 21.03 23.09
N PHE C 443 -17.08 20.31 22.36
CA PHE C 443 -16.82 18.86 22.16
C PHE C 443 -15.60 18.52 21.30
N LEU C 444 -15.04 19.49 20.59
CA LEU C 444 -13.86 19.20 19.80
C LEU C 444 -12.60 19.19 20.68
N ASN C 445 -12.75 19.66 21.91
CA ASN C 445 -11.63 19.71 22.86
C ASN C 445 -11.42 18.39 23.61
N GLN C 446 -11.13 17.35 22.82
CA GLN C 446 -10.86 15.99 23.28
C GLN C 446 -9.76 15.39 22.41
N ALA C 447 -8.98 14.49 22.98
CA ALA C 447 -7.81 13.95 22.31
C ALA C 447 -7.55 12.53 22.78
N GLY C 448 -7.19 11.64 21.83
CA GLY C 448 -6.79 10.28 22.21
C GLY C 448 -5.37 9.94 21.79
N ALA C 449 -4.75 9.02 22.54
CA ALA C 449 -3.51 8.40 22.12
C ALA C 449 -3.56 6.88 22.37
N LEU C 450 -2.65 6.17 21.70
CA LEU C 450 -2.51 4.75 21.88
C LEU C 450 -1.02 4.50 21.84
N ILE C 451 -0.51 3.89 22.91
CA ILE C 451 0.92 3.62 23.04
C ILE C 451 1.15 2.10 23.19
N HIS C 452 2.11 1.55 22.45
CA HIS C 452 2.52 0.17 22.66
C HIS C 452 3.99 0.19 22.98
N VAL C 453 4.37 -0.62 23.95
CA VAL C 453 5.77 -0.89 24.20
C VAL C 453 6.04 -2.33 23.73
N TYR C 454 6.92 -2.48 22.76
CA TYR C 454 7.29 -3.79 22.22
C TYR C 454 8.34 -4.45 23.13
N THR C 455 8.56 -5.75 22.95
CA THR C 455 9.38 -6.50 23.90
C THR C 455 10.87 -6.17 23.84
N ASP C 456 11.28 -5.40 22.84
CA ASP C 456 12.67 -4.90 22.81
C ASP C 456 12.82 -3.57 23.57
N GLY C 457 11.72 -3.11 24.16
CA GLY C 457 11.70 -1.81 24.83
C GLY C 457 11.41 -0.63 23.93
N SER C 458 11.39 -0.82 22.60
CA SER C 458 11.00 0.27 21.70
C SER C 458 9.49 0.58 21.82
N VAL C 459 9.14 1.85 21.64
CA VAL C 459 7.80 2.37 21.92
C VAL C 459 7.21 2.96 20.64
N LEU C 460 5.98 2.57 20.29
CA LEU C 460 5.27 3.17 19.20
C LEU C 460 4.14 4.00 19.77
N VAL C 461 4.19 5.28 19.47
CA VAL C 461 3.14 6.23 19.90
C VAL C 461 2.21 6.53 18.74
N SER C 462 0.91 6.47 18.99
CA SER C 462 -0.03 6.93 17.99
C SER C 462 -0.94 7.95 18.69
N HIS C 463 -1.24 9.05 18.01
CA HIS C 463 -2.17 10.03 18.58
C HIS C 463 -3.06 10.61 17.49
N GLY C 464 -4.11 11.34 17.87
CA GLY C 464 -5.17 11.80 16.91
C GLY C 464 -4.66 12.94 16.01
N GLY C 465 -3.57 13.57 16.43
CA GLY C 465 -2.96 14.69 15.67
C GLY C 465 -2.17 14.29 14.42
N THR C 466 -2.14 15.20 13.45
CA THR C 466 -1.39 15.02 12.22
C THR C 466 -0.23 16.01 12.14
N GLU C 467 0.82 15.62 11.41
CA GLU C 467 1.99 16.47 11.17
C GLU C 467 1.86 17.21 9.84
N MET C 468 1.95 18.54 9.90
CA MET C 468 1.82 19.36 8.69
C MET C 468 3.01 20.30 8.59
N GLY C 469 4.04 20.03 9.40
CA GLY C 469 5.29 20.78 9.39
C GLY C 469 5.53 21.50 10.71
N GLN C 470 4.50 21.51 11.57
CA GLN C 470 4.55 22.24 12.85
C GLN C 470 5.35 21.54 13.94
N GLY C 471 5.82 20.32 13.67
CA GLY C 471 6.64 19.59 14.64
C GLY C 471 5.82 18.99 15.76
N LEU C 472 4.56 18.65 15.49
CA LEU C 472 3.71 18.03 16.51
C LEU C 472 4.26 16.66 16.93
N HIS C 473 4.64 15.81 15.96
CA HIS C 473 5.18 14.48 16.33
C HIS C 473 6.48 14.62 17.14
N THR C 474 7.35 15.51 16.68
CA THR C 474 8.54 15.89 17.43
C THR C 474 8.21 16.22 18.89
N LYS C 475 7.28 17.13 19.13
CA LYS C 475 6.90 17.49 20.50
C LYS C 475 6.30 16.31 21.28
N MET C 476 5.53 15.47 20.59
CA MET C 476 4.90 14.31 21.28
C MET C 476 5.98 13.27 21.72
N VAL C 477 7.02 13.10 20.90
CA VAL C 477 8.13 12.22 21.25
C VAL C 477 8.87 12.82 22.44
N GLN C 478 9.09 14.15 22.41
CA GLN C 478 9.82 14.79 23.53
C GLN C 478 9.01 14.61 24.79
N VAL C 479 7.69 14.79 24.71
CA VAL C 479 6.81 14.59 25.88
C VAL C 479 6.85 13.13 26.41
N ALA C 480 6.65 12.17 25.50
CA ALA C 480 6.66 10.74 25.86
C ALA C 480 7.97 10.33 26.52
N SER C 481 9.10 10.75 25.91
CA SER C 481 10.42 10.52 26.47
C SER C 481 10.59 11.10 27.88
N LYS C 482 10.18 12.35 28.08
CA LYS C 482 10.24 12.93 29.44
C LYS C 482 9.36 12.13 30.42
N ALA C 483 8.13 11.84 30.01
CA ALA C 483 7.15 11.13 30.86
C ALA C 483 7.66 9.72 31.29
N LEU C 484 8.18 8.98 30.32
CA LEU C 484 8.61 7.58 30.55
C LEU C 484 10.01 7.50 31.11
N LYS C 485 10.72 8.63 31.10
CA LYS C 485 12.14 8.72 31.49
C LYS C 485 13.04 7.81 30.64
N ILE C 486 12.82 7.80 29.34
CA ILE C 486 13.69 7.06 28.42
C ILE C 486 14.13 8.02 27.30
N PRO C 487 15.22 7.68 26.56
CA PRO C 487 15.67 8.56 25.49
C PRO C 487 14.70 8.57 24.31
N ILE C 488 14.65 9.70 23.60
CA ILE C 488 13.80 9.85 22.40
C ILE C 488 14.05 8.81 21.32
N SER C 489 15.28 8.31 21.26
CA SER C 489 15.73 7.27 20.32
C SER C 489 14.92 5.98 20.48
N LYS C 490 14.23 5.83 21.61
CA LYS C 490 13.44 4.62 21.87
C LYS C 490 12.00 4.76 21.42
N ILE C 491 11.60 5.98 21.05
CA ILE C 491 10.21 6.27 20.71
C ILE C 491 10.07 6.55 19.23
N TYR C 492 8.95 6.14 18.64
CA TYR C 492 8.73 6.43 17.24
C TYR C 492 7.26 6.74 17.04
N ILE C 493 6.96 7.70 16.16
CA ILE C 493 5.60 7.90 15.69
C ILE C 493 5.66 7.74 14.18
N SER C 494 4.79 6.89 13.65
CA SER C 494 4.78 6.57 12.24
C SER C 494 3.79 7.38 11.41
N GLU C 495 2.56 7.54 11.91
CA GLU C 495 1.49 8.15 11.15
C GLU C 495 0.28 8.32 12.04
N THR C 496 -0.73 8.94 11.47
CA THR C 496 -1.99 9.13 12.14
C THR C 496 -2.97 8.28 11.37
N SER C 497 -3.76 7.47 12.09
CA SER C 497 -4.66 6.56 11.38
C SER C 497 -5.96 6.36 12.15
N THR C 498 -7.07 6.17 11.45
CA THR C 498 -8.36 6.08 12.11
C THR C 498 -8.57 4.75 12.84
N ASN C 499 -7.74 3.75 12.56
CA ASN C 499 -7.86 2.46 13.22
C ASN C 499 -6.96 2.34 14.44
N THR C 500 -6.21 3.39 14.76
CA THR C 500 -5.45 3.42 16.03
C THR C 500 -6.10 4.37 17.03
N VAL C 501 -6.42 5.59 16.58
CA VAL C 501 -7.16 6.52 17.42
C VAL C 501 -8.41 6.96 16.63
N PRO C 502 -9.60 6.61 17.11
CA PRO C 502 -10.80 6.95 16.36
C PRO C 502 -11.42 8.29 16.80
N ASN C 503 -12.32 8.81 15.98
CA ASN C 503 -13.09 10.02 16.33
C ASN C 503 -12.27 11.24 16.72
N SER C 504 -11.12 11.42 16.07
CA SER C 504 -10.24 12.55 16.36
C SER C 504 -10.81 13.87 15.83
N SER C 505 -10.63 14.92 16.61
CA SER C 505 -10.90 16.27 16.14
C SER C 505 -9.86 16.60 15.05
N PRO C 506 -10.16 17.56 14.15
CA PRO C 506 -9.17 18.01 13.17
C PRO C 506 -7.93 18.53 13.91
N THR C 507 -6.74 18.40 13.30
CA THR C 507 -5.55 18.95 13.91
C THR C 507 -5.65 20.45 13.63
N ALA C 508 -6.10 21.18 14.65
CA ALA C 508 -6.53 22.57 14.47
C ALA C 508 -6.59 23.33 15.79
N ALA C 509 -6.88 24.63 15.67
CA ALA C 509 -7.11 25.54 16.78
C ALA C 509 -5.87 25.74 17.63
N SER C 510 -4.69 25.41 17.06
CA SER C 510 -3.41 25.46 17.78
C SER C 510 -3.31 24.63 19.07
N VAL C 511 -4.29 23.78 19.33
CA VAL C 511 -4.31 23.10 20.62
C VAL C 511 -3.73 21.67 20.61
N SER C 512 -3.13 21.27 19.50
CA SER C 512 -2.79 19.85 19.34
C SER C 512 -1.74 19.40 20.33
N THR C 513 -0.73 20.24 20.50
CA THR C 513 0.37 19.95 21.47
C THR C 513 -0.24 19.81 22.87
N ASP C 514 -1.11 20.75 23.22
CA ASP C 514 -1.84 20.75 24.48
C ASP C 514 -2.62 19.46 24.68
N ILE C 515 -3.47 19.11 23.73
CA ILE C 515 -4.42 18.04 24.03
C ILE C 515 -3.86 16.65 23.75
N TYR C 516 -3.16 16.47 22.63
CA TYR C 516 -2.43 15.22 22.40
C TYR C 516 -1.28 15.03 23.39
N GLY C 517 -0.66 16.14 23.83
CA GLY C 517 0.37 16.08 24.90
C GLY C 517 -0.17 15.44 26.17
N GLN C 518 -1.34 15.89 26.63
CA GLN C 518 -1.98 15.24 27.76
C GLN C 518 -2.37 13.78 27.53
N ALA C 519 -2.94 13.46 26.36
CA ALA C 519 -3.33 12.09 26.06
C ALA C 519 -2.12 11.15 26.08
N VAL C 520 -1.00 11.61 25.51
CA VAL C 520 0.23 10.84 25.45
C VAL C 520 0.80 10.67 26.86
N TYR C 521 0.82 11.79 27.60
CA TYR C 521 1.24 11.79 29.01
C TYR C 521 0.45 10.78 29.84
N GLU C 522 -0.88 10.80 29.72
CA GLU C 522 -1.72 9.84 30.44
C GLU C 522 -1.42 8.38 30.06
N ALA C 523 -1.24 8.10 28.77
CA ALA C 523 -0.93 6.76 28.34
C ALA C 523 0.39 6.33 28.96
N CYS C 524 1.32 7.27 28.98
CA CYS C 524 2.64 7.05 29.56
C CYS C 524 2.53 6.76 31.06
N GLN C 525 1.65 7.48 31.75
CA GLN C 525 1.40 7.22 33.18
C GLN C 525 0.84 5.83 33.42
N THR C 526 -0.02 5.35 32.54
CA THR C 526 -0.53 3.99 32.67
C THR C 526 0.59 2.95 32.52
N ILE C 527 1.41 3.11 31.49
CA ILE C 527 2.57 2.23 31.30
C ILE C 527 3.48 2.21 32.53
N LEU C 528 3.85 3.40 33.01
CA LEU C 528 4.63 3.52 34.26
C LEU C 528 4.02 2.80 35.47
N LYS C 529 2.72 2.97 35.71
CA LYS C 529 2.05 2.25 36.82
C LYS C 529 2.17 0.73 36.64
N ARG C 530 1.98 0.23 35.41
CA ARG C 530 2.09 -1.22 35.17
C ARG C 530 3.53 -1.74 35.30
N LEU C 531 4.52 -0.91 34.97
CA LEU C 531 5.90 -1.35 35.08
C LEU C 531 6.44 -1.19 36.51
N GLU C 532 5.75 -0.41 37.34
CA GLU C 532 6.29 -0.04 38.68
C GLU C 532 6.71 -1.27 39.55
N PRO C 533 5.88 -2.32 39.61
CA PRO C 533 6.26 -3.51 40.38
C PRO C 533 7.58 -4.14 39.93
N PHE C 534 7.88 -4.05 38.63
CA PHE C 534 9.11 -4.64 38.06
C PHE C 534 10.35 -3.79 38.32
N LYS C 535 10.16 -2.47 38.31
CA LYS C 535 11.19 -1.52 38.72
C LYS C 535 11.47 -1.70 40.21
N LYS C 536 10.41 -1.88 41.00
CA LYS C 536 10.55 -2.11 42.44
C LYS C 536 11.42 -3.33 42.73
N LYS C 537 11.16 -4.42 42.00
CA LYS C 537 11.90 -5.67 42.14
C LYS C 537 13.33 -5.57 41.61
N ASN C 538 13.54 -4.78 40.56
CA ASN C 538 14.83 -4.69 39.90
C ASN C 538 15.23 -3.21 39.67
N PRO C 539 15.46 -2.45 40.77
CA PRO C 539 15.60 -0.99 40.62
C PRO C 539 16.85 -0.53 39.87
N ASP C 540 17.85 -1.42 39.76
CA ASP C 540 19.07 -1.10 39.03
C ASP C 540 19.11 -1.73 37.65
N GLY C 541 17.99 -2.33 37.24
CA GLY C 541 17.87 -2.89 35.91
C GLY C 541 17.55 -1.83 34.86
N SER C 542 17.50 -2.25 33.61
CA SER C 542 17.25 -1.34 32.50
C SER C 542 15.77 -1.32 32.13
N TRP C 543 15.39 -0.30 31.39
CA TRP C 543 14.07 -0.20 30.80
C TRP C 543 13.75 -1.55 30.14
N GLU C 544 14.68 -2.06 29.35
CA GLU C 544 14.46 -3.31 28.60
C GLU C 544 14.21 -4.48 29.53
N ASP C 545 14.94 -4.53 30.65
CA ASP C 545 14.73 -5.55 31.66
C ASP C 545 13.31 -5.49 32.21
N TRP C 546 12.88 -4.28 32.55
CA TRP C 546 11.57 -4.09 33.14
C TRP C 546 10.50 -4.51 32.16
N VAL C 547 10.63 -4.09 30.92
CA VAL C 547 9.65 -4.42 29.88
C VAL C 547 9.52 -5.92 29.64
N MET C 548 10.66 -6.61 29.51
CA MET C 548 10.64 -8.06 29.32
C MET C 548 10.03 -8.79 30.51
N ALA C 549 10.34 -8.36 31.73
CA ALA C 549 9.75 -8.99 32.90
C ALA C 549 8.24 -8.78 32.93
N ALA C 550 7.80 -7.59 32.56
CA ALA C 550 6.38 -7.34 32.51
C ALA C 550 5.72 -8.23 31.46
N TYR C 551 6.34 -8.34 30.29
CA TYR C 551 5.81 -9.19 29.23
C TYR C 551 5.68 -10.65 29.74
N GLN C 552 6.71 -11.13 30.42
CA GLN C 552 6.78 -12.53 30.88
C GLN C 552 5.85 -12.80 32.06
N ASP C 553 5.38 -11.74 32.71
CA ASP C 553 4.40 -11.80 33.78
C ASP C 553 2.99 -11.54 33.28
N ARG C 554 2.86 -11.38 31.95
CA ARG C 554 1.57 -11.18 31.30
C ARG C 554 0.87 -9.92 31.79
N VAL C 555 1.65 -8.84 31.85
CA VAL C 555 1.12 -7.50 32.10
C VAL C 555 1.08 -6.80 30.74
N SER C 556 -0.07 -6.21 30.39
CA SER C 556 -0.25 -5.58 29.06
C SER C 556 0.69 -4.38 28.90
N LEU C 557 1.33 -4.27 27.74
CA LEU C 557 2.21 -3.14 27.49
C LEU C 557 1.58 -2.20 26.42
N SER C 558 0.26 -2.13 26.41
CA SER C 558 -0.48 -1.31 25.46
C SER C 558 -1.60 -0.60 26.17
N THR C 559 -1.75 0.69 25.90
CA THR C 559 -2.85 1.39 26.54
C THR C 559 -3.25 2.60 25.74
N THR C 560 -4.51 3.00 25.90
CA THR C 560 -5.01 4.28 25.44
C THR C 560 -4.69 5.37 26.49
N GLY C 561 -4.67 6.63 26.04
CA GLY C 561 -4.73 7.79 26.92
C GLY C 561 -5.76 8.72 26.31
N PHE C 562 -6.36 9.57 27.13
CA PHE C 562 -7.41 10.48 26.65
C PHE C 562 -7.40 11.71 27.51
N TYR C 563 -7.70 12.85 26.88
CA TYR C 563 -7.78 14.15 27.57
C TYR C 563 -8.97 14.92 27.03
N ARG C 564 -9.65 15.62 27.94
CA ARG C 564 -10.85 16.43 27.70
C ARG C 564 -10.54 17.76 28.42
N THR C 565 -10.40 18.86 27.67
CA THR C 565 -10.09 20.17 28.29
C THR C 565 -11.20 20.57 29.27
N PRO C 566 -10.84 20.85 30.54
CA PRO C 566 -11.87 21.08 31.53
C PRO C 566 -12.42 22.51 31.50
N ASN C 567 -13.63 22.65 32.04
CA ASN C 567 -14.25 23.93 32.34
C ASN C 567 -14.51 24.82 31.15
N LEU C 568 -14.87 24.24 30.01
CA LEU C 568 -15.16 25.01 28.82
C LEU C 568 -16.66 25.01 28.54
N GLY C 569 -17.18 26.16 28.12
CA GLY C 569 -18.56 26.24 27.70
C GLY C 569 -19.13 27.63 27.81
N TYR C 570 -18.86 28.45 26.80
CA TYR C 570 -19.39 29.81 26.76
C TYR C 570 -20.82 29.79 26.27
N SER C 571 -21.67 30.63 26.86
CA SER C 571 -23.04 30.77 26.41
C SER C 571 -23.25 32.16 25.80
N PHE C 572 -23.74 32.21 24.56
CA PHE C 572 -24.12 33.48 23.94
C PHE C 572 -25.41 34.05 24.54
N GLU C 573 -26.12 33.23 25.33
CA GLU C 573 -27.41 33.62 25.95
C GLU C 573 -27.20 34.30 27.30
N THR C 574 -26.16 33.90 28.01
CA THR C 574 -25.86 34.44 29.33
C THR C 574 -24.59 35.32 29.30
N ASN C 575 -23.91 35.29 28.15
CA ASN C 575 -22.59 35.91 27.98
C ASN C 575 -21.68 35.52 29.14
N SER C 576 -21.55 34.21 29.37
CA SER C 576 -20.76 33.71 30.50
C SER C 576 -20.34 32.29 30.17
N GLY C 577 -19.44 31.74 30.99
CA GLY C 577 -18.79 30.44 30.71
C GLY C 577 -17.50 30.64 29.92
N ASN C 578 -16.48 29.83 30.18
CA ASN C 578 -15.19 30.00 29.51
C ASN C 578 -15.25 29.57 28.06
N ALA C 579 -14.91 30.47 27.15
CA ALA C 579 -14.78 30.12 25.75
C ALA C 579 -13.42 29.48 25.53
N PHE C 580 -12.43 29.91 26.32
CA PHE C 580 -11.06 29.43 26.13
C PHE C 580 -10.42 28.91 27.39
N HIS C 581 -9.39 28.08 27.19
CA HIS C 581 -8.64 27.53 28.30
C HIS C 581 -7.67 28.54 28.88
N TYR C 582 -7.03 29.31 27.99
CA TYR C 582 -6.12 30.39 28.35
C TYR C 582 -5.85 31.19 27.06
N PHE C 583 -5.00 32.19 27.19
CA PHE C 583 -4.64 33.02 26.04
C PHE C 583 -3.14 33.00 25.79
N THR C 584 -2.76 33.03 24.51
CA THR C 584 -1.36 33.21 24.10
C THR C 584 -1.20 34.68 23.69
N TYR C 585 -0.07 35.28 24.09
CA TYR C 585 0.15 36.75 23.96
C TYR C 585 1.46 37.05 23.24
N GLY C 586 1.55 38.22 22.62
CA GLY C 586 2.74 38.60 21.89
C GLY C 586 2.69 40.06 21.50
N VAL C 587 3.83 40.60 21.12
CA VAL C 587 3.96 42.00 20.71
C VAL C 587 4.98 42.04 19.61
N ALA C 588 4.71 42.85 18.58
CA ALA C 588 5.63 43.02 17.48
C ALA C 588 5.78 44.47 17.15
N CYS C 589 7.02 44.87 16.88
CA CYS C 589 7.36 46.19 16.41
C CYS C 589 7.95 46.04 15.02
N SER C 590 7.43 46.78 14.05
CA SER C 590 7.97 46.73 12.69
C SER C 590 8.21 48.13 12.11
N GLU C 591 9.26 48.22 11.30
CA GLU C 591 9.62 49.45 10.61
C GLU C 591 9.67 49.20 9.11
N VAL C 592 9.12 50.15 8.34
CA VAL C 592 9.11 50.04 6.88
C VAL C 592 9.54 51.34 6.22
N GLU C 593 10.01 51.24 4.98
CA GLU C 593 10.24 52.42 4.16
C GLU C 593 9.37 52.24 2.92
N ILE C 594 8.54 53.23 2.62
CA ILE C 594 7.73 53.20 1.40
C ILE C 594 8.33 54.11 0.31
N ASP C 595 8.06 53.75 -0.95
CA ASP C 595 8.43 54.57 -2.08
C ASP C 595 7.13 55.22 -2.47
N CYS C 596 7.01 56.50 -2.13
CA CYS C 596 5.76 57.23 -2.32
C CYS C 596 5.41 57.42 -3.77
N LEU C 597 6.41 57.28 -4.66
CA LEU C 597 6.23 57.42 -6.11
C LEU C 597 5.76 56.13 -6.81
N THR C 598 5.97 54.98 -6.19
CA THR C 598 5.68 53.70 -6.84
C THR C 598 4.75 52.83 -6.01
N GLY C 599 4.77 53.02 -4.70
CA GLY C 599 3.96 52.20 -3.80
C GLY C 599 4.64 50.93 -3.31
N ASP C 600 5.88 50.72 -3.75
CA ASP C 600 6.72 49.63 -3.25
C ASP C 600 7.17 50.00 -1.84
N HIS C 601 7.61 49.00 -1.09
CA HIS C 601 8.11 49.24 0.26
C HIS C 601 9.13 48.18 0.65
N LYS C 602 9.93 48.50 1.66
CA LYS C 602 10.95 47.61 2.21
C LYS C 602 10.58 47.39 3.66
N ASN C 603 10.60 46.13 4.08
CA ASN C 603 10.47 45.78 5.48
C ASN C 603 11.86 45.86 6.09
N LEU C 604 12.05 46.84 6.97
CA LEU C 604 13.41 47.15 7.44
C LEU C 604 13.82 46.34 8.65
N ARG C 605 12.93 46.28 9.64
CA ARG C 605 13.23 45.61 10.89
C ARG C 605 11.96 45.22 11.58
N THR C 606 11.97 44.03 12.17
CA THR C 606 10.84 43.57 12.98
C THR C 606 11.39 42.93 14.24
N ASP C 607 10.81 43.29 15.38
CA ASP C 607 11.13 42.66 16.65
C ASP C 607 9.87 42.08 17.22
N ILE C 608 9.92 40.81 17.60
CA ILE C 608 8.81 40.13 18.23
C ILE C 608 9.13 39.58 19.62
N VAL C 609 8.25 39.80 20.58
CA VAL C 609 8.32 39.09 21.85
C VAL C 609 7.03 38.31 22.05
N MET C 610 7.19 36.98 22.18
CA MET C 610 6.05 36.06 22.29
C MET C 610 6.04 35.27 23.60
N ASP C 611 4.87 35.27 24.25
CA ASP C 611 4.59 34.43 25.43
C ASP C 611 4.08 33.06 25.00
N VAL C 612 4.97 32.08 25.04
CA VAL C 612 4.60 30.71 24.70
C VAL C 612 4.70 29.82 25.94
N GLY C 613 4.60 30.45 27.11
CA GLY C 613 4.89 29.77 28.37
C GLY C 613 6.29 29.16 28.40
N SER C 614 6.43 27.99 29.01
CA SER C 614 7.70 27.28 29.03
C SER C 614 7.73 26.37 27.81
N SER C 615 8.43 26.82 26.78
CA SER C 615 8.41 26.14 25.48
C SER C 615 8.89 24.68 25.57
N LEU C 616 8.15 23.76 24.96
CA LEU C 616 8.60 22.36 24.85
C LEU C 616 9.82 22.26 23.95
N ASN C 617 9.95 23.22 23.02
CA ASN C 617 11.00 23.19 22.01
C ASN C 617 11.11 24.60 21.42
N PRO C 618 12.05 25.41 21.93
CA PRO C 618 12.26 26.80 21.52
C PRO C 618 12.54 26.94 20.03
N ALA C 619 13.19 25.96 19.42
CA ALA C 619 13.51 26.08 18.01
C ALA C 619 12.24 25.94 17.16
N ILE C 620 11.42 24.94 17.51
CA ILE C 620 10.17 24.75 16.84
C ILE C 620 9.24 25.95 17.12
N ASP C 621 9.22 26.45 18.34
CA ASP C 621 8.29 27.55 18.69
C ASP C 621 8.70 28.89 18.07
N ILE C 622 10.00 29.17 18.06
CA ILE C 622 10.52 30.32 17.29
C ILE C 622 10.18 30.19 15.81
N GLY C 623 10.37 28.99 15.26
CA GLY C 623 9.97 28.70 13.87
C GLY C 623 8.49 28.95 13.59
N GLN C 624 7.62 28.59 14.53
CA GLN C 624 6.19 28.87 14.39
C GLN C 624 5.87 30.37 14.44
N VAL C 625 6.53 31.10 15.35
CA VAL C 625 6.35 32.56 15.39
C VAL C 625 6.74 33.20 14.06
N GLU C 626 7.93 32.85 13.57
CA GLU C 626 8.45 33.41 12.32
C GLU C 626 7.54 33.07 11.13
N GLY C 627 7.12 31.81 11.02
CA GLY C 627 6.30 31.38 9.87
C GLY C 627 4.91 32.04 9.90
N ALA C 628 4.33 32.09 11.09
CA ALA C 628 3.00 32.65 11.26
C ALA C 628 3.07 34.18 10.98
N PHE C 629 4.10 34.85 11.53
CA PHE C 629 4.26 36.28 11.28
C PHE C 629 4.37 36.57 9.79
N VAL C 630 5.16 35.78 9.06
CA VAL C 630 5.36 36.02 7.63
C VAL C 630 4.05 35.76 6.83
N GLN C 631 3.28 34.76 7.24
CA GLN C 631 1.97 34.55 6.59
C GLN C 631 1.04 35.74 6.83
N GLY C 632 1.18 36.38 7.98
CA GLY C 632 0.37 37.56 8.30
C GLY C 632 0.86 38.76 7.54
N LEU C 633 2.19 38.88 7.38
CA LEU C 633 2.79 39.88 6.53
C LEU C 633 2.25 39.76 5.10
N GLY C 634 2.13 38.52 4.62
CA GLY C 634 1.50 38.23 3.30
C GLY C 634 0.05 38.68 3.25
N LEU C 635 -0.74 38.25 4.24
CA LEU C 635 -2.15 38.60 4.30
C LEU C 635 -2.39 40.13 4.22
N PHE C 636 -1.62 40.89 4.98
CA PHE C 636 -1.88 42.31 5.11
C PHE C 636 -1.20 43.20 4.04
N THR C 637 -0.24 42.65 3.30
CA THR C 637 0.59 43.53 2.44
C THR C 637 0.96 43.02 1.04
N LEU C 638 0.83 41.72 0.78
CA LEU C 638 1.32 41.17 -0.48
C LEU C 638 0.23 40.42 -1.22
N GLU C 639 -0.52 39.61 -0.49
CA GLU C 639 -1.39 38.60 -1.05
C GLU C 639 -2.74 39.16 -1.41
N GLU C 640 -3.09 39.08 -2.68
CA GLU C 640 -4.35 39.67 -3.07
C GLU C 640 -5.05 38.77 -4.09
N LEU C 641 -6.25 38.33 -3.74
CA LEU C 641 -7.04 37.52 -4.70
C LEU C 641 -7.94 38.44 -5.46
N HIS C 642 -8.13 38.14 -6.75
CA HIS C 642 -8.82 39.05 -7.66
C HIS C 642 -9.76 38.26 -8.58
N TYR C 643 -11.00 38.72 -8.68
CA TYR C 643 -12.05 38.03 -9.41
C TYR C 643 -12.59 38.88 -10.54
N SER C 644 -12.94 38.23 -11.64
CA SER C 644 -13.72 38.92 -12.67
C SER C 644 -15.06 39.43 -12.11
N PRO C 645 -15.71 40.39 -12.81
CA PRO C 645 -17.02 40.82 -12.32
C PRO C 645 -18.04 39.69 -12.36
N GLU C 646 -17.76 38.67 -13.16
CA GLU C 646 -18.61 37.49 -13.22
C GLU C 646 -18.25 36.46 -12.12
N GLY C 647 -17.27 36.77 -11.28
CA GLY C 647 -16.98 35.92 -10.13
C GLY C 647 -15.96 34.82 -10.36
N SER C 648 -15.16 34.96 -11.41
CA SER C 648 -14.13 33.96 -11.75
C SER C 648 -12.78 34.43 -11.25
N LEU C 649 -12.11 33.59 -10.46
CA LEU C 649 -10.81 33.92 -9.88
C LEU C 649 -9.76 34.13 -10.98
N HIS C 650 -9.09 35.28 -10.96
CA HIS C 650 -8.03 35.58 -11.91
C HIS C 650 -6.69 35.09 -11.42
N THR C 651 -6.51 35.12 -10.10
CA THR C 651 -5.21 34.89 -9.50
C THR C 651 -5.10 33.42 -9.08
N ARG C 652 -4.54 32.59 -9.98
CA ARG C 652 -4.55 31.13 -9.80
C ARG C 652 -3.18 30.46 -9.78
N GLY C 653 -2.13 31.22 -9.46
CA GLY C 653 -0.81 30.62 -9.37
C GLY C 653 0.17 31.65 -8.86
N PRO C 654 1.44 31.25 -8.67
CA PRO C 654 2.42 32.16 -8.07
C PRO C 654 2.81 33.36 -8.96
N SER C 655 2.43 33.34 -10.24
CA SER C 655 2.73 34.47 -11.14
C SER C 655 1.81 35.66 -10.89
N THR C 656 0.60 35.37 -10.41
CA THR C 656 -0.44 36.40 -10.18
C THR C 656 -0.84 36.47 -8.71
N TYR C 657 -0.32 35.56 -7.90
CA TYR C 657 -0.58 35.61 -6.47
C TYR C 657 0.74 35.51 -5.72
N LYS C 658 1.05 36.54 -4.94
CA LYS C 658 2.39 36.73 -4.45
C LYS C 658 2.45 36.48 -2.98
N ILE C 659 2.92 35.30 -2.59
CA ILE C 659 3.17 35.02 -1.18
C ILE C 659 4.55 35.57 -0.85
N PRO C 660 4.84 35.81 0.44
CA PRO C 660 6.17 36.33 0.75
C PRO C 660 7.29 35.45 0.23
N ALA C 661 8.35 36.10 -0.21
CA ALA C 661 9.50 35.44 -0.83
C ALA C 661 10.71 35.65 0.07
N PHE C 662 11.83 34.97 -0.20
CA PHE C 662 13.06 35.19 0.58
C PHE C 662 13.35 36.68 0.77
N GLY C 663 13.22 37.44 -0.31
CA GLY C 663 13.49 38.89 -0.30
C GLY C 663 12.40 39.73 0.34
N SER C 664 11.33 39.10 0.82
CA SER C 664 10.20 39.85 1.40
C SER C 664 10.32 40.10 2.88
N ILE C 665 11.16 39.32 3.55
CA ILE C 665 11.18 39.34 5.01
C ILE C 665 11.96 40.55 5.51
N PRO C 666 11.63 41.03 6.72
CA PRO C 666 12.34 42.15 7.33
C PRO C 666 13.85 41.92 7.34
N THR C 667 14.60 42.93 6.92
CA THR C 667 16.05 42.84 6.82
C THR C 667 16.68 42.40 8.15
N GLU C 668 16.21 42.99 9.24
CA GLU C 668 16.60 42.59 10.60
C GLU C 668 15.35 42.00 11.22
N PHE C 669 15.41 40.75 11.63
CA PHE C 669 14.20 39.98 11.97
C PHE C 669 14.47 39.22 13.27
N ARG C 670 14.00 39.76 14.39
CA ARG C 670 14.31 39.21 15.70
C ARG C 670 13.09 38.69 16.45
N VAL C 671 13.21 37.47 16.96
CA VAL C 671 12.15 36.88 17.75
C VAL C 671 12.70 36.42 19.09
N SER C 672 12.01 36.76 20.17
CA SER C 672 12.33 36.29 21.51
C SER C 672 11.10 35.66 22.13
N LEU C 673 11.31 34.59 22.88
CA LEU C 673 10.23 33.99 23.63
C LEU C 673 10.38 34.55 25.03
N LEU C 674 9.26 34.94 25.63
CA LEU C 674 9.28 35.50 26.97
C LEU C 674 9.78 34.48 27.97
N ARG C 675 10.57 34.94 28.94
CA ARG C 675 11.21 34.06 29.92
C ARG C 675 10.45 34.02 31.24
N ASP C 676 10.65 32.93 31.99
CA ASP C 676 10.03 32.73 33.30
C ASP C 676 8.54 33.04 33.34
N CYS C 677 7.79 32.48 32.38
CA CYS C 677 6.33 32.57 32.39
C CYS C 677 5.65 31.20 32.18
N PRO C 678 5.83 30.25 33.11
CA PRO C 678 5.16 28.95 32.96
C PRO C 678 3.64 29.06 32.91
N ASN C 679 3.01 28.28 32.04
CA ASN C 679 1.56 28.18 31.95
C ASN C 679 0.99 26.94 32.68
N LYS C 680 0.38 27.18 33.83
CA LYS C 680 -0.21 26.10 34.66
C LYS C 680 -1.23 25.24 33.94
N LYS C 681 -1.82 25.80 32.89
CA LYS C 681 -2.97 25.20 32.25
C LYS C 681 -2.67 24.18 31.15
N ALA C 682 -1.41 24.06 30.74
CA ALA C 682 -1.10 23.11 29.66
C ALA C 682 0.14 22.28 29.93
N ILE C 683 0.36 21.32 29.05
CA ILE C 683 1.40 20.26 29.19
C ILE C 683 2.82 20.81 29.42
N TYR C 684 3.41 20.38 30.54
CA TYR C 684 4.73 20.85 30.98
C TYR C 684 4.90 22.39 30.90
N ALA C 685 3.85 23.13 31.25
CA ALA C 685 3.84 24.59 31.35
C ALA C 685 3.97 25.39 30.03
N SER C 686 3.76 24.73 28.89
CA SER C 686 3.84 25.33 27.57
C SER C 686 2.54 26.05 27.15
N LYS C 687 2.58 26.78 26.04
CA LYS C 687 1.36 27.36 25.48
C LYS C 687 1.32 27.07 23.99
N ALA C 688 0.12 26.97 23.46
CA ALA C 688 -0.13 26.95 22.02
C ALA C 688 0.57 28.08 21.25
N VAL C 689 1.17 27.76 20.10
CA VAL C 689 1.93 28.76 19.32
C VAL C 689 1.52 28.88 17.85
N GLY C 690 0.74 27.93 17.36
CA GLY C 690 0.51 27.82 15.91
C GLY C 690 -0.01 29.09 15.27
N GLU C 691 -1.18 29.52 15.73
CA GLU C 691 -1.92 30.64 15.18
C GLU C 691 -1.72 32.01 15.82
N PRO C 692 -1.53 32.06 17.16
CA PRO C 692 -1.40 33.37 17.82
C PRO C 692 -0.44 34.41 17.22
N PRO C 693 0.72 33.99 16.68
CA PRO C 693 1.60 35.05 16.16
C PRO C 693 1.20 35.65 14.82
N LEU C 694 0.29 35.05 14.07
CA LEU C 694 0.06 35.50 12.71
C LEU C 694 -0.44 36.95 12.68
N PHE C 695 -1.32 37.32 13.58
CA PHE C 695 -1.81 38.69 13.51
C PHE C 695 -0.68 39.75 13.72
N LEU C 696 0.41 39.36 14.36
CA LEU C 696 1.55 40.28 14.53
C LEU C 696 2.13 40.80 13.20
N GLY C 697 1.88 40.09 12.09
CA GLY C 697 2.18 40.58 10.75
C GLY C 697 1.57 41.96 10.49
N ALA C 698 0.46 42.28 11.17
CA ALA C 698 -0.20 43.56 10.94
C ALA C 698 0.67 44.75 11.38
N SER C 699 1.69 44.48 12.19
CA SER C 699 2.62 45.52 12.61
C SER C 699 3.24 46.18 11.36
N VAL C 700 3.52 45.37 10.34
CA VAL C 700 3.97 45.88 9.05
C VAL C 700 2.88 46.78 8.42
N PHE C 701 1.62 46.33 8.43
CA PHE C 701 0.55 47.10 7.79
C PHE C 701 0.46 48.47 8.47
N PHE C 702 0.49 48.48 9.79
CA PHE C 702 0.32 49.77 10.51
C PHE C 702 1.56 50.68 10.45
N ALA C 703 2.75 50.09 10.30
CA ALA C 703 3.96 50.87 9.94
C ALA C 703 3.81 51.45 8.53
N ILE C 704 3.20 50.71 7.60
CA ILE C 704 3.01 51.24 6.25
C ILE C 704 2.02 52.43 6.31
N LYS C 705 0.96 52.27 7.11
CA LYS C 705 -0.02 53.33 7.27
C LYS C 705 0.57 54.60 7.92
N ASP C 706 1.47 54.41 8.90
CA ASP C 706 2.22 55.50 9.52
C ASP C 706 3.03 56.25 8.46
N ALA C 707 3.74 55.49 7.62
CA ALA C 707 4.52 56.07 6.52
C ALA C 707 3.66 56.82 5.49
N ILE C 708 2.50 56.27 5.14
CA ILE C 708 1.54 56.97 4.27
C ILE C 708 1.07 58.30 4.89
N ARG C 709 0.77 58.29 6.19
CA ARG C 709 0.41 59.51 6.89
C ARG C 709 1.46 60.60 6.69
N ALA C 710 2.73 60.23 6.81
CA ALA C 710 3.86 61.14 6.54
C ALA C 710 3.91 61.62 5.09
N ALA C 711 3.65 60.73 4.14
CA ALA C 711 3.61 61.13 2.73
C ALA C 711 2.49 62.14 2.51
N ARG C 712 1.36 61.93 3.19
CA ARG C 712 0.20 62.79 3.02
C ARG C 712 0.42 64.16 3.67
N ALA C 713 1.10 64.17 4.81
CA ALA C 713 1.58 65.42 5.41
C ALA C 713 2.52 66.19 4.48
N GLN C 714 3.35 65.46 3.73
CA GLN C 714 4.30 66.06 2.80
C GLN C 714 3.57 66.67 1.60
N HIS C 715 2.67 65.92 0.97
CA HIS C 715 2.09 66.32 -0.32
C HIS C 715 0.59 66.59 -0.45
N THR C 716 -0.22 66.11 0.50
CA THR C 716 -1.67 66.05 0.26
C THR C 716 -2.43 67.23 0.88
N ASN C 717 -2.20 67.42 2.17
CA ASN C 717 -2.86 68.48 2.92
C ASN C 717 -2.09 68.79 4.20
N ASN C 718 -2.72 69.57 5.09
CA ASN C 718 -2.10 70.05 6.31
C ASN C 718 -2.83 69.53 7.54
N ASN C 719 -3.82 68.67 7.31
CA ASN C 719 -4.66 68.17 8.39
C ASN C 719 -4.00 67.00 9.11
N THR C 720 -3.45 67.27 10.29
CA THR C 720 -2.65 66.30 11.02
C THR C 720 -3.49 65.19 11.68
N LYS C 721 -4.80 65.40 11.75
CA LYS C 721 -5.72 64.45 12.39
C LYS C 721 -6.64 63.80 11.37
N GLU C 722 -6.23 63.87 10.10
CA GLU C 722 -7.00 63.27 8.99
C GLU C 722 -7.10 61.74 9.16
N LEU C 723 -8.31 61.20 9.00
CA LEU C 723 -8.49 59.76 8.92
C LEU C 723 -8.72 59.45 7.47
N PHE C 724 -7.89 58.58 6.89
CA PHE C 724 -8.17 58.05 5.56
C PHE C 724 -8.31 56.54 5.64
N ARG C 725 -9.10 55.97 4.75
CA ARG C 725 -9.32 54.53 4.77
C ARG C 725 -8.23 53.80 4.01
N LEU C 726 -7.62 52.82 4.66
CA LEU C 726 -6.66 51.94 3.98
C LEU C 726 -7.12 50.50 4.23
N ASP C 727 -7.60 49.85 3.18
CA ASP C 727 -8.07 48.48 3.28
C ASP C 727 -6.89 47.53 3.24
N SER C 728 -7.11 46.29 3.67
CA SER C 728 -6.11 45.21 3.55
C SER C 728 -6.47 44.33 2.38
N PRO C 729 -5.48 43.84 1.61
CA PRO C 729 -4.04 44.07 1.77
C PRO C 729 -3.58 45.45 1.26
N ALA C 730 -2.61 46.05 1.94
CA ALA C 730 -1.97 47.30 1.50
C ALA C 730 -0.97 46.98 0.41
N THR C 731 -1.45 46.70 -0.81
CA THR C 731 -0.61 46.41 -1.96
C THR C 731 0.01 47.70 -2.54
N PRO C 732 0.99 47.58 -3.47
CA PRO C 732 1.50 48.82 -4.08
C PRO C 732 0.40 49.74 -4.64
N GLU C 733 -0.64 49.16 -5.24
CA GLU C 733 -1.79 49.94 -5.67
C GLU C 733 -2.41 50.84 -4.59
N LYS C 734 -2.69 50.28 -3.42
CA LYS C 734 -3.36 50.97 -2.35
C LYS C 734 -2.43 51.97 -1.66
N ILE C 735 -1.17 51.61 -1.53
CA ILE C 735 -0.17 52.48 -0.97
C ILE C 735 0.01 53.70 -1.89
N ARG C 736 0.25 53.45 -3.18
CA ARG C 736 0.49 54.54 -4.15
C ARG C 736 -0.69 55.50 -4.21
N ASN C 737 -1.88 54.94 -4.38
CA ASN C 737 -3.12 55.73 -4.43
C ASN C 737 -3.35 56.58 -3.19
N ALA C 738 -2.84 56.13 -2.05
CA ALA C 738 -3.06 56.83 -0.77
C ALA C 738 -2.09 58.00 -0.58
N CYS C 739 -0.94 57.92 -1.26
CA CYS C 739 0.01 59.04 -1.30
C CYS C 739 -0.43 60.11 -2.31
N VAL C 740 -1.51 60.81 -1.99
CA VAL C 740 -2.05 61.83 -2.88
C VAL C 740 -1.03 62.96 -3.06
N ASP C 741 -0.75 63.28 -4.31
CA ASP C 741 0.31 64.22 -4.64
C ASP C 741 0.01 64.79 -6.03
N LYS C 742 0.97 65.52 -6.60
CA LYS C 742 0.76 66.18 -7.89
C LYS C 742 0.52 65.21 -9.04
N PHE C 743 0.90 63.94 -8.85
CA PHE C 743 0.71 62.93 -9.91
C PHE C 743 -0.63 62.22 -9.81
N THR C 744 -1.04 61.84 -8.61
CA THR C 744 -2.35 61.19 -8.46
C THR C 744 -3.52 62.12 -8.88
N THR C 745 -3.33 63.42 -8.63
CA THR C 745 -4.35 64.44 -8.88
C THR C 745 -4.23 65.02 -10.29
N LEU C 746 -3.09 64.78 -10.93
CA LEU C 746 -2.77 65.34 -12.25
C LEU C 746 -2.51 66.86 -12.18
N CYS C 747 -2.29 67.37 -10.96
CA CYS C 747 -1.86 68.77 -10.74
C CYS C 747 -0.59 69.05 -11.53
N VAL C 748 0.30 68.05 -11.61
CA VAL C 748 1.57 68.19 -12.35
C VAL C 748 1.32 68.59 -13.84
N THR C 749 0.16 68.20 -14.38
CA THR C 749 -0.19 68.53 -15.77
C THR C 749 -0.58 70.00 -15.98
N GLY C 750 -0.81 70.72 -14.88
CA GLY C 750 -1.26 72.11 -14.95
C GLY C 750 -2.70 72.25 -14.52
N ALA C 751 -3.41 71.13 -14.41
CA ALA C 751 -4.80 71.16 -13.91
C ALA C 751 -4.80 71.49 -12.41
N PRO C 752 -5.91 72.04 -11.88
CA PRO C 752 -5.93 72.21 -10.44
C PRO C 752 -6.19 70.85 -9.80
N GLY C 753 -5.86 70.70 -8.52
CA GLY C 753 -6.18 69.43 -7.87
C GLY C 753 -6.11 69.45 -6.38
N ASN C 754 -6.50 68.31 -5.80
CA ASN C 754 -6.58 68.15 -4.35
C ASN C 754 -5.22 67.74 -3.76
N CYS C 755 -4.25 68.60 -4.04
CA CYS C 755 -2.82 68.32 -3.87
C CYS C 755 -2.23 69.54 -3.14
N THR D 1 5.48 -11.13 -37.51
CA THR D 1 6.11 -12.48 -37.45
C THR D 1 5.43 -13.42 -36.44
N ALA D 2 4.76 -12.83 -35.44
CA ALA D 2 4.00 -13.60 -34.45
C ALA D 2 2.49 -13.34 -34.58
N ASP D 3 1.72 -14.41 -34.47
CA ASP D 3 0.27 -14.31 -34.58
C ASP D 3 -0.36 -13.80 -33.29
N GLU D 4 -1.56 -13.25 -33.40
CA GLU D 4 -2.36 -12.87 -32.24
C GLU D 4 -3.08 -14.05 -31.66
N LEU D 5 -3.09 -14.12 -30.33
CA LEU D 5 -3.89 -15.08 -29.58
C LEU D 5 -5.18 -14.42 -29.10
N VAL D 6 -6.31 -14.96 -29.48
CA VAL D 6 -7.59 -14.38 -29.14
C VAL D 6 -8.42 -15.40 -28.36
N PHE D 7 -8.79 -15.04 -27.13
CA PHE D 7 -9.72 -15.85 -26.33
C PHE D 7 -10.62 -14.95 -25.50
N PHE D 8 -11.51 -15.56 -24.73
CA PHE D 8 -12.49 -14.84 -23.92
C PHE D 8 -12.36 -15.27 -22.48
N VAL D 9 -12.44 -14.30 -21.58
CA VAL D 9 -12.47 -14.58 -20.16
C VAL D 9 -13.69 -13.88 -19.59
N ASN D 10 -14.57 -14.67 -18.98
CA ASN D 10 -15.83 -14.17 -18.42
C ASN D 10 -16.64 -13.31 -19.39
N GLY D 11 -16.67 -13.71 -20.65
CA GLY D 11 -17.46 -13.02 -21.66
C GLY D 11 -16.73 -11.90 -22.36
N LYS D 12 -15.50 -11.58 -21.93
CA LYS D 12 -14.75 -10.43 -22.45
C LYS D 12 -13.59 -10.85 -23.33
N LYS D 13 -13.41 -10.18 -24.47
CA LYS D 13 -12.35 -10.57 -25.40
C LYS D 13 -10.95 -10.20 -24.90
N VAL D 14 -10.06 -11.19 -24.96
CA VAL D 14 -8.64 -11.01 -24.68
C VAL D 14 -7.86 -11.14 -25.99
N VAL D 15 -7.16 -10.07 -26.38
CA VAL D 15 -6.26 -10.16 -27.54
C VAL D 15 -4.82 -10.01 -27.08
N GLU D 16 -4.13 -11.14 -26.98
CA GLU D 16 -2.73 -11.17 -26.63
C GLU D 16 -1.91 -11.12 -27.91
N LYS D 17 -1.22 -9.99 -28.10
CA LYS D 17 -0.44 -9.78 -29.31
C LYS D 17 0.95 -10.41 -29.25
N ASN D 18 1.45 -10.66 -28.05
CA ASN D 18 2.76 -11.28 -27.87
C ASN D 18 2.73 -12.46 -26.90
N ALA D 19 1.98 -13.51 -27.23
CA ALA D 19 1.87 -14.66 -26.31
C ALA D 19 3.20 -15.39 -26.17
N ASP D 20 3.62 -15.60 -24.90
CA ASP D 20 4.73 -16.50 -24.61
C ASP D 20 4.18 -17.92 -24.41
N PRO D 21 4.70 -18.88 -25.19
CA PRO D 21 4.31 -20.31 -25.08
C PRO D 21 4.41 -20.89 -23.68
N GLU D 22 5.31 -20.36 -22.86
CA GLU D 22 5.48 -20.85 -21.49
C GLU D 22 4.42 -20.32 -20.52
N THR D 23 3.61 -19.35 -20.94
CA THR D 23 2.68 -18.71 -20.02
C THR D 23 1.48 -19.60 -19.77
N THR D 24 1.24 -19.87 -18.48
CA THR D 24 0.07 -20.63 -18.05
C THR D 24 -1.14 -19.70 -17.91
N LEU D 25 -2.33 -20.27 -18.10
CA LEU D 25 -3.57 -19.55 -17.92
C LEU D 25 -3.66 -18.98 -16.51
N LEU D 26 -3.22 -19.75 -15.52
CA LEU D 26 -3.22 -19.26 -14.12
C LEU D 26 -2.41 -17.97 -13.96
N ALA D 27 -1.19 -17.96 -14.50
CA ALA D 27 -0.36 -16.74 -14.47
C ALA D 27 -1.00 -15.59 -15.23
N TYR D 28 -1.64 -15.91 -16.36
CA TYR D 28 -2.28 -14.89 -17.16
C TYR D 28 -3.46 -14.25 -16.41
N LEU D 29 -4.34 -15.08 -15.84
CA LEU D 29 -5.49 -14.60 -15.11
C LEU D 29 -5.07 -13.71 -13.96
N ARG D 30 -4.13 -14.22 -13.16
CA ARG D 30 -3.75 -13.54 -11.91
C ARG D 30 -2.92 -12.29 -12.14
N ARG D 31 -1.92 -12.39 -13.01
CA ARG D 31 -0.86 -11.39 -13.09
C ARG D 31 -0.89 -10.48 -14.32
N LYS D 32 -1.72 -10.83 -15.30
CA LYS D 32 -1.97 -9.95 -16.44
C LYS D 32 -3.38 -9.38 -16.34
N LEU D 33 -4.39 -10.22 -16.13
CA LEU D 33 -5.78 -9.75 -16.08
C LEU D 33 -6.28 -9.30 -14.69
N GLY D 34 -5.49 -9.59 -13.65
CA GLY D 34 -5.85 -9.20 -12.29
C GLY D 34 -7.12 -9.84 -11.75
N LEU D 35 -7.38 -11.08 -12.16
CA LEU D 35 -8.49 -11.86 -11.65
C LEU D 35 -7.96 -12.90 -10.70
N ARG D 36 -7.95 -12.56 -9.42
CA ARG D 36 -7.22 -13.37 -8.44
C ARG D 36 -8.06 -14.39 -7.71
N GLY D 37 -9.31 -14.57 -8.14
CA GLY D 37 -10.16 -15.59 -7.52
C GLY D 37 -9.62 -17.00 -7.74
N THR D 38 -9.02 -17.23 -8.91
CA THR D 38 -8.39 -18.52 -9.22
C THR D 38 -7.04 -18.56 -8.53
N LYS D 39 -6.76 -19.66 -7.83
CA LYS D 39 -5.60 -19.77 -6.91
C LYS D 39 -4.54 -20.76 -7.36
N LEU D 40 -3.30 -20.51 -6.94
CA LEU D 40 -2.19 -21.46 -7.00
C LEU D 40 -2.15 -22.30 -5.71
N GLY D 41 -2.33 -23.61 -5.82
CA GLY D 41 -2.20 -24.51 -4.67
C GLY D 41 -1.04 -25.53 -4.81
N CYS D 42 -0.54 -25.77 -6.02
CA CYS D 42 0.49 -26.81 -6.22
C CYS D 42 1.25 -26.71 -7.54
N GLY D 43 0.64 -26.14 -8.58
CA GLY D 43 1.26 -26.04 -9.91
C GLY D 43 1.54 -27.37 -10.58
N GLU D 44 0.94 -28.45 -10.07
CA GLU D 44 1.18 -29.77 -10.69
C GLU D 44 -0.07 -30.57 -11.05
N GLY D 45 -1.21 -29.90 -11.08
CA GLY D 45 -2.47 -30.55 -11.44
C GLY D 45 -3.18 -31.36 -10.38
N GLY D 46 -2.67 -31.39 -9.15
CA GLY D 46 -3.23 -32.30 -8.16
C GLY D 46 -4.22 -31.76 -7.13
N CYS D 47 -4.43 -30.45 -7.08
CA CYS D 47 -5.20 -29.93 -5.97
C CYS D 47 -6.46 -29.20 -6.42
N GLY D 48 -6.49 -28.80 -7.69
CA GLY D 48 -7.68 -28.15 -8.27
C GLY D 48 -8.06 -26.76 -7.76
N ALA D 49 -7.22 -26.16 -6.92
CA ALA D 49 -7.39 -24.76 -6.51
C ALA D 49 -7.46 -23.78 -7.67
N CYS D 50 -6.84 -24.15 -8.80
CA CYS D 50 -6.78 -23.32 -9.99
C CYS D 50 -7.88 -23.69 -11.01
N THR D 51 -8.88 -24.44 -10.58
CA THR D 51 -9.95 -24.92 -11.51
C THR D 51 -10.77 -23.79 -12.15
N VAL D 52 -10.93 -23.87 -13.48
CA VAL D 52 -11.75 -22.91 -14.24
C VAL D 52 -12.61 -23.74 -15.18
N MET D 53 -13.57 -23.12 -15.86
CA MET D 53 -14.32 -23.84 -16.87
C MET D 53 -13.89 -23.30 -18.21
N LEU D 54 -13.73 -24.21 -19.17
CA LEU D 54 -13.48 -23.79 -20.53
C LEU D 54 -14.69 -24.20 -21.36
N SER D 55 -15.00 -23.37 -22.36
CA SER D 55 -16.11 -23.65 -23.28
C SER D 55 -15.60 -23.46 -24.70
N LYS D 56 -16.06 -24.32 -25.60
CA LYS D 56 -15.74 -24.16 -27.01
C LYS D 56 -16.81 -24.86 -27.85
N TYR D 57 -16.94 -24.47 -29.11
CA TYR D 57 -17.78 -25.23 -30.03
C TYR D 57 -16.94 -26.37 -30.56
N ASP D 58 -17.46 -27.59 -30.39
CA ASP D 58 -16.85 -28.77 -30.96
C ASP D 58 -17.41 -28.90 -32.36
N ARG D 59 -16.51 -28.89 -33.35
CA ARG D 59 -16.90 -29.00 -34.75
C ARG D 59 -17.44 -30.41 -35.01
N LEU D 60 -16.72 -31.40 -34.48
CA LEU D 60 -17.07 -32.80 -34.65
C LEU D 60 -18.42 -33.12 -33.99
N GLN D 61 -18.60 -32.70 -32.74
CA GLN D 61 -19.83 -32.98 -32.00
C GLN D 61 -21.00 -32.08 -32.41
N ASP D 62 -20.69 -31.01 -33.15
CA ASP D 62 -21.66 -29.96 -33.51
C ASP D 62 -22.43 -29.40 -32.30
N LYS D 63 -21.69 -28.91 -31.29
CA LYS D 63 -22.27 -28.21 -30.15
C LYS D 63 -21.20 -27.45 -29.35
N ILE D 64 -21.66 -26.62 -28.41
CA ILE D 64 -20.79 -25.98 -27.42
C ILE D 64 -20.56 -26.97 -26.29
N ILE D 65 -19.29 -27.21 -25.95
CA ILE D 65 -18.94 -28.08 -24.84
C ILE D 65 -18.35 -27.28 -23.69
N HIS D 66 -18.59 -27.76 -22.47
CA HIS D 66 -18.07 -27.13 -21.25
C HIS D 66 -17.36 -28.20 -20.44
N PHE D 67 -16.12 -27.93 -20.04
CA PHE D 67 -15.38 -28.84 -19.19
C PHE D 67 -14.47 -28.08 -18.22
N SER D 68 -14.05 -28.74 -17.15
CA SER D 68 -13.14 -28.13 -16.17
C SER D 68 -11.67 -28.40 -16.52
N ALA D 69 -10.78 -27.47 -16.14
CA ALA D 69 -9.36 -27.62 -16.42
C ALA D 69 -8.59 -26.96 -15.30
N ASN D 70 -7.34 -27.40 -15.12
CA ASN D 70 -6.41 -26.78 -14.19
C ASN D 70 -5.72 -25.63 -14.88
N ALA D 71 -6.02 -24.42 -14.44
CA ALA D 71 -5.38 -23.26 -15.05
C ALA D 71 -3.85 -23.28 -14.89
N CYS D 72 -3.34 -24.01 -13.90
CA CYS D 72 -1.88 -24.03 -13.63
C CYS D 72 -1.09 -24.77 -14.71
N LEU D 73 -1.80 -25.52 -15.54
CA LEU D 73 -1.16 -26.39 -16.54
C LEU D 73 -1.65 -26.12 -17.97
N ALA D 74 -2.66 -25.26 -18.11
CA ALA D 74 -3.18 -24.89 -19.42
C ALA D 74 -2.31 -23.80 -20.01
N PRO D 75 -1.56 -24.12 -21.07
CA PRO D 75 -0.87 -23.03 -21.75
C PRO D 75 -1.90 -22.11 -22.39
N ILE D 76 -1.74 -20.79 -22.24
CA ILE D 76 -2.68 -19.85 -22.88
C ILE D 76 -2.67 -20.11 -24.39
N CYS D 77 -1.53 -20.57 -24.90
CA CYS D 77 -1.39 -20.84 -26.34
C CYS D 77 -2.27 -22.00 -26.87
N THR D 78 -2.88 -22.79 -25.98
CA THR D 78 -3.91 -23.78 -26.38
C THR D 78 -5.31 -23.20 -26.44
N LEU D 79 -5.45 -21.96 -26.00
CA LEU D 79 -6.77 -21.38 -25.77
C LEU D 79 -7.32 -20.52 -26.90
N HIS D 80 -6.70 -20.52 -28.08
CA HIS D 80 -7.21 -19.69 -29.17
C HIS D 80 -8.66 -20.07 -29.48
N HIS D 81 -9.54 -19.07 -29.40
CA HIS D 81 -10.99 -19.26 -29.62
C HIS D 81 -11.70 -20.14 -28.60
N VAL D 82 -11.21 -20.12 -27.37
CA VAL D 82 -11.83 -20.83 -26.26
C VAL D 82 -12.33 -19.75 -25.30
N ALA D 83 -13.42 -20.03 -24.60
CA ALA D 83 -13.94 -19.11 -23.58
C ALA D 83 -13.67 -19.67 -22.19
N VAL D 84 -13.05 -18.83 -21.37
CA VAL D 84 -12.72 -19.18 -19.97
C VAL D 84 -13.79 -18.57 -19.07
N THR D 85 -14.23 -19.33 -18.07
CA THR D 85 -15.06 -18.81 -16.99
C THR D 85 -14.31 -19.05 -15.70
N THR D 86 -14.15 -18.01 -14.90
CA THR D 86 -13.57 -18.18 -13.56
C THR D 86 -14.66 -18.00 -12.51
N VAL D 87 -14.26 -18.08 -11.24
CA VAL D 87 -15.18 -17.85 -10.16
C VAL D 87 -15.85 -16.47 -10.25
N GLU D 88 -15.13 -15.46 -10.74
CA GLU D 88 -15.74 -14.13 -10.80
C GLU D 88 -16.77 -13.99 -11.95
N GLY D 89 -16.71 -14.92 -12.90
CA GLY D 89 -17.67 -14.99 -14.03
C GLY D 89 -19.06 -15.51 -13.75
N ILE D 90 -19.32 -16.05 -12.55
CA ILE D 90 -20.60 -16.72 -12.29
C ILE D 90 -21.46 -16.03 -11.22
N GLY D 91 -20.83 -15.16 -10.43
CA GLY D 91 -21.55 -14.46 -9.37
C GLY D 91 -20.59 -13.73 -8.45
N SER D 92 -21.13 -12.79 -7.68
CA SER D 92 -20.33 -11.91 -6.82
C SER D 92 -21.20 -11.43 -5.67
N THR D 93 -20.60 -11.13 -4.52
CA THR D 93 -21.36 -10.55 -3.41
C THR D 93 -21.79 -9.11 -3.73
N LYS D 94 -21.13 -8.49 -4.71
CA LYS D 94 -21.45 -7.12 -5.13
C LYS D 94 -22.69 -7.05 -6.02
N THR D 95 -23.00 -8.16 -6.68
CA THR D 95 -24.19 -8.26 -7.51
C THR D 95 -25.09 -9.34 -6.92
N ARG D 96 -24.86 -10.60 -7.30
CA ARG D 96 -25.61 -11.73 -6.77
C ARG D 96 -24.77 -13.00 -6.86
N LEU D 97 -24.76 -13.78 -5.79
CA LEU D 97 -24.05 -15.07 -5.80
C LEU D 97 -24.72 -16.04 -6.76
N HIS D 98 -23.94 -16.89 -7.43
CA HIS D 98 -24.49 -18.07 -8.08
C HIS D 98 -24.99 -19.05 -7.00
N PRO D 99 -26.06 -19.80 -7.29
CA PRO D 99 -26.50 -20.80 -6.32
C PRO D 99 -25.39 -21.72 -5.78
N VAL D 100 -24.44 -22.15 -6.61
CA VAL D 100 -23.32 -22.98 -6.14
C VAL D 100 -22.54 -22.24 -5.03
N GLN D 101 -22.29 -20.94 -5.25
CA GLN D 101 -21.57 -20.10 -4.28
C GLN D 101 -22.36 -19.91 -2.99
N GLU D 102 -23.65 -19.62 -3.12
CA GLU D 102 -24.51 -19.41 -1.96
C GLU D 102 -24.54 -20.67 -1.09
N ARG D 103 -24.72 -21.80 -1.74
CA ARG D 103 -24.92 -23.06 -1.02
C ARG D 103 -23.67 -23.55 -0.31
N ILE D 104 -22.50 -23.48 -0.98
CA ILE D 104 -21.28 -23.89 -0.29
C ILE D 104 -21.03 -22.99 0.93
N ALA D 105 -21.35 -21.70 0.81
CA ALA D 105 -21.10 -20.76 1.92
C ALA D 105 -22.05 -21.02 3.09
N LYS D 106 -23.34 -21.12 2.78
CA LYS D 106 -24.34 -21.34 3.80
C LYS D 106 -24.33 -22.74 4.43
N SER D 107 -23.76 -23.73 3.73
CA SER D 107 -23.71 -25.12 4.24
C SER D 107 -22.49 -25.41 5.10
N HIS D 108 -21.69 -24.37 5.31
CA HIS D 108 -20.46 -24.46 6.09
C HIS D 108 -19.36 -25.28 5.38
N GLY D 109 -19.38 -25.20 4.05
CA GLY D 109 -18.40 -25.88 3.21
C GLY D 109 -17.15 -25.09 2.91
N SER D 110 -17.02 -23.92 3.56
CA SER D 110 -15.84 -23.06 3.34
C SER D 110 -15.29 -22.64 4.70
N GLN D 111 -14.06 -23.04 4.98
CA GLN D 111 -13.41 -22.63 6.23
C GLN D 111 -12.34 -21.57 5.88
N CYS D 112 -11.11 -21.99 5.54
CA CYS D 112 -10.10 -20.99 5.11
C CYS D 112 -10.48 -20.30 3.81
N GLY D 113 -11.21 -21.02 2.97
CA GLY D 113 -11.71 -20.49 1.70
C GLY D 113 -10.78 -20.62 0.50
N PHE D 114 -9.55 -21.07 0.70
CA PHE D 114 -8.61 -21.13 -0.41
C PHE D 114 -8.98 -22.13 -1.54
N CYS D 115 -9.55 -23.27 -1.16
CA CYS D 115 -9.99 -24.30 -2.14
C CYS D 115 -11.35 -23.97 -2.71
N THR D 116 -12.06 -23.03 -2.08
CA THR D 116 -13.47 -22.80 -2.43
C THR D 116 -13.74 -22.39 -3.90
N PRO D 117 -13.00 -21.39 -4.44
CA PRO D 117 -13.23 -21.13 -5.86
C PRO D 117 -13.10 -22.35 -6.79
N GLY D 118 -12.04 -23.16 -6.60
CA GLY D 118 -11.83 -24.37 -7.42
C GLY D 118 -13.00 -25.35 -7.31
N ILE D 119 -13.48 -25.56 -6.09
CA ILE D 119 -14.62 -26.47 -5.88
C ILE D 119 -15.90 -25.88 -6.49
N VAL D 120 -16.10 -24.57 -6.32
CA VAL D 120 -17.21 -23.89 -7.00
C VAL D 120 -17.18 -24.10 -8.52
N MET D 121 -16.00 -23.94 -9.11
CA MET D 121 -15.83 -24.12 -10.55
C MET D 121 -16.03 -25.59 -11.01
N SER D 122 -15.58 -26.55 -10.20
CA SER D 122 -15.90 -27.97 -10.44
C SER D 122 -17.43 -28.28 -10.41
N MET D 123 -18.13 -27.74 -9.40
CA MET D 123 -19.58 -27.97 -9.28
C MET D 123 -20.38 -27.24 -10.37
N TYR D 124 -20.02 -25.98 -10.61
CA TYR D 124 -20.60 -25.17 -11.68
C TYR D 124 -20.50 -25.86 -13.04
N THR D 125 -19.33 -26.39 -13.37
CA THR D 125 -19.11 -27.11 -14.64
C THR D 125 -20.06 -28.31 -14.76
N LEU D 126 -20.08 -29.13 -13.71
CA LEU D 126 -21.01 -30.26 -13.65
C LEU D 126 -22.44 -29.80 -14.00
N LEU D 127 -22.87 -28.72 -13.35
CA LEU D 127 -24.25 -28.22 -13.54
C LEU D 127 -24.51 -27.69 -14.95
N ARG D 128 -23.45 -27.17 -15.58
CA ARG D 128 -23.53 -26.67 -16.94
C ARG D 128 -23.68 -27.82 -17.97
N ASN D 129 -23.19 -28.99 -17.61
CA ASN D 129 -23.37 -30.20 -18.42
C ASN D 129 -24.62 -30.99 -18.01
N GLN D 130 -24.95 -30.96 -16.72
CA GLN D 130 -26.06 -31.73 -16.18
C GLN D 130 -26.80 -30.98 -15.08
N PRO D 131 -27.86 -30.23 -15.45
CA PRO D 131 -28.61 -29.37 -14.51
C PRO D 131 -29.22 -30.16 -13.34
N GLU D 132 -29.42 -31.46 -13.55
CA GLU D 132 -29.98 -32.34 -12.54
C GLU D 132 -29.11 -33.57 -12.36
N PRO D 133 -27.97 -33.42 -11.66
CA PRO D 133 -27.07 -34.57 -11.51
C PRO D 133 -27.49 -35.50 -10.38
N THR D 134 -26.87 -36.67 -10.29
CA THR D 134 -27.11 -37.59 -9.17
C THR D 134 -26.08 -37.37 -8.07
N VAL D 135 -26.36 -37.90 -6.89
CA VAL D 135 -25.44 -37.84 -5.75
C VAL D 135 -24.07 -38.40 -6.13
N GLU D 136 -24.09 -39.50 -6.91
CA GLU D 136 -22.87 -40.13 -7.41
C GLU D 136 -22.07 -39.18 -8.31
N GLU D 137 -22.74 -38.55 -9.27
CA GLU D 137 -22.09 -37.62 -10.19
C GLU D 137 -21.47 -36.44 -9.44
N ILE D 138 -22.18 -35.95 -8.42
CA ILE D 138 -21.69 -34.84 -7.59
C ILE D 138 -20.32 -35.15 -6.91
N GLU D 139 -20.19 -36.30 -6.25
CA GLU D 139 -18.91 -36.61 -5.59
C GLU D 139 -17.72 -36.82 -6.53
N ASP D 140 -18.04 -37.33 -7.73
CA ASP D 140 -17.05 -37.66 -8.75
C ASP D 140 -16.47 -36.42 -9.37
N ALA D 141 -17.27 -35.36 -9.34
CA ALA D 141 -16.90 -34.08 -9.90
C ALA D 141 -15.70 -33.52 -9.15
N PHE D 142 -15.44 -34.04 -7.96
CA PHE D 142 -14.42 -33.45 -7.08
C PHE D 142 -13.17 -34.29 -6.85
N GLN D 143 -12.97 -35.33 -7.66
CA GLN D 143 -11.79 -36.16 -7.48
C GLN D 143 -10.51 -35.34 -7.59
N GLY D 144 -10.61 -34.20 -8.26
CA GLY D 144 -9.44 -33.33 -8.46
C GLY D 144 -9.33 -32.08 -7.61
N ASN D 145 -10.18 -31.97 -6.58
CA ASN D 145 -10.16 -30.82 -5.66
C ASN D 145 -9.86 -31.26 -4.24
N LEU D 146 -8.81 -30.67 -3.65
CA LEU D 146 -8.42 -30.98 -2.27
C LEU D 146 -8.82 -29.85 -1.35
N CYS D 147 -9.28 -30.22 -0.16
CA CYS D 147 -9.58 -29.25 0.90
C CYS D 147 -8.95 -29.79 2.17
N ARG D 148 -8.15 -28.95 2.81
CA ARG D 148 -7.47 -29.32 4.04
C ARG D 148 -8.23 -29.01 5.33
N CYS D 149 -9.24 -28.12 5.24
CA CYS D 149 -9.96 -27.65 6.43
C CYS D 149 -11.25 -28.39 6.87
N THR D 150 -12.08 -28.79 5.91
CA THR D 150 -13.49 -29.06 6.21
C THR D 150 -13.81 -30.52 6.48
N GLY D 151 -12.94 -31.42 6.00
CA GLY D 151 -13.27 -32.84 6.06
C GLY D 151 -14.35 -33.21 5.03
N TYR D 152 -14.62 -32.29 4.09
CA TYR D 152 -15.46 -32.56 2.91
C TYR D 152 -16.98 -32.77 3.14
N ARG D 153 -17.36 -33.41 4.25
CA ARG D 153 -18.79 -33.67 4.60
C ARG D 153 -19.75 -32.50 4.27
N PRO D 154 -19.51 -31.28 4.82
CA PRO D 154 -20.44 -30.17 4.57
C PRO D 154 -20.55 -29.78 3.11
N ILE D 155 -19.45 -29.91 2.36
CA ILE D 155 -19.44 -29.54 0.94
C ILE D 155 -20.38 -30.47 0.14
N LEU D 156 -20.21 -31.78 0.34
CA LEU D 156 -21.09 -32.77 -0.30
C LEU D 156 -22.53 -32.58 0.16
N GLN D 157 -22.71 -32.36 1.46
CA GLN D 157 -24.06 -32.17 2.01
C GLN D 157 -24.78 -30.96 1.40
N GLY D 158 -24.05 -29.84 1.25
CA GLY D 158 -24.62 -28.64 0.66
C GLY D 158 -24.93 -28.85 -0.82
N PHE D 159 -24.07 -29.56 -1.54
CA PHE D 159 -24.27 -29.74 -2.98
C PHE D 159 -25.28 -30.85 -3.32
N ARG D 160 -25.56 -31.70 -2.34
CA ARG D 160 -26.54 -32.79 -2.48
C ARG D 160 -27.91 -32.23 -2.87
N THR D 161 -28.14 -30.99 -2.43
CA THR D 161 -29.38 -30.28 -2.68
C THR D 161 -29.67 -30.06 -4.18
N PHE D 162 -28.63 -30.14 -5.02
CA PHE D 162 -28.76 -30.03 -6.48
C PHE D 162 -29.20 -31.34 -7.19
N ALA D 163 -29.20 -32.45 -6.46
CA ALA D 163 -29.58 -33.78 -7.01
C ALA D 163 -31.09 -34.05 -6.89
N LYS D 164 -31.69 -34.95 -7.70
CA LYS D 164 -31.04 -35.72 -8.76
C LYS D 164 -31.73 -35.40 -10.08
N PRO E 30 -9.62 -21.96 -40.15
CA PRO E 30 -8.68 -22.63 -39.24
C PRO E 30 -7.27 -22.64 -39.82
N LYS E 31 -6.42 -21.73 -39.35
CA LYS E 31 -5.06 -21.61 -39.89
C LYS E 31 -3.99 -21.79 -38.84
N GLN E 32 -2.80 -22.14 -39.33
CA GLN E 32 -1.64 -22.34 -38.49
C GLN E 32 -1.26 -21.03 -37.79
N LEU E 33 -1.00 -21.13 -36.48
CA LEU E 33 -0.62 -19.95 -35.70
C LEU E 33 0.79 -20.13 -35.16
N ARG E 34 1.52 -19.03 -35.05
CA ARG E 34 2.88 -19.04 -34.53
C ARG E 34 2.98 -18.11 -33.33
N PHE E 35 3.46 -18.63 -32.20
CA PHE E 35 3.71 -17.81 -31.02
C PHE E 35 5.19 -17.91 -30.65
N GLU E 36 5.79 -16.78 -30.30
CA GLU E 36 7.22 -16.71 -30.01
C GLU E 36 7.45 -16.14 -28.63
N GLY E 37 8.14 -16.90 -27.78
CA GLY E 37 8.45 -16.45 -26.42
C GLY E 37 9.92 -16.18 -26.21
N GLU E 38 10.32 -16.02 -24.95
CA GLU E 38 11.71 -15.75 -24.63
C GLU E 38 12.61 -16.93 -24.93
N ARG E 39 12.08 -18.14 -24.73
CA ARG E 39 12.83 -19.39 -24.89
C ARG E 39 12.19 -20.39 -25.86
N VAL E 40 10.90 -20.21 -26.13
CA VAL E 40 10.12 -21.23 -26.86
C VAL E 40 9.34 -20.63 -28.04
N THR E 41 9.31 -21.39 -29.14
CA THR E 41 8.41 -21.12 -30.27
C THR E 41 7.34 -22.20 -30.27
N TRP E 42 6.09 -21.78 -30.45
CA TRP E 42 4.94 -22.67 -30.44
C TRP E 42 4.26 -22.55 -31.80
N ILE E 43 4.00 -23.68 -32.44
CA ILE E 43 3.21 -23.67 -33.65
C ILE E 43 1.97 -24.53 -33.47
N GLN E 44 0.81 -23.90 -33.66
CA GLN E 44 -0.46 -24.56 -33.60
C GLN E 44 -0.76 -25.02 -35.03
N ALA E 45 -0.55 -26.32 -35.26
CA ALA E 45 -0.77 -26.92 -36.57
C ALA E 45 -2.27 -27.05 -36.83
N SER E 46 -2.72 -26.64 -38.02
CA SER E 46 -4.14 -26.68 -38.33
C SER E 46 -4.51 -27.97 -39.07
N THR E 47 -3.54 -28.56 -39.77
CA THR E 47 -3.78 -29.76 -40.54
C THR E 47 -2.74 -30.85 -40.29
N LEU E 48 -3.09 -32.08 -40.66
CA LEU E 48 -2.20 -33.21 -40.54
C LEU E 48 -0.92 -32.97 -41.34
N LYS E 49 -1.07 -32.40 -42.53
CA LYS E 49 0.05 -32.09 -43.43
C LYS E 49 1.06 -31.18 -42.76
N GLU E 50 0.58 -30.06 -42.19
CA GLU E 50 1.42 -29.13 -41.43
C GLU E 50 2.17 -29.80 -40.29
N LEU E 51 1.47 -30.60 -39.48
CA LEU E 51 2.09 -31.40 -38.41
C LEU E 51 3.23 -32.29 -38.93
N LEU E 52 2.98 -33.06 -39.97
CA LEU E 52 3.98 -33.98 -40.48
C LEU E 52 5.18 -33.23 -41.06
N ASP E 53 4.90 -32.16 -41.80
CA ASP E 53 5.95 -31.26 -42.28
C ASP E 53 6.79 -30.72 -41.12
N LEU E 54 6.11 -30.14 -40.13
CA LEU E 54 6.80 -29.57 -38.96
C LEU E 54 7.62 -30.63 -38.22
N LYS E 55 7.06 -31.83 -38.05
CA LYS E 55 7.75 -32.90 -37.35
C LYS E 55 8.97 -33.40 -38.13
N ALA E 56 8.93 -33.24 -39.46
CA ALA E 56 10.04 -33.61 -40.31
C ALA E 56 11.13 -32.55 -40.28
N GLN E 57 10.71 -31.29 -40.35
CA GLN E 57 11.62 -30.13 -40.30
C GLN E 57 12.22 -29.96 -38.91
N HIS E 58 11.44 -30.27 -37.88
CA HIS E 58 11.87 -30.16 -36.48
C HIS E 58 11.57 -31.46 -35.70
N PRO E 59 12.40 -32.50 -35.89
CA PRO E 59 12.17 -33.84 -35.32
C PRO E 59 12.19 -33.86 -33.79
N GLU E 60 12.98 -32.98 -33.22
CA GLU E 60 13.15 -32.86 -31.78
C GLU E 60 11.91 -32.21 -31.12
N ALA E 61 11.06 -31.59 -31.93
CA ALA E 61 9.90 -30.84 -31.46
C ALA E 61 9.05 -31.65 -30.51
N LYS E 62 8.49 -30.99 -29.51
CA LYS E 62 7.58 -31.66 -28.57
C LYS E 62 6.16 -31.40 -29.00
N LEU E 63 5.35 -32.45 -29.04
CA LEU E 63 3.94 -32.34 -29.39
C LEU E 63 3.06 -32.16 -28.15
N VAL E 64 2.71 -30.92 -27.85
CA VAL E 64 1.90 -30.65 -26.68
C VAL E 64 0.41 -30.69 -27.04
N VAL E 65 -0.35 -31.48 -26.29
CA VAL E 65 -1.81 -31.43 -26.35
C VAL E 65 -2.36 -30.91 -25.02
N GLY E 66 -2.42 -31.77 -24.01
CA GLY E 66 -2.97 -31.35 -22.71
C GLY E 66 -1.97 -30.62 -21.82
N ASN E 67 -0.68 -30.77 -22.13
CA ASN E 67 0.42 -30.19 -21.31
C ASN E 67 0.60 -30.79 -19.90
N THR E 68 -0.09 -31.89 -19.60
CA THR E 68 -0.05 -32.45 -18.25
C THR E 68 1.20 -33.26 -17.94
N GLU E 69 1.99 -33.53 -18.97
CA GLU E 69 3.33 -34.07 -18.79
C GLU E 69 4.39 -32.99 -19.07
N ILE E 70 4.30 -32.35 -20.23
CA ILE E 70 5.28 -31.35 -20.66
C ILE E 70 5.42 -30.14 -19.70
N GLY E 71 4.29 -29.66 -19.16
CA GLY E 71 4.34 -28.57 -18.17
C GLY E 71 5.03 -28.98 -16.88
N ILE E 72 4.95 -30.27 -16.55
CA ILE E 72 5.63 -30.82 -15.37
C ILE E 72 7.11 -30.95 -15.68
N GLU E 73 7.44 -31.49 -16.86
CA GLU E 73 8.84 -31.64 -17.25
C GLU E 73 9.55 -30.28 -17.26
N MET E 74 8.88 -29.26 -17.77
CA MET E 74 9.51 -27.94 -17.89
C MET E 74 9.63 -27.17 -16.57
N LYS E 75 8.64 -27.32 -15.69
CA LYS E 75 8.65 -26.65 -14.37
C LYS E 75 9.51 -27.39 -13.33
N PHE E 76 9.32 -28.70 -13.23
CA PHE E 76 9.89 -29.46 -12.11
C PHE E 76 11.13 -30.29 -12.49
N LYS E 77 11.29 -30.61 -13.77
CA LYS E 77 12.45 -31.38 -14.18
C LYS E 77 13.44 -30.44 -14.90
N ASN E 78 13.11 -29.15 -14.95
CA ASN E 78 13.96 -28.13 -15.59
C ASN E 78 14.42 -28.49 -17.00
N GLN E 79 13.49 -28.99 -17.80
CA GLN E 79 13.76 -29.31 -19.19
C GLN E 79 13.43 -28.08 -19.97
N LEU E 80 14.12 -27.85 -21.08
CA LEU E 80 13.75 -26.78 -21.98
C LEU E 80 13.50 -27.36 -23.38
N PHE E 81 12.28 -27.18 -23.89
CA PHE E 81 11.93 -27.60 -25.23
C PHE E 81 11.71 -26.34 -26.08
N PRO E 82 12.73 -25.92 -26.86
CA PRO E 82 12.63 -24.62 -27.53
C PRO E 82 11.60 -24.57 -28.66
N MET E 83 11.12 -25.74 -29.08
CA MET E 83 10.20 -25.85 -30.20
C MET E 83 9.03 -26.74 -29.79
N ILE E 84 7.82 -26.18 -29.80
CA ILE E 84 6.60 -26.96 -29.51
C ILE E 84 5.64 -26.92 -30.69
N ILE E 85 5.03 -28.05 -31.00
CA ILE E 85 3.94 -28.08 -31.99
C ILE E 85 2.70 -28.60 -31.28
N CYS E 86 1.61 -27.82 -31.30
CA CYS E 86 0.34 -28.30 -30.74
C CYS E 86 -0.58 -28.83 -31.84
N PRO E 87 -0.83 -30.15 -31.85
CA PRO E 87 -1.65 -30.73 -32.92
C PRO E 87 -3.14 -30.90 -32.56
N ALA E 88 -3.57 -30.24 -31.48
CA ALA E 88 -4.92 -30.49 -30.93
C ALA E 88 -6.12 -30.20 -31.86
N TRP E 89 -5.93 -29.31 -32.84
CA TRP E 89 -6.99 -28.90 -33.77
C TRP E 89 -7.20 -29.86 -34.94
N ILE E 90 -6.19 -30.68 -35.20
CA ILE E 90 -6.17 -31.57 -36.37
C ILE E 90 -7.27 -32.64 -36.23
N PRO E 91 -8.27 -32.64 -37.16
CA PRO E 91 -9.41 -33.56 -37.04
C PRO E 91 -9.05 -35.04 -36.97
N GLU E 92 -8.01 -35.44 -37.70
CA GLU E 92 -7.54 -36.84 -37.73
C GLU E 92 -7.10 -37.30 -36.33
N LEU E 93 -6.56 -36.36 -35.56
CA LEU E 93 -6.13 -36.64 -34.20
C LEU E 93 -7.28 -36.60 -33.19
N ASN E 94 -8.49 -36.24 -33.64
CA ASN E 94 -9.66 -36.16 -32.75
C ASN E 94 -10.82 -37.13 -33.05
N ALA E 95 -10.65 -37.95 -34.09
CA ALA E 95 -11.70 -38.83 -34.60
C ALA E 95 -11.95 -40.08 -33.77
N VAL E 96 -13.23 -40.35 -33.50
CA VAL E 96 -13.65 -41.60 -32.89
C VAL E 96 -14.37 -42.46 -33.94
N GLU E 97 -13.81 -43.65 -34.22
CA GLU E 97 -14.35 -44.49 -35.28
C GLU E 97 -14.62 -45.90 -34.77
N HIS E 98 -15.87 -46.34 -34.91
CA HIS E 98 -16.26 -47.66 -34.43
C HIS E 98 -16.16 -48.66 -35.57
N GLY E 99 -15.20 -49.58 -35.47
CA GLY E 99 -14.95 -50.54 -36.54
C GLY E 99 -15.36 -51.97 -36.21
N PRO E 100 -15.15 -52.90 -37.16
CA PRO E 100 -15.43 -54.32 -36.92
C PRO E 100 -14.63 -54.91 -35.75
N GLU E 101 -13.37 -54.48 -35.60
CA GLU E 101 -12.41 -55.11 -34.71
C GLU E 101 -12.24 -54.36 -33.39
N GLY E 102 -12.60 -53.08 -33.37
CA GLY E 102 -12.48 -52.26 -32.17
C GLY E 102 -12.96 -50.83 -32.35
N ILE E 103 -12.68 -50.00 -31.34
CA ILE E 103 -13.00 -48.58 -31.39
C ILE E 103 -11.69 -47.79 -31.51
N SER E 104 -11.58 -46.98 -32.56
CA SER E 104 -10.39 -46.19 -32.83
C SER E 104 -10.53 -44.76 -32.32
N PHE E 105 -9.55 -44.30 -31.54
CA PHE E 105 -9.49 -42.94 -31.03
C PHE E 105 -8.28 -42.20 -31.59
N GLY E 106 -8.50 -41.00 -32.11
CA GLY E 106 -7.43 -40.10 -32.52
C GLY E 106 -6.55 -39.84 -31.29
N ALA E 107 -5.26 -39.67 -31.51
CA ALA E 107 -4.28 -39.62 -30.42
C ALA E 107 -4.44 -38.39 -29.50
N ALA E 108 -5.13 -37.36 -30.00
CA ALA E 108 -5.30 -36.15 -29.23
C ALA E 108 -6.58 -36.19 -28.41
N CYS E 109 -7.34 -37.29 -28.53
CA CYS E 109 -8.59 -37.46 -27.80
C CYS E 109 -8.34 -37.41 -26.31
N ALA E 110 -9.11 -36.58 -25.63
CA ALA E 110 -8.97 -36.41 -24.18
C ALA E 110 -9.39 -37.70 -23.50
N LEU E 111 -8.83 -37.98 -22.34
CA LEU E 111 -9.16 -39.20 -21.60
C LEU E 111 -10.64 -39.26 -21.21
N SER E 112 -11.24 -38.10 -20.97
CA SER E 112 -12.67 -38.07 -20.62
C SER E 112 -13.54 -38.46 -21.80
N SER E 113 -13.09 -38.17 -23.02
CA SER E 113 -13.85 -38.54 -24.23
C SER E 113 -13.72 -40.04 -24.45
N VAL E 114 -12.53 -40.57 -24.16
CA VAL E 114 -12.27 -42.00 -24.24
C VAL E 114 -13.16 -42.73 -23.22
N GLU E 115 -13.18 -42.23 -21.98
CA GLU E 115 -14.02 -42.79 -20.93
C GLU E 115 -15.49 -42.82 -21.36
N LYS E 116 -15.97 -41.67 -21.83
CA LYS E 116 -17.37 -41.52 -22.23
C LYS E 116 -17.76 -42.43 -23.40
N THR E 117 -16.89 -42.54 -24.40
CA THR E 117 -17.11 -43.43 -25.55
C THR E 117 -17.14 -44.90 -25.14
N LEU E 118 -16.26 -45.26 -24.19
CA LEU E 118 -16.17 -46.65 -23.73
C LEU E 118 -17.33 -47.01 -22.80
N LEU E 119 -17.71 -46.09 -21.91
CA LEU E 119 -18.89 -46.25 -21.08
C LEU E 119 -20.15 -46.42 -21.95
N GLU E 120 -20.23 -45.69 -23.06
CA GLU E 120 -21.34 -45.82 -24.01
C GLU E 120 -21.33 -47.16 -24.75
N ALA E 121 -20.14 -47.61 -25.16
CA ALA E 121 -19.99 -48.92 -25.78
C ALA E 121 -20.33 -50.07 -24.83
N VAL E 122 -19.90 -49.93 -23.57
CA VAL E 122 -20.15 -50.92 -22.53
C VAL E 122 -21.63 -51.07 -22.19
N ALA E 123 -22.38 -49.97 -22.23
CA ALA E 123 -23.82 -50.05 -21.94
C ALA E 123 -24.59 -50.69 -23.09
N LYS E 124 -24.02 -50.68 -24.28
CA LYS E 124 -24.72 -51.11 -25.50
C LYS E 124 -24.41 -52.54 -25.91
N LEU E 125 -23.19 -53.00 -25.64
CA LEU E 125 -22.68 -54.24 -26.19
C LEU E 125 -22.76 -55.41 -25.22
N PRO E 126 -22.78 -56.66 -25.74
CA PRO E 126 -22.70 -57.83 -24.88
C PRO E 126 -21.45 -57.77 -24.00
N THR E 127 -21.58 -58.19 -22.74
CA THR E 127 -20.44 -58.21 -21.81
C THR E 127 -19.22 -58.89 -22.43
N GLN E 128 -19.48 -59.94 -23.21
CA GLN E 128 -18.40 -60.74 -23.77
C GLN E 128 -17.56 -59.99 -24.80
N LYS E 129 -18.06 -58.85 -25.26
CA LYS E 129 -17.31 -58.02 -26.21
C LYS E 129 -16.56 -56.85 -25.55
N THR E 130 -16.81 -56.60 -24.27
CA THR E 130 -16.33 -55.38 -23.62
C THR E 130 -15.31 -55.61 -22.49
N GLU E 131 -14.67 -56.78 -22.48
CA GLU E 131 -13.69 -57.13 -21.43
C GLU E 131 -12.51 -56.14 -21.41
N VAL E 132 -11.97 -55.82 -22.58
CA VAL E 132 -10.84 -54.89 -22.63
C VAL E 132 -11.35 -53.47 -22.27
N PHE E 133 -12.46 -53.04 -22.88
CA PHE E 133 -13.01 -51.70 -22.58
C PHE E 133 -13.21 -51.49 -21.09
N ARG E 134 -13.68 -52.54 -20.42
CA ARG E 134 -13.94 -52.50 -18.97
C ARG E 134 -12.65 -52.30 -18.18
N GLY E 135 -11.57 -52.94 -18.62
CA GLY E 135 -10.27 -52.81 -17.98
C GLY E 135 -9.72 -51.40 -18.17
N VAL E 136 -9.82 -50.90 -19.40
CA VAL E 136 -9.45 -49.52 -19.66
C VAL E 136 -10.21 -48.61 -18.68
N LEU E 137 -11.52 -48.82 -18.56
CA LEU E 137 -12.37 -48.01 -17.67
C LEU E 137 -12.02 -48.11 -16.19
N GLU E 138 -11.60 -49.30 -15.75
CA GLU E 138 -11.18 -49.51 -14.37
C GLU E 138 -9.94 -48.68 -14.04
N GLN E 139 -8.98 -48.67 -14.96
CA GLN E 139 -7.76 -47.88 -14.80
C GLN E 139 -8.06 -46.39 -14.80
N LEU E 140 -9.04 -45.99 -15.60
CA LEU E 140 -9.43 -44.58 -15.69
C LEU E 140 -10.27 -44.05 -14.51
N ARG E 141 -10.72 -44.96 -13.63
CA ARG E 141 -11.66 -44.61 -12.56
C ARG E 141 -11.16 -43.63 -11.49
N TRP E 142 -10.15 -44.04 -10.74
CA TRP E 142 -9.52 -43.14 -9.76
C TRP E 142 -8.14 -42.77 -10.31
N PHE E 143 -8.19 -42.02 -11.40
CA PHE E 143 -7.07 -41.66 -12.22
C PHE E 143 -7.21 -40.16 -12.33
N ALA E 144 -6.58 -39.42 -11.44
CA ALA E 144 -6.72 -37.97 -11.43
C ALA E 144 -8.19 -37.50 -11.26
N GLY E 145 -8.45 -36.21 -11.49
CA GLY E 145 -9.81 -35.69 -11.45
C GLY E 145 -10.32 -35.38 -12.85
N LYS E 146 -11.52 -34.80 -12.92
CA LYS E 146 -12.13 -34.38 -14.19
C LYS E 146 -11.28 -33.36 -14.93
N GLN E 147 -10.62 -32.48 -14.18
CA GLN E 147 -9.76 -31.44 -14.75
C GLN E 147 -8.64 -32.02 -15.61
N VAL E 148 -7.90 -32.97 -15.06
CA VAL E 148 -6.83 -33.60 -15.81
C VAL E 148 -7.39 -34.43 -16.97
N LYS E 149 -8.45 -35.20 -16.70
CA LYS E 149 -8.96 -36.12 -17.74
C LYS E 149 -9.63 -35.42 -18.90
N SER E 150 -10.02 -34.16 -18.70
CA SER E 150 -10.61 -33.36 -19.77
C SER E 150 -9.58 -32.81 -20.73
N VAL E 151 -8.32 -32.73 -20.31
CA VAL E 151 -7.27 -32.17 -21.19
C VAL E 151 -6.20 -33.18 -21.58
N ALA E 152 -5.99 -34.17 -20.72
CA ALA E 152 -4.95 -35.19 -20.95
C ALA E 152 -5.31 -36.02 -22.17
N SER E 153 -4.39 -36.14 -23.13
CA SER E 153 -4.69 -36.93 -24.34
C SER E 153 -4.33 -38.40 -24.17
N LEU E 154 -4.93 -39.24 -25.02
CA LEU E 154 -4.66 -40.68 -25.00
C LEU E 154 -3.22 -40.90 -25.46
N GLY E 155 -2.86 -40.28 -26.58
CA GLY E 155 -1.52 -40.34 -27.16
C GLY E 155 -0.45 -39.85 -26.21
N GLY E 156 -0.74 -38.76 -25.50
CA GLY E 156 0.17 -38.19 -24.53
C GLY E 156 0.60 -39.23 -23.50
N ASN E 157 -0.37 -39.93 -22.92
CA ASN E 157 -0.08 -40.98 -21.94
C ASN E 157 0.77 -42.11 -22.51
N ILE E 158 0.44 -42.55 -23.72
CA ILE E 158 1.15 -43.62 -24.39
C ILE E 158 2.61 -43.23 -24.71
N ILE E 159 2.78 -42.10 -25.38
CA ILE E 159 4.11 -41.69 -25.84
C ILE E 159 4.99 -41.22 -24.68
N THR E 160 4.39 -40.65 -23.63
CA THR E 160 5.14 -40.31 -22.41
C THR E 160 5.89 -41.55 -21.90
N ALA E 161 5.21 -42.70 -21.91
CA ALA E 161 5.83 -43.97 -21.56
C ALA E 161 6.45 -43.96 -20.16
N SER E 162 5.68 -43.48 -19.18
CA SER E 162 6.09 -43.55 -17.78
C SER E 162 6.04 -45.01 -17.38
N PRO E 163 7.03 -45.46 -16.59
CA PRO E 163 7.04 -46.84 -16.08
C PRO E 163 5.75 -47.14 -15.33
N ILE E 164 5.11 -46.11 -14.80
CA ILE E 164 3.89 -46.31 -14.03
C ILE E 164 2.61 -45.86 -14.73
N SER E 165 2.67 -45.66 -16.05
CA SER E 165 1.44 -45.44 -16.82
C SER E 165 0.44 -46.55 -16.51
N ASP E 166 -0.81 -46.18 -16.24
CA ASP E 166 -1.85 -47.14 -15.91
C ASP E 166 -2.53 -47.69 -17.17
N LEU E 167 -2.28 -47.05 -18.31
CA LEU E 167 -2.93 -47.42 -19.58
C LEU E 167 -2.05 -48.32 -20.45
N ASN E 168 -0.75 -48.03 -20.50
CA ASN E 168 0.16 -48.83 -21.34
C ASN E 168 0.18 -50.34 -21.01
N PRO E 169 0.08 -50.75 -19.72
CA PRO E 169 -0.05 -52.19 -19.47
C PRO E 169 -1.32 -52.81 -20.05
N VAL E 170 -2.41 -52.04 -20.06
CA VAL E 170 -3.68 -52.55 -20.57
C VAL E 170 -3.67 -52.64 -22.10
N PHE E 171 -3.11 -51.62 -22.73
CA PHE E 171 -2.90 -51.60 -24.17
C PHE E 171 -1.94 -52.70 -24.64
N MET E 172 -0.87 -52.93 -23.87
CA MET E 172 0.06 -54.02 -24.14
C MET E 172 -0.61 -55.39 -23.98
N ALA E 173 -1.36 -55.59 -22.90
CA ALA E 173 -1.99 -56.88 -22.65
C ALA E 173 -3.03 -57.23 -23.69
N SER E 174 -3.67 -56.21 -24.27
CA SER E 174 -4.77 -56.41 -25.20
C SER E 174 -4.30 -56.38 -26.64
N GLY E 175 -3.05 -55.96 -26.85
CA GLY E 175 -2.49 -55.78 -28.19
C GLY E 175 -3.19 -54.66 -28.95
N THR E 176 -3.53 -53.61 -28.22
CA THR E 176 -4.14 -52.41 -28.77
C THR E 176 -3.29 -51.92 -29.93
N LYS E 177 -3.96 -51.57 -31.03
CA LYS E 177 -3.28 -51.25 -32.28
C LYS E 177 -2.99 -49.76 -32.46
N LEU E 178 -1.73 -49.45 -32.73
CA LEU E 178 -1.26 -48.08 -32.92
C LEU E 178 -1.01 -47.78 -34.39
N THR E 179 -1.68 -46.74 -34.89
CA THR E 179 -1.38 -46.23 -36.23
C THR E 179 -0.42 -45.05 -36.13
N ILE E 180 0.73 -45.21 -36.76
CA ILE E 180 1.86 -44.31 -36.61
C ILE E 180 2.23 -43.80 -37.99
N VAL E 181 2.45 -42.50 -38.06
CA VAL E 181 2.46 -41.79 -39.32
C VAL E 181 3.61 -40.78 -39.40
N SER E 182 4.19 -40.65 -40.58
CA SER E 182 5.09 -39.54 -40.86
C SER E 182 4.79 -39.02 -42.26
N ARG E 183 5.56 -38.02 -42.69
CA ARG E 183 5.41 -37.43 -44.00
C ARG E 183 5.67 -38.52 -45.05
N GLY E 184 4.61 -39.03 -45.65
CA GLY E 184 4.77 -40.15 -46.58
C GLY E 184 4.47 -41.55 -46.06
N THR E 185 5.03 -41.93 -44.90
CA THR E 185 4.83 -43.31 -44.38
C THR E 185 3.76 -43.49 -43.28
N ARG E 186 3.21 -44.70 -43.22
CA ARG E 186 2.06 -45.05 -42.39
C ARG E 186 2.06 -46.53 -42.03
N ARG E 187 1.97 -46.84 -40.75
CA ARG E 187 2.02 -48.22 -40.29
C ARG E 187 1.10 -48.47 -39.09
N THR E 188 0.61 -49.70 -38.97
CA THR E 188 -0.24 -50.10 -37.85
C THR E 188 0.35 -51.32 -37.14
N VAL E 189 0.64 -51.15 -35.85
CA VAL E 189 1.25 -52.20 -35.05
C VAL E 189 0.46 -52.43 -33.75
N PRO E 190 0.20 -53.70 -33.39
CA PRO E 190 -0.28 -53.93 -32.05
C PRO E 190 0.83 -53.62 -31.04
N MET E 191 0.46 -53.03 -29.91
CA MET E 191 1.45 -52.75 -28.89
C MET E 191 1.87 -54.07 -28.23
N ASP E 192 3.18 -54.28 -28.16
CA ASP E 192 3.73 -55.40 -27.39
C ASP E 192 4.93 -54.93 -26.59
N HIS E 193 5.70 -55.87 -26.05
CA HIS E 193 6.83 -55.55 -25.18
C HIS E 193 7.89 -54.66 -25.88
N THR E 194 8.05 -54.86 -27.18
CA THR E 194 9.11 -54.17 -27.93
C THR E 194 8.85 -52.67 -28.18
N PHE E 195 7.62 -52.23 -27.92
CA PHE E 195 7.24 -50.83 -28.17
C PHE E 195 7.91 -49.87 -27.19
N PHE E 196 8.28 -50.39 -26.02
CA PHE E 196 9.00 -49.61 -25.02
C PHE E 196 10.39 -50.23 -24.82
N PRO E 197 11.38 -49.79 -25.64
CA PRO E 197 12.73 -50.37 -25.60
C PRO E 197 13.51 -50.02 -24.32
N SER E 198 13.41 -48.77 -23.89
CA SER E 198 14.14 -48.28 -22.71
C SER E 198 13.35 -47.19 -21.96
N TYR E 199 13.95 -46.66 -20.89
CA TYR E 199 13.32 -45.65 -20.04
C TYR E 199 12.72 -44.49 -20.83
N ARG E 200 11.39 -44.40 -20.79
CA ARG E 200 10.61 -43.33 -21.43
C ARG E 200 10.79 -43.17 -22.95
N LYS E 201 11.26 -44.24 -23.59
CA LYS E 201 11.36 -44.31 -25.04
C LYS E 201 10.30 -45.26 -25.61
N THR E 202 9.91 -45.01 -26.86
CA THR E 202 8.98 -45.89 -27.57
C THR E 202 9.55 -46.12 -28.95
N LEU E 203 9.00 -47.08 -29.68
CA LEU E 203 9.52 -47.41 -30.99
C LEU E 203 8.95 -46.54 -32.11
N LEU E 204 9.10 -45.21 -31.98
CA LEU E 204 8.78 -44.30 -33.07
C LEU E 204 10.04 -43.66 -33.65
N GLY E 205 10.06 -43.50 -34.97
CA GLY E 205 11.11 -42.74 -35.63
C GLY E 205 11.03 -41.26 -35.31
N PRO E 206 12.12 -40.51 -35.57
CA PRO E 206 12.16 -39.07 -35.23
C PRO E 206 11.09 -38.24 -35.95
N GLU E 207 10.67 -38.69 -37.13
CA GLU E 207 9.72 -37.92 -37.93
C GLU E 207 8.29 -38.37 -37.69
N GLU E 208 8.13 -39.45 -36.92
CA GLU E 208 6.85 -40.09 -36.74
C GLU E 208 6.01 -39.46 -35.63
N ILE E 209 4.70 -39.45 -35.83
CA ILE E 209 3.75 -39.19 -34.75
C ILE E 209 2.76 -40.35 -34.63
N LEU E 210 2.17 -40.47 -33.45
CA LEU E 210 1.09 -41.41 -33.22
C LEU E 210 -0.23 -40.80 -33.64
N LEU E 211 -0.97 -41.49 -34.51
CA LEU E 211 -2.15 -40.92 -35.13
C LEU E 211 -3.45 -41.35 -34.46
N SER E 212 -3.59 -42.66 -34.27
CA SER E 212 -4.80 -43.21 -33.66
C SER E 212 -4.49 -44.50 -32.95
N ILE E 213 -5.37 -44.86 -32.02
CA ILE E 213 -5.22 -46.00 -31.15
C ILE E 213 -6.51 -46.79 -31.21
N GLU E 214 -6.45 -48.07 -31.58
CA GLU E 214 -7.67 -48.88 -31.65
C GLU E 214 -7.71 -49.90 -30.52
N ILE E 215 -8.71 -49.72 -29.65
CA ILE E 215 -8.90 -50.58 -28.52
C ILE E 215 -9.88 -51.69 -28.93
N PRO E 216 -9.47 -52.97 -28.79
CA PRO E 216 -10.20 -54.07 -29.42
C PRO E 216 -11.43 -54.52 -28.64
N TYR E 217 -12.43 -55.03 -29.35
CA TYR E 217 -13.48 -55.80 -28.70
C TYR E 217 -12.82 -57.12 -28.24
N SER E 218 -13.27 -57.63 -27.11
CA SER E 218 -12.88 -58.96 -26.66
C SER E 218 -13.69 -60.04 -27.39
N ARG E 219 -13.08 -61.21 -27.57
CA ARG E 219 -13.66 -62.30 -28.35
C ARG E 219 -14.33 -63.30 -27.43
N GLU E 220 -15.11 -64.23 -27.99
CA GLU E 220 -15.57 -65.39 -27.23
C GLU E 220 -14.37 -66.06 -26.52
N ASP E 221 -14.61 -66.54 -25.29
CA ASP E 221 -13.59 -67.23 -24.48
C ASP E 221 -12.37 -66.37 -24.16
N GLU E 222 -12.55 -65.05 -24.19
CA GLU E 222 -11.47 -64.13 -23.91
C GLU E 222 -11.89 -63.18 -22.79
N PHE E 223 -11.08 -63.15 -21.73
CA PHE E 223 -11.37 -62.37 -20.53
C PHE E 223 -10.19 -61.50 -20.15
N PHE E 224 -10.49 -60.37 -19.51
CA PHE E 224 -9.49 -59.33 -19.25
C PHE E 224 -9.75 -58.71 -17.88
N SER E 225 -8.67 -58.38 -17.18
CA SER E 225 -8.71 -57.62 -15.92
C SER E 225 -7.60 -56.56 -15.90
N ALA E 226 -7.82 -55.50 -15.13
CA ALA E 226 -6.79 -54.50 -14.88
C ALA E 226 -6.81 -54.13 -13.41
N PHE E 227 -5.62 -53.98 -12.84
CA PHE E 227 -5.50 -53.61 -11.42
C PHE E 227 -4.43 -52.55 -11.24
N LYS E 228 -4.49 -51.84 -10.12
CA LYS E 228 -3.46 -50.87 -9.82
C LYS E 228 -3.31 -50.62 -8.34
N GLN E 229 -2.06 -50.47 -7.95
CA GLN E 229 -1.66 -50.12 -6.61
C GLN E 229 -2.26 -48.79 -6.29
N ALA E 230 -2.81 -48.65 -5.09
CA ALA E 230 -3.38 -47.37 -4.66
C ALA E 230 -2.47 -46.68 -3.66
N SER E 231 -1.23 -46.47 -4.07
CA SER E 231 -0.30 -45.55 -3.40
C SER E 231 0.81 -45.15 -4.38
N ARG E 232 1.00 -43.85 -4.55
CA ARG E 232 2.18 -43.36 -5.27
C ARG E 232 3.08 -42.62 -4.29
N ARG E 233 4.38 -42.91 -4.36
CA ARG E 233 5.37 -42.41 -3.40
C ARG E 233 6.54 -41.68 -4.11
N GLU E 234 7.02 -42.25 -5.22
CA GLU E 234 8.03 -41.63 -6.07
C GLU E 234 7.35 -41.07 -7.33
N ASP E 235 8.07 -40.28 -8.13
CA ASP E 235 7.44 -39.54 -9.22
C ASP E 235 6.94 -40.41 -10.40
N ASP E 236 7.80 -41.29 -10.91
CA ASP E 236 7.40 -42.14 -12.03
C ASP E 236 7.91 -43.60 -11.96
N ILE E 237 8.05 -44.13 -10.76
CA ILE E 237 8.47 -45.52 -10.55
C ILE E 237 7.73 -46.18 -9.38
N ALA E 238 7.74 -47.51 -9.37
CA ALA E 238 7.38 -48.30 -8.18
C ALA E 238 5.91 -48.26 -7.75
N LYS E 239 5.03 -48.03 -8.71
CA LYS E 239 3.60 -48.17 -8.50
C LYS E 239 3.11 -49.30 -9.40
N VAL E 240 2.73 -50.43 -8.81
CA VAL E 240 2.34 -51.61 -9.57
C VAL E 240 0.99 -51.41 -10.25
N THR E 241 0.94 -51.67 -11.55
CA THR E 241 -0.27 -51.48 -12.31
C THR E 241 -0.22 -52.50 -13.43
N CYS E 242 -1.36 -53.10 -13.79
CA CYS E 242 -1.28 -54.20 -14.73
C CYS E 242 -2.48 -54.35 -15.66
N GLY E 243 -2.22 -54.99 -16.80
CA GLY E 243 -3.27 -55.49 -17.68
C GLY E 243 -3.05 -57.00 -17.79
N MET E 244 -4.15 -57.74 -17.80
CA MET E 244 -4.13 -59.22 -17.79
C MET E 244 -5.18 -59.78 -18.73
N ARG E 245 -4.73 -60.59 -19.69
CA ARG E 245 -5.61 -61.13 -20.73
C ARG E 245 -5.42 -62.65 -20.89
N VAL E 246 -6.53 -63.37 -21.00
CA VAL E 246 -6.46 -64.80 -21.32
C VAL E 246 -7.44 -65.10 -22.45
N LEU E 247 -7.01 -65.96 -23.38
CA LEU E 247 -7.89 -66.48 -24.43
C LEU E 247 -7.86 -68.00 -24.33
N PHE E 248 -9.01 -68.60 -24.06
CA PHE E 248 -9.12 -70.06 -23.99
C PHE E 248 -9.56 -70.65 -25.33
N GLN E 249 -9.14 -71.88 -25.61
CA GLN E 249 -9.61 -72.60 -26.79
C GLN E 249 -11.14 -72.71 -26.70
N PRO E 250 -11.84 -72.65 -27.85
CA PRO E 250 -13.30 -72.51 -27.88
C PRO E 250 -14.00 -73.39 -26.87
N GLY E 251 -14.79 -72.77 -25.99
CA GLY E 251 -15.59 -73.46 -24.97
C GLY E 251 -14.84 -74.33 -23.97
N SER E 252 -13.57 -74.02 -23.71
CA SER E 252 -12.73 -74.80 -22.80
C SER E 252 -12.07 -73.93 -21.74
N MET E 253 -11.36 -74.58 -20.82
CA MET E 253 -10.53 -73.88 -19.82
C MET E 253 -9.04 -74.08 -20.16
N GLN E 254 -8.74 -74.31 -21.42
CA GLN E 254 -7.37 -74.54 -21.87
C GLN E 254 -6.80 -73.29 -22.54
N VAL E 255 -5.69 -72.79 -22.00
CA VAL E 255 -5.08 -71.52 -22.42
C VAL E 255 -4.54 -71.55 -23.86
N LYS E 256 -5.04 -70.65 -24.71
CA LYS E 256 -4.50 -70.48 -26.05
C LYS E 256 -3.51 -69.32 -26.08
N GLU E 257 -3.92 -68.22 -25.45
CA GLU E 257 -3.08 -67.03 -25.29
C GLU E 257 -3.16 -66.52 -23.85
N LEU E 258 -2.07 -65.97 -23.35
CA LEU E 258 -2.03 -65.38 -22.00
C LEU E 258 -1.06 -64.21 -21.98
N ALA E 259 -1.54 -63.06 -21.50
CA ALA E 259 -0.73 -61.85 -21.41
C ALA E 259 -0.84 -61.23 -20.03
N LEU E 260 0.32 -61.06 -19.40
CA LEU E 260 0.42 -60.31 -18.14
C LEU E 260 1.42 -59.19 -18.36
N CYS E 261 0.94 -57.96 -18.21
CA CYS E 261 1.77 -56.78 -18.46
C CYS E 261 1.66 -55.87 -17.25
N TYR E 262 2.81 -55.44 -16.76
CA TYR E 262 2.93 -54.67 -15.52
C TYR E 262 3.73 -53.39 -15.72
N GLY E 263 3.25 -52.31 -15.09
CA GLY E 263 4.06 -51.12 -14.86
C GLY E 263 4.51 -51.14 -13.41
N GLY E 264 5.41 -50.24 -13.05
CA GLY E 264 5.86 -50.12 -11.65
C GLY E 264 6.81 -51.22 -11.19
N MET E 265 7.29 -52.01 -12.16
CA MET E 265 8.18 -53.13 -11.86
C MET E 265 9.56 -53.02 -12.54
N ALA E 266 9.73 -52.00 -13.35
CA ALA E 266 10.99 -51.74 -14.07
C ALA E 266 10.94 -50.29 -14.53
N ASP E 267 11.93 -49.85 -15.31
CA ASP E 267 11.94 -48.48 -15.81
C ASP E 267 11.08 -48.35 -17.08
N ARG E 268 10.19 -49.31 -17.28
CA ARG E 268 9.28 -49.32 -18.41
C ARG E 268 8.22 -50.39 -18.22
N THR E 269 7.14 -50.29 -19.00
CA THR E 269 6.12 -51.31 -19.04
C THR E 269 6.69 -52.60 -19.62
N ILE E 270 6.48 -53.69 -18.91
CA ILE E 270 7.02 -55.00 -19.30
C ILE E 270 5.94 -56.06 -19.33
N SER E 271 6.20 -57.13 -20.07
CA SER E 271 5.33 -58.29 -20.13
C SER E 271 6.01 -59.51 -19.55
N ALA E 272 5.32 -60.27 -18.71
CA ALA E 272 5.88 -61.48 -18.12
C ALA E 272 5.91 -62.63 -19.15
N LEU E 273 6.73 -62.44 -20.19
CA LEU E 273 6.71 -63.27 -21.39
C LEU E 273 7.07 -64.73 -21.16
N LYS E 274 8.09 -64.96 -20.33
CA LYS E 274 8.55 -66.32 -20.08
C LYS E 274 7.52 -67.11 -19.26
N THR E 275 6.92 -66.44 -18.27
CA THR E 275 5.91 -67.04 -17.40
C THR E 275 4.66 -67.46 -18.17
N THR E 276 4.18 -66.60 -19.05
CA THR E 276 2.96 -66.87 -19.80
C THR E 276 3.17 -67.90 -20.92
N GLN E 277 4.34 -67.84 -21.54
CA GLN E 277 4.74 -68.84 -22.56
C GLN E 277 4.59 -70.25 -22.00
N LYS E 278 5.01 -70.42 -20.74
CA LYS E 278 4.94 -71.70 -20.02
C LYS E 278 3.53 -72.23 -19.81
N GLN E 279 2.53 -71.35 -19.86
CA GLN E 279 1.16 -71.74 -19.54
C GLN E 279 0.32 -72.08 -20.76
N LEU E 280 0.91 -71.95 -21.95
CA LEU E 280 0.15 -72.21 -23.16
C LEU E 280 -0.27 -73.68 -23.30
N SER E 281 -1.55 -73.86 -23.65
CA SER E 281 -2.23 -75.15 -23.73
C SER E 281 -2.33 -75.92 -22.40
N LYS E 282 -1.98 -75.24 -21.30
CA LYS E 282 -2.21 -75.78 -19.96
C LYS E 282 -3.64 -75.39 -19.53
N PHE E 283 -4.15 -76.04 -18.47
CA PHE E 283 -5.53 -75.78 -18.03
C PHE E 283 -5.59 -74.81 -16.84
N TRP E 284 -6.71 -74.07 -16.76
CA TRP E 284 -6.93 -73.05 -15.73
C TRP E 284 -7.34 -73.67 -14.40
N ASN E 285 -6.33 -74.00 -13.58
CA ASN E 285 -6.53 -74.71 -12.32
C ASN E 285 -5.51 -74.27 -11.27
N GLU E 286 -5.54 -74.94 -10.11
CA GLU E 286 -4.65 -74.65 -8.98
C GLU E 286 -3.16 -74.78 -9.35
N LYS E 287 -2.84 -75.70 -10.25
CA LYS E 287 -1.46 -75.91 -10.68
C LYS E 287 -0.98 -74.71 -11.49
N LEU E 288 -1.83 -74.24 -12.39
CA LEU E 288 -1.52 -73.06 -13.19
C LEU E 288 -1.27 -71.85 -12.29
N LEU E 289 -2.11 -71.70 -11.27
CA LEU E 289 -1.94 -70.62 -10.29
C LEU E 289 -0.54 -70.59 -9.70
N GLN E 290 -0.10 -71.72 -9.13
CA GLN E 290 1.19 -71.76 -8.47
C GLN E 290 2.34 -71.61 -9.45
N ASP E 291 2.19 -72.20 -10.64
CA ASP E 291 3.19 -72.10 -11.69
C ASP E 291 3.37 -70.66 -12.16
N VAL E 292 2.27 -69.93 -12.31
CA VAL E 292 2.35 -68.53 -12.71
C VAL E 292 2.97 -67.70 -11.59
N CYS E 293 2.51 -67.92 -10.36
CA CYS E 293 3.07 -67.21 -9.21
C CYS E 293 4.58 -67.45 -9.06
N ALA E 294 4.96 -68.71 -9.13
CA ALA E 294 6.38 -69.09 -9.15
C ALA E 294 7.10 -68.41 -10.31
N GLY E 295 6.46 -68.34 -11.47
CA GLY E 295 7.03 -67.67 -12.64
C GLY E 295 7.15 -66.16 -12.48
N LEU E 296 6.11 -65.53 -11.95
CA LEU E 296 6.13 -64.07 -11.73
C LEU E 296 7.22 -63.65 -10.73
N ALA E 297 7.33 -64.41 -9.64
CA ALA E 297 8.30 -64.15 -8.58
C ALA E 297 9.76 -64.26 -9.02
N GLU E 298 10.02 -65.07 -10.06
CA GLU E 298 11.37 -65.16 -10.64
C GLU E 298 11.59 -64.13 -11.74
N GLU E 299 10.69 -64.14 -12.74
CA GLU E 299 10.80 -63.29 -13.92
C GLU E 299 10.83 -61.80 -13.58
N LEU E 300 9.96 -61.38 -12.67
CA LEU E 300 9.86 -59.97 -12.31
C LEU E 300 10.53 -59.68 -10.97
N SER E 301 11.52 -60.49 -10.60
CA SER E 301 12.18 -60.33 -9.30
C SER E 301 12.94 -59.02 -9.23
N LEU E 302 12.90 -58.41 -8.05
CA LEU E 302 13.48 -57.11 -7.80
C LEU E 302 14.70 -57.25 -6.90
N SER E 303 15.79 -56.55 -7.25
CA SER E 303 16.95 -56.50 -6.38
C SER E 303 16.59 -55.70 -5.13
N PRO E 304 17.24 -56.00 -3.99
CA PRO E 304 16.94 -55.27 -2.75
C PRO E 304 17.24 -53.77 -2.85
N ASP E 305 17.92 -53.35 -3.91
CA ASP E 305 18.20 -51.95 -4.14
C ASP E 305 17.50 -51.42 -5.39
N ALA E 306 16.34 -51.99 -5.73
CA ALA E 306 15.62 -51.55 -6.93
C ALA E 306 14.99 -50.19 -6.67
N PRO E 307 15.07 -49.28 -7.66
CA PRO E 307 14.50 -47.93 -7.52
C PRO E 307 13.05 -47.95 -7.04
N GLY E 308 12.74 -47.07 -6.10
CA GLY E 308 11.40 -46.95 -5.56
C GLY E 308 11.11 -47.79 -4.32
N GLY E 309 11.95 -48.79 -4.07
CA GLY E 309 11.83 -49.62 -2.86
C GLY E 309 10.53 -50.39 -2.83
N MET E 310 9.94 -50.52 -1.63
CA MET E 310 8.71 -51.30 -1.42
C MET E 310 8.77 -52.69 -2.05
N ILE E 311 9.97 -53.27 -2.04
CA ILE E 311 10.29 -54.54 -2.72
C ILE E 311 9.33 -55.71 -2.43
N GLU E 312 9.08 -55.96 -1.15
CA GLU E 312 8.18 -57.04 -0.75
C GLU E 312 6.73 -56.79 -1.22
N PHE E 313 6.21 -55.60 -0.91
CA PHE E 313 4.86 -55.18 -1.31
C PHE E 313 4.64 -55.32 -2.83
N ARG E 314 5.59 -54.82 -3.62
CA ARG E 314 5.45 -54.86 -5.07
C ARG E 314 5.39 -56.29 -5.60
N ARG E 315 6.30 -57.13 -5.11
CA ARG E 315 6.34 -58.55 -5.49
C ARG E 315 5.00 -59.22 -5.13
N THR E 316 4.52 -58.94 -3.93
CA THR E 316 3.26 -59.50 -3.41
C THR E 316 2.05 -59.08 -4.24
N LEU E 317 2.05 -57.83 -4.69
CA LEU E 317 1.00 -57.30 -5.54
C LEU E 317 0.97 -57.98 -6.89
N THR E 318 2.15 -58.22 -7.50
CA THR E 318 2.17 -58.90 -8.82
C THR E 318 1.48 -60.27 -8.76
N LEU E 319 1.71 -61.00 -7.66
CA LEU E 319 1.05 -62.29 -7.43
C LEU E 319 -0.42 -62.12 -7.04
N SER E 320 -0.71 -61.12 -6.21
CA SER E 320 -2.07 -60.98 -5.68
C SER E 320 -3.02 -60.50 -6.77
N PHE E 321 -2.52 -59.65 -7.65
CA PHE E 321 -3.28 -59.21 -8.82
C PHE E 321 -3.54 -60.39 -9.75
N PHE E 322 -2.52 -61.20 -10.03
CA PHE E 322 -2.78 -62.40 -10.84
C PHE E 322 -3.78 -63.32 -10.16
N PHE E 323 -3.67 -63.50 -8.85
CA PHE E 323 -4.67 -64.28 -8.11
C PHE E 323 -6.09 -63.77 -8.27
N LYS E 324 -6.28 -62.44 -8.21
CA LYS E 324 -7.60 -61.85 -8.43
C LYS E 324 -8.09 -62.17 -9.85
N PHE E 325 -7.19 -62.02 -10.81
CA PHE E 325 -7.48 -62.33 -12.20
C PHE E 325 -7.92 -63.79 -12.33
N TYR E 326 -7.11 -64.68 -11.75
CA TYR E 326 -7.37 -66.11 -11.73
C TYR E 326 -8.80 -66.40 -11.25
N LEU E 327 -9.12 -65.98 -10.03
CA LEU E 327 -10.47 -66.14 -9.50
C LEU E 327 -11.57 -65.51 -10.35
N THR E 328 -11.31 -64.33 -10.92
CA THR E 328 -12.30 -63.61 -11.71
C THR E 328 -12.58 -64.34 -13.03
N VAL E 329 -11.53 -64.81 -13.69
CA VAL E 329 -11.66 -65.68 -14.85
C VAL E 329 -12.49 -66.94 -14.53
N LEU E 330 -12.27 -67.53 -13.36
CA LEU E 330 -13.04 -68.70 -12.95
C LEU E 330 -14.53 -68.40 -12.78
N LYS E 331 -14.87 -67.27 -12.16
CA LYS E 331 -16.27 -66.84 -12.04
C LYS E 331 -16.88 -66.55 -13.42
N LYS E 332 -16.12 -65.91 -14.29
CA LYS E 332 -16.54 -65.67 -15.67
C LYS E 332 -16.71 -66.97 -16.47
N LEU E 333 -16.14 -68.06 -15.96
CA LEU E 333 -16.30 -69.40 -16.54
C LEU E 333 -17.29 -70.30 -15.78
N GLY E 334 -17.05 -70.48 -14.48
CA GLY E 334 -17.77 -71.43 -13.64
C GLY E 334 -19.16 -70.96 -13.28
N ASP F 1 -28.36 -11.57 19.90
CA ASP F 1 -27.40 -12.54 20.51
C ASP F 1 -27.39 -13.84 19.69
N THR F 2 -26.26 -14.07 19.01
CA THR F 2 -26.10 -15.20 18.11
C THR F 2 -25.23 -16.29 18.74
N VAL F 3 -24.75 -16.07 19.97
CA VAL F 3 -23.87 -17.02 20.62
C VAL F 3 -24.65 -18.32 20.82
N GLY F 4 -24.09 -19.44 20.37
CA GLY F 4 -24.79 -20.71 20.43
C GLY F 4 -25.53 -21.03 19.14
N ARG F 5 -25.53 -20.10 18.19
CA ARG F 5 -26.19 -20.31 16.89
C ARG F 5 -25.16 -20.63 15.79
N PRO F 6 -25.59 -21.43 14.78
CA PRO F 6 -24.76 -21.84 13.65
C PRO F 6 -24.59 -20.79 12.57
N LEU F 7 -24.01 -19.65 12.94
CA LEU F 7 -23.78 -18.57 12.01
C LEU F 7 -22.64 -18.98 11.07
N PRO F 8 -22.87 -18.90 9.73
CA PRO F 8 -21.80 -19.22 8.83
C PRO F 8 -20.59 -18.30 9.03
N HIS F 9 -19.41 -18.85 8.75
CA HIS F 9 -18.16 -18.06 8.73
C HIS F 9 -18.42 -16.74 8.01
N LEU F 10 -18.08 -15.63 8.66
CA LEU F 10 -18.29 -14.28 8.11
C LEU F 10 -17.78 -14.07 6.70
N ALA F 11 -16.66 -14.71 6.36
CA ALA F 11 -16.09 -14.48 5.05
C ALA F 11 -16.52 -15.50 4.03
N ALA F 12 -17.35 -16.48 4.43
CA ALA F 12 -17.61 -17.61 3.53
C ALA F 12 -18.17 -17.21 2.19
N ALA F 13 -19.08 -16.22 2.15
CA ALA F 13 -19.66 -15.79 0.86
C ALA F 13 -18.59 -15.23 -0.07
N MET F 14 -17.66 -14.46 0.49
CA MET F 14 -16.61 -13.87 -0.33
C MET F 14 -15.55 -14.89 -0.73
N GLN F 15 -15.39 -15.91 0.10
CA GLN F 15 -14.49 -17.02 -0.23
C GLN F 15 -15.06 -17.82 -1.42
N ALA F 16 -16.37 -18.04 -1.43
CA ALA F 16 -17.03 -18.72 -2.55
C ALA F 16 -17.05 -17.91 -3.84
N SER F 17 -16.91 -16.59 -3.73
CA SER F 17 -17.00 -15.71 -4.90
C SER F 17 -15.61 -15.34 -5.43
N GLY F 18 -14.57 -15.68 -4.68
CA GLY F 18 -13.21 -15.34 -5.08
C GLY F 18 -12.85 -13.88 -4.79
N GLU F 19 -13.66 -13.24 -3.95
CA GLU F 19 -13.46 -11.82 -3.56
C GLU F 19 -12.60 -11.69 -2.30
N ALA F 20 -12.58 -12.72 -1.45
CA ALA F 20 -11.72 -12.69 -0.26
C ALA F 20 -10.26 -12.62 -0.70
N VAL F 21 -9.51 -11.73 -0.08
CA VAL F 21 -8.17 -11.45 -0.54
C VAL F 21 -7.22 -12.21 0.38
N TYR F 22 -6.35 -13.02 -0.21
CA TYR F 22 -5.23 -13.65 0.50
C TYR F 22 -3.97 -12.92 0.08
N CYS F 23 -2.88 -13.15 0.81
CA CYS F 23 -1.65 -12.38 0.60
C CYS F 23 -1.28 -12.13 -0.88
N ASP F 24 -1.16 -13.20 -1.69
CA ASP F 24 -0.71 -13.00 -3.09
C ASP F 24 -1.75 -12.33 -3.98
N ASP F 25 -2.98 -12.21 -3.48
CA ASP F 25 -4.05 -11.56 -4.22
C ASP F 25 -3.98 -10.03 -4.09
N ILE F 26 -3.20 -9.53 -3.14
CA ILE F 26 -2.99 -8.09 -3.04
C ILE F 26 -2.31 -7.63 -4.33
N PRO F 27 -2.81 -6.53 -4.94
CA PRO F 27 -2.20 -6.03 -6.18
C PRO F 27 -0.72 -5.69 -6.00
N ARG F 28 0.04 -5.76 -7.08
CA ARG F 28 1.47 -5.49 -7.02
C ARG F 28 1.70 -4.01 -7.28
N TYR F 29 2.62 -3.41 -6.55
CA TYR F 29 3.08 -2.08 -6.92
C TYR F 29 3.73 -2.12 -8.29
N GLU F 30 3.74 -0.98 -8.97
CA GLU F 30 4.37 -0.89 -10.30
C GLU F 30 5.84 -1.34 -10.29
N ASN F 31 6.52 -1.09 -9.18
CA ASN F 31 7.95 -1.36 -9.04
C ASN F 31 8.22 -2.65 -8.21
N GLU F 32 7.19 -3.44 -7.96
CA GLU F 32 7.30 -4.59 -7.05
C GLU F 32 8.10 -5.74 -7.67
N LEU F 33 9.04 -6.27 -6.89
CA LEU F 33 9.90 -7.36 -7.34
C LEU F 33 9.50 -8.69 -6.72
N PHE F 34 10.12 -9.78 -7.20
CA PHE F 34 9.82 -11.16 -6.75
C PHE F 34 11.06 -11.88 -6.28
N LEU F 35 10.92 -12.56 -5.15
CA LEU F 35 12.01 -13.29 -4.53
C LEU F 35 11.81 -14.79 -4.65
N ARG F 36 12.92 -15.49 -4.87
CA ARG F 36 12.92 -16.96 -4.86
C ARG F 36 14.11 -17.45 -4.07
N LEU F 37 13.84 -18.33 -3.11
CA LEU F 37 14.89 -18.83 -2.21
C LEU F 37 15.83 -19.76 -2.95
N VAL F 38 17.10 -19.70 -2.60
CA VAL F 38 18.09 -20.66 -3.11
C VAL F 38 18.48 -21.54 -1.92
N THR F 39 18.29 -22.85 -2.07
CA THR F 39 18.40 -23.75 -0.92
C THR F 39 19.38 -24.90 -1.16
N SER F 40 19.93 -25.43 -0.07
CA SER F 40 20.83 -26.59 -0.09
C SER F 40 20.21 -27.82 -0.72
N THR F 41 21.02 -28.47 -1.56
CA THR F 41 20.68 -29.77 -2.10
C THR F 41 21.41 -30.89 -1.36
N ARG F 42 22.16 -30.55 -0.30
CA ARG F 42 22.91 -31.53 0.51
C ARG F 42 22.42 -31.52 1.95
N ALA F 43 22.40 -32.69 2.60
CA ALA F 43 21.99 -32.77 4.00
C ALA F 43 23.00 -32.11 4.95
N HIS F 44 24.27 -32.16 4.61
CA HIS F 44 25.29 -31.61 5.50
C HIS F 44 26.55 -31.45 4.69
N ALA F 45 26.96 -30.20 4.50
CA ALA F 45 28.11 -29.90 3.66
C ALA F 45 28.69 -28.51 3.97
N LYS F 46 29.98 -28.35 3.70
CA LYS F 46 30.58 -27.01 3.59
C LYS F 46 30.15 -26.38 2.27
N ILE F 47 29.85 -25.09 2.31
CA ILE F 47 29.64 -24.32 1.09
C ILE F 47 31.01 -23.83 0.61
N LYS F 48 31.40 -24.29 -0.56
CA LYS F 48 32.73 -24.03 -1.11
C LYS F 48 32.70 -22.77 -1.99
N SER F 49 31.70 -22.68 -2.86
CA SER F 49 31.53 -21.51 -3.70
C SER F 49 30.06 -21.38 -4.13
N ILE F 50 29.70 -20.16 -4.51
CA ILE F 50 28.39 -19.85 -5.09
C ILE F 50 28.66 -19.03 -6.34
N ASP F 51 28.15 -19.52 -7.47
CA ASP F 51 28.37 -18.87 -8.76
C ASP F 51 27.03 -18.43 -9.33
N VAL F 52 26.88 -17.12 -9.53
CA VAL F 52 25.61 -16.55 -9.98
C VAL F 52 25.64 -16.07 -11.44
N SER F 53 26.74 -16.35 -12.12
CA SER F 53 26.99 -15.78 -13.44
C SER F 53 25.95 -16.19 -14.48
N GLU F 54 25.40 -17.39 -14.34
CA GLU F 54 24.32 -17.83 -15.22
C GLU F 54 22.98 -17.18 -14.88
N ALA F 55 22.71 -17.03 -13.58
CA ALA F 55 21.52 -16.31 -13.10
C ALA F 55 21.48 -14.88 -13.64
N GLN F 56 22.64 -14.22 -13.67
CA GLN F 56 22.76 -12.84 -14.18
C GLN F 56 22.33 -12.65 -15.64
N LYS F 57 22.28 -13.75 -16.39
CA LYS F 57 21.89 -13.76 -17.80
C LYS F 57 20.37 -13.88 -18.00
N VAL F 58 19.65 -14.21 -16.93
CA VAL F 58 18.20 -14.42 -17.01
C VAL F 58 17.53 -13.06 -17.14
N PRO F 59 16.64 -12.89 -18.14
CA PRO F 59 15.99 -11.60 -18.27
C PRO F 59 15.35 -11.19 -16.95
N GLY F 60 15.49 -9.93 -16.56
CA GLY F 60 14.82 -9.40 -15.35
C GLY F 60 15.54 -9.70 -14.03
N PHE F 61 16.69 -10.35 -14.12
CA PHE F 61 17.45 -10.63 -12.92
C PHE F 61 17.84 -9.29 -12.26
N VAL F 62 17.62 -9.20 -10.96
CA VAL F 62 17.97 -8.00 -10.17
C VAL F 62 19.23 -8.22 -9.34
N CYS F 63 19.19 -9.18 -8.42
CA CYS F 63 20.34 -9.49 -7.57
C CYS F 63 20.26 -10.86 -6.92
N PHE F 64 21.40 -11.31 -6.39
CA PHE F 64 21.44 -12.46 -5.50
C PHE F 64 21.80 -11.96 -4.11
N LEU F 65 21.07 -12.42 -3.10
CA LEU F 65 21.31 -12.02 -1.72
C LEU F 65 21.82 -13.19 -0.92
N SER F 66 22.77 -12.93 -0.04
CA SER F 66 23.32 -13.96 0.82
C SER F 66 23.62 -13.36 2.18
N ALA F 67 24.20 -14.18 3.05
CA ALA F 67 24.53 -13.77 4.41
C ALA F 67 25.26 -12.41 4.47
N ASP F 68 26.14 -12.17 3.51
CA ASP F 68 26.89 -10.91 3.49
C ASP F 68 26.07 -9.61 3.31
N ASP F 69 24.87 -9.72 2.75
CA ASP F 69 24.00 -8.56 2.51
C ASP F 69 23.20 -8.13 3.72
N ILE F 70 23.20 -8.95 4.77
CA ILE F 70 22.39 -8.69 5.94
C ILE F 70 22.98 -7.55 6.78
N PRO F 71 22.20 -6.48 6.99
CA PRO F 71 22.73 -5.34 7.74
C PRO F 71 22.80 -5.50 9.24
N GLY F 72 21.93 -6.32 9.82
CA GLY F 72 21.84 -6.38 11.27
C GLY F 72 22.39 -7.65 11.87
N SER F 73 21.65 -8.75 11.73
CA SER F 73 22.06 -10.03 12.30
C SER F 73 21.63 -11.18 11.43
N ASN F 74 22.51 -12.19 11.35
CA ASN F 74 22.22 -13.43 10.64
C ASN F 74 21.77 -14.51 11.62
N GLU F 75 21.49 -14.12 12.86
CA GLU F 75 21.11 -15.07 13.91
C GLU F 75 19.63 -14.98 14.17
N THR F 76 18.90 -16.07 13.95
CA THR F 76 17.45 -16.03 14.02
C THR F 76 16.90 -17.35 14.59
N GLY F 77 15.58 -17.48 14.59
CA GLY F 77 14.94 -18.69 15.07
C GLY F 77 14.50 -18.45 16.49
N LEU F 78 13.48 -19.19 16.91
CA LEU F 78 12.95 -19.04 18.26
C LEU F 78 14.05 -19.12 19.33
N PHE F 79 15.06 -19.95 19.11
CA PHE F 79 16.11 -20.12 20.12
C PHE F 79 17.46 -19.63 19.64
N ASN F 80 17.42 -18.77 18.63
CA ASN F 80 18.65 -18.11 18.13
C ASN F 80 19.71 -19.10 17.67
N ASP F 81 19.26 -20.21 17.07
CA ASP F 81 20.12 -21.29 16.60
C ASP F 81 20.00 -21.53 15.09
N GLU F 82 19.43 -20.54 14.39
CA GLU F 82 19.36 -20.60 12.93
C GLU F 82 20.04 -19.42 12.26
N THR F 83 20.42 -19.63 11.00
CA THR F 83 20.87 -18.55 10.15
C THR F 83 19.69 -18.07 9.34
N VAL F 84 19.71 -16.78 8.97
CA VAL F 84 18.76 -16.29 8.00
C VAL F 84 19.16 -16.88 6.66
N PHE F 85 20.46 -16.77 6.36
CA PHE F 85 21.08 -17.34 5.16
C PHE F 85 22.32 -18.13 5.62
N ALA F 86 22.43 -19.39 5.21
CA ALA F 86 23.57 -20.21 5.62
C ALA F 86 24.86 -19.59 5.09
N LYS F 87 25.91 -19.52 5.91
CA LYS F 87 27.17 -18.92 5.45
C LYS F 87 28.22 -19.92 4.95
N ASP F 88 28.72 -20.74 5.88
CA ASP F 88 29.84 -21.63 5.63
C ASP F 88 29.43 -23.08 5.42
N THR F 89 28.34 -23.49 6.09
CA THR F 89 27.90 -24.88 6.02
C THR F 89 26.38 -24.98 5.96
N VAL F 90 25.90 -26.01 5.28
CA VAL F 90 24.47 -26.27 5.20
C VAL F 90 24.18 -27.50 6.03
N THR F 91 23.03 -27.50 6.70
CA THR F 91 22.73 -28.56 7.66
C THR F 91 21.43 -29.30 7.37
N CYS F 92 20.83 -29.07 6.19
CA CYS F 92 19.79 -29.94 5.70
C CYS F 92 19.52 -29.63 4.25
N VAL F 93 18.91 -30.58 3.57
CA VAL F 93 18.43 -30.34 2.22
C VAL F 93 17.25 -29.35 2.37
N GLY F 94 17.29 -28.27 1.61
CA GLY F 94 16.29 -27.19 1.79
C GLY F 94 16.76 -26.04 2.67
N HIS F 95 17.97 -26.17 3.22
CA HIS F 95 18.57 -25.12 4.04
C HIS F 95 18.78 -23.86 3.22
N ILE F 96 18.20 -22.74 3.66
CA ILE F 96 18.28 -21.49 2.90
C ILE F 96 19.70 -20.88 2.85
N ILE F 97 20.23 -20.76 1.63
CA ILE F 97 21.57 -20.24 1.40
C ILE F 97 21.50 -18.77 1.00
N GLY F 98 20.49 -18.43 0.21
CA GLY F 98 20.33 -17.07 -0.30
C GLY F 98 19.02 -16.96 -1.06
N ALA F 99 18.92 -15.92 -1.88
CA ALA F 99 17.72 -15.65 -2.65
C ALA F 99 18.07 -14.81 -3.85
N VAL F 100 17.40 -15.12 -4.96
CA VAL F 100 17.37 -14.31 -6.14
C VAL F 100 16.16 -13.37 -6.07
N VAL F 101 16.35 -12.17 -6.59
CA VAL F 101 15.31 -11.19 -6.80
C VAL F 101 15.23 -10.90 -8.30
N ALA F 102 14.01 -10.85 -8.84
CA ALA F 102 13.82 -10.62 -10.27
C ALA F 102 12.51 -9.88 -10.53
N ASP F 103 12.27 -9.49 -11.79
CA ASP F 103 11.13 -8.62 -12.07
C ASP F 103 9.80 -9.35 -12.16
N THR F 104 9.84 -10.67 -12.33
CA THR F 104 8.64 -11.52 -12.34
C THR F 104 8.92 -12.80 -11.54
N PRO F 105 7.86 -13.48 -11.04
CA PRO F 105 8.11 -14.75 -10.36
C PRO F 105 8.70 -15.83 -11.28
N GLU F 106 8.29 -15.85 -12.55
CA GLU F 106 8.84 -16.77 -13.55
C GLU F 106 10.36 -16.57 -13.74
N HIS F 107 10.79 -15.31 -13.82
CA HIS F 107 12.22 -15.03 -13.99
C HIS F 107 13.02 -15.36 -12.73
N ALA F 108 12.42 -15.12 -11.58
CA ALA F 108 13.05 -15.48 -10.31
C ALA F 108 13.23 -16.98 -10.22
N GLU F 109 12.20 -17.72 -10.65
CA GLU F 109 12.25 -19.19 -10.66
C GLU F 109 13.38 -19.67 -11.57
N ARG F 110 13.47 -19.09 -12.75
CA ARG F 110 14.48 -19.50 -13.73
C ARG F 110 15.89 -19.16 -13.26
N ALA F 111 16.05 -18.00 -12.63
CA ALA F 111 17.36 -17.59 -12.13
C ALA F 111 17.81 -18.44 -10.94
N ALA F 112 16.87 -18.78 -10.05
CA ALA F 112 17.19 -19.59 -8.87
C ALA F 112 17.79 -20.93 -9.28
N HIS F 113 17.17 -21.56 -10.29
CA HIS F 113 17.54 -22.92 -10.70
C HIS F 113 18.97 -23.01 -11.20
N VAL F 114 19.44 -21.89 -11.71
CA VAL F 114 20.68 -21.79 -12.44
C VAL F 114 21.79 -21.18 -11.52
N VAL F 115 21.47 -20.94 -10.24
CA VAL F 115 22.51 -20.57 -9.28
C VAL F 115 23.32 -21.84 -8.95
N LYS F 116 24.64 -21.76 -9.10
CA LYS F 116 25.51 -22.93 -8.95
C LYS F 116 26.26 -22.94 -7.63
N VAL F 117 25.93 -23.90 -6.77
CA VAL F 117 26.57 -24.03 -5.47
C VAL F 117 27.49 -25.26 -5.46
N THR F 118 28.72 -25.07 -4.98
CA THR F 118 29.68 -26.14 -4.84
C THR F 118 29.82 -26.49 -3.38
N TYR F 119 29.73 -27.79 -3.07
CA TYR F 119 29.77 -28.26 -1.69
C TYR F 119 30.92 -29.20 -1.41
N GLU F 120 31.29 -29.34 -0.14
CA GLU F 120 32.05 -30.49 0.34
C GLU F 120 31.20 -31.20 1.40
N ASP F 121 30.72 -32.41 1.07
CA ASP F 121 29.87 -33.23 1.96
C ASP F 121 30.54 -33.56 3.29
N LEU F 122 29.75 -33.45 4.36
CA LEU F 122 30.16 -33.86 5.71
C LEU F 122 29.21 -34.98 6.13
N PRO F 123 29.55 -35.76 7.17
CA PRO F 123 28.67 -36.88 7.52
C PRO F 123 27.36 -36.37 8.09
N ALA F 124 26.25 -37.01 7.71
CA ALA F 124 24.90 -36.55 8.06
C ALA F 124 24.22 -37.48 9.05
N ILE F 125 23.35 -36.92 9.88
CA ILE F 125 22.56 -37.71 10.84
C ILE F 125 21.12 -37.43 10.42
N ILE F 126 20.44 -38.47 9.96
CA ILE F 126 19.12 -38.30 9.38
C ILE F 126 18.03 -38.96 10.22
N THR F 127 18.22 -40.21 10.61
CA THR F 127 17.18 -40.94 11.33
C THR F 127 17.29 -40.71 12.82
N ILE F 128 16.18 -40.94 13.53
CA ILE F 128 16.15 -40.99 15.00
C ILE F 128 17.20 -41.99 15.49
N GLU F 129 17.18 -43.18 14.90
CA GLU F 129 18.16 -44.21 15.21
C GLU F 129 19.60 -43.68 15.07
N ASP F 130 19.92 -43.01 13.96
CA ASP F 130 21.21 -42.30 13.77
C ASP F 130 21.51 -41.32 14.92
N ALA F 131 20.52 -40.51 15.29
CA ALA F 131 20.68 -39.51 16.34
C ALA F 131 21.00 -40.13 17.69
N ILE F 132 20.26 -41.20 18.02
CA ILE F 132 20.46 -41.92 19.29
C ILE F 132 21.89 -42.51 19.32
N LYS F 133 22.26 -43.19 18.24
CA LYS F 133 23.60 -43.78 18.17
C LYS F 133 24.71 -42.72 18.30
N ASN F 134 24.41 -41.48 17.92
CA ASN F 134 25.40 -40.42 17.96
C ASN F 134 25.23 -39.46 19.10
N ASN F 135 24.28 -39.74 19.99
CA ASN F 135 23.94 -38.83 21.08
C ASN F 135 23.73 -37.40 20.58
N SER F 136 23.07 -37.30 19.43
CA SER F 136 22.79 -36.01 18.83
C SER F 136 21.43 -35.53 19.27
N PHE F 137 21.39 -34.86 20.41
CA PHE F 137 20.15 -34.32 20.96
C PHE F 137 20.25 -32.83 21.20
N TYR F 138 19.10 -32.15 21.21
CA TYR F 138 18.98 -30.80 21.72
C TYR F 138 18.66 -30.85 23.20
N GLY F 139 19.51 -30.22 23.99
CA GLY F 139 19.23 -30.08 25.42
C GLY F 139 19.30 -31.41 26.13
N SER F 140 18.63 -31.52 27.28
CA SER F 140 18.66 -32.76 28.02
C SER F 140 17.30 -33.43 28.17
N GLU F 141 17.31 -34.67 28.67
CA GLU F 141 16.08 -35.42 28.86
C GLU F 141 14.99 -34.66 29.61
N LEU F 142 13.80 -34.65 29.03
CA LEU F 142 12.59 -34.28 29.76
C LEU F 142 12.01 -35.53 30.42
N LYS F 143 11.38 -35.39 31.59
CA LYS F 143 10.83 -36.53 32.32
C LYS F 143 9.65 -36.14 33.22
N ILE F 144 8.64 -36.99 33.22
CA ILE F 144 7.56 -36.94 34.19
C ILE F 144 7.50 -38.33 34.84
N GLU F 145 7.66 -38.39 36.17
CA GLU F 145 7.56 -39.65 36.89
C GLU F 145 6.63 -39.54 38.08
N LYS F 146 5.76 -40.54 38.26
CA LYS F 146 4.87 -40.61 39.42
C LYS F 146 4.76 -42.05 39.94
N GLY F 147 4.69 -42.21 41.25
CA GLY F 147 4.48 -43.50 41.87
C GLY F 147 5.78 -44.22 42.11
N ASP F 148 5.72 -45.55 42.07
CA ASP F 148 6.89 -46.41 42.29
C ASP F 148 6.92 -47.49 41.20
N LEU F 149 7.79 -47.27 40.21
CA LEU F 149 7.84 -48.14 39.03
C LEU F 149 8.34 -49.53 39.39
N LYS F 150 9.34 -49.57 40.25
CA LYS F 150 9.93 -50.83 40.71
C LYS F 150 8.84 -51.67 41.39
N LYS F 151 8.09 -51.07 42.30
CA LYS F 151 7.00 -51.76 42.99
C LYS F 151 5.89 -52.20 42.02
N GLY F 152 5.54 -51.32 41.10
CA GLY F 152 4.51 -51.60 40.11
C GLY F 152 4.82 -52.82 39.26
N PHE F 153 6.01 -52.83 38.65
CA PHE F 153 6.44 -53.96 37.83
C PHE F 153 6.58 -55.25 38.67
N SER F 154 7.12 -55.12 39.89
CA SER F 154 7.17 -56.25 40.83
C SER F 154 5.87 -56.99 41.03
N GLU F 155 4.73 -56.31 40.91
CA GLU F 155 3.44 -56.96 41.19
C GLU F 155 2.59 -57.27 39.94
N ALA F 156 3.06 -56.81 38.79
CA ALA F 156 2.39 -57.02 37.52
C ALA F 156 2.41 -58.49 37.08
N ASP F 157 1.24 -59.02 36.74
CA ASP F 157 1.12 -60.36 36.14
C ASP F 157 1.93 -60.49 34.85
N ASN F 158 1.77 -59.49 33.97
CA ASN F 158 2.42 -59.49 32.68
C ASN F 158 3.11 -58.19 32.35
N VAL F 159 4.00 -58.27 31.37
CA VAL F 159 4.61 -57.10 30.77
C VAL F 159 4.33 -57.20 29.26
N VAL F 160 4.38 -56.07 28.59
CA VAL F 160 4.48 -56.03 27.14
C VAL F 160 5.49 -54.92 26.87
N SER F 161 6.49 -55.23 26.07
CA SER F 161 7.48 -54.23 25.71
C SER F 161 7.58 -54.17 24.20
N GLY F 162 7.99 -53.03 23.66
CA GLY F 162 8.12 -52.93 22.23
C GLY F 162 8.61 -51.56 21.79
N GLU F 163 8.64 -51.37 20.48
CA GLU F 163 9.07 -50.12 19.86
C GLU F 163 7.97 -49.73 18.86
N LEU F 164 7.73 -48.42 18.73
CA LEU F 164 6.74 -47.93 17.78
C LEU F 164 7.29 -46.68 17.12
N TYR F 165 6.95 -46.50 15.84
CA TYR F 165 7.30 -45.30 15.11
C TYR F 165 6.06 -44.68 14.53
N ILE F 166 6.02 -43.35 14.61
CA ILE F 166 4.97 -42.59 13.91
C ILE F 166 5.59 -41.55 12.98
N GLY F 167 5.25 -41.63 11.70
CA GLY F 167 5.81 -40.71 10.72
C GLY F 167 5.31 -39.29 10.91
N GLY F 168 6.02 -38.34 10.34
CA GLY F 168 5.61 -36.93 10.41
C GLY F 168 4.45 -36.59 9.48
N GLN F 169 4.35 -35.31 9.10
CA GLN F 169 3.17 -34.88 8.34
C GLN F 169 3.47 -33.52 7.77
N ASP F 170 3.09 -33.31 6.51
CA ASP F 170 3.19 -31.98 5.91
C ASP F 170 1.87 -31.25 6.13
N HIS F 171 1.95 -29.96 6.45
CA HIS F 171 0.72 -29.23 6.81
C HIS F 171 -0.28 -29.22 5.67
N PHE F 172 0.25 -29.05 4.46
CA PHE F 172 -0.54 -28.93 3.25
C PHE F 172 -1.74 -27.96 3.42
N TYR F 173 -1.49 -26.84 4.10
CA TYR F 173 -2.37 -25.64 3.98
C TYR F 173 -2.54 -25.39 2.47
N LEU F 174 -3.76 -25.12 2.02
CA LEU F 174 -3.94 -24.95 0.59
C LEU F 174 -3.17 -23.72 0.10
N GLU F 175 -3.07 -22.69 0.94
CA GLU F 175 -2.22 -21.54 0.61
C GLU F 175 -0.88 -21.73 1.27
N THR F 176 0.18 -21.77 0.45
CA THR F 176 1.55 -21.91 0.93
C THR F 176 2.05 -20.58 1.57
N HIS F 177 3.27 -20.59 2.08
CA HIS F 177 3.82 -19.41 2.74
C HIS F 177 3.94 -18.27 1.74
N CYS F 178 3.64 -17.05 2.20
CA CYS F 178 3.66 -15.83 1.38
C CYS F 178 3.95 -14.64 2.27
N THR F 179 4.83 -13.76 1.80
CA THR F 179 5.04 -12.46 2.40
C THR F 179 5.22 -11.40 1.31
N ILE F 180 4.55 -10.26 1.51
CA ILE F 180 4.89 -9.01 0.81
C ILE F 180 5.56 -8.03 1.79
N ALA F 181 6.71 -7.46 1.40
CA ALA F 181 7.34 -6.44 2.24
C ALA F 181 7.46 -5.11 1.47
N ILE F 182 6.96 -4.05 2.10
CA ILE F 182 7.00 -2.69 1.52
C ILE F 182 7.95 -1.80 2.30
N PRO F 183 9.10 -1.45 1.71
CA PRO F 183 10.03 -0.61 2.48
C PRO F 183 9.57 0.86 2.30
N LYS F 184 9.41 1.61 3.39
CA LYS F 184 8.89 2.98 3.29
C LYS F 184 9.91 4.04 2.90
N GLY F 185 11.19 3.75 3.09
CA GLY F 185 12.23 4.68 2.68
C GLY F 185 12.64 5.64 3.79
N GLU F 186 11.96 5.58 4.93
CA GLU F 186 12.21 6.48 6.06
C GLU F 186 12.53 5.71 7.30
N GLU F 187 13.65 5.99 7.93
CA GLU F 187 13.91 5.53 9.28
C GLU F 187 13.87 3.98 9.45
N GLY F 188 14.11 3.24 8.39
CA GLY F 188 14.05 1.77 8.46
C GLY F 188 12.64 1.20 8.47
N GLU F 189 11.62 2.05 8.30
CA GLU F 189 10.24 1.59 8.38
C GLU F 189 9.89 0.61 7.27
N MET F 190 9.19 -0.46 7.64
CA MET F 190 8.74 -1.46 6.67
C MET F 190 7.35 -1.96 7.06
N GLU F 191 6.50 -2.19 6.07
CA GLU F 191 5.16 -2.71 6.29
C GLU F 191 5.08 -4.02 5.54
N LEU F 192 4.68 -5.06 6.25
CA LEU F 192 4.61 -6.42 5.68
C LEU F 192 3.21 -7.02 5.76
N PHE F 193 2.82 -7.67 4.67
CA PHE F 193 1.57 -8.39 4.57
C PHE F 193 1.99 -9.85 4.57
N VAL F 194 1.52 -10.62 5.54
CA VAL F 194 2.10 -11.95 5.74
C VAL F 194 1.02 -13.00 6.01
N SER F 195 1.21 -14.19 5.45
CA SER F 195 0.39 -15.36 5.82
C SER F 195 1.07 -16.05 7.02
N THR F 196 0.82 -15.52 8.21
CA THR F 196 1.39 -16.02 9.45
C THR F 196 0.40 -16.03 10.61
N GLN F 197 0.59 -16.99 11.53
CA GLN F 197 -0.15 -17.08 12.79
C GLN F 197 0.61 -16.28 13.84
N ASN F 198 1.75 -15.70 13.46
CA ASN F 198 2.63 -15.12 14.48
C ASN F 198 3.19 -13.76 14.00
N ALA F 199 2.34 -12.76 14.00
CA ALA F 199 2.75 -11.42 13.60
C ALA F 199 3.86 -10.88 14.51
N MET F 200 3.76 -11.19 15.81
CA MET F 200 4.75 -10.71 16.78
C MET F 200 6.16 -11.19 16.45
N LYS F 201 6.32 -12.50 16.24
CA LYS F 201 7.66 -13.02 15.92
C LYS F 201 8.13 -12.56 14.54
N THR F 202 7.21 -12.52 13.56
CA THR F 202 7.56 -11.97 12.26
C THR F 202 8.17 -10.57 12.42
N GLN F 203 7.49 -9.73 13.15
CA GLN F 203 7.90 -8.36 13.39
C GLN F 203 9.26 -8.30 14.07
N SER F 204 9.42 -9.07 15.14
CA SER F 204 10.68 -9.12 15.92
C SER F 204 11.86 -9.66 15.13
N PHE F 205 11.63 -10.74 14.37
CA PHE F 205 12.69 -11.36 13.57
C PHE F 205 13.12 -10.49 12.39
N VAL F 206 12.16 -9.83 11.71
CA VAL F 206 12.50 -8.84 10.68
C VAL F 206 13.35 -7.70 11.27
N ALA F 207 12.89 -7.12 12.38
CA ALA F 207 13.64 -6.04 13.07
C ALA F 207 15.07 -6.47 13.42
N LYS F 208 15.20 -7.69 13.95
CA LYS F 208 16.49 -8.23 14.37
C LYS F 208 17.43 -8.37 13.17
N MET F 209 16.93 -8.92 12.08
CA MET F 209 17.74 -9.10 10.88
C MET F 209 18.18 -7.75 10.33
N LEU F 210 17.26 -6.79 10.33
CA LEU F 210 17.52 -5.45 9.80
C LEU F 210 18.43 -4.63 10.73
N GLY F 211 18.45 -4.96 12.00
CA GLY F 211 19.18 -4.16 13.02
C GLY F 211 18.43 -2.87 13.39
N VAL F 212 17.11 -2.94 13.42
CA VAL F 212 16.25 -1.76 13.52
C VAL F 212 15.33 -2.00 14.73
N PRO F 213 14.88 -0.93 15.43
CA PRO F 213 13.95 -1.19 16.55
C PRO F 213 12.66 -1.80 16.04
N VAL F 214 12.00 -2.57 16.91
CA VAL F 214 10.78 -3.30 16.55
C VAL F 214 9.66 -2.32 16.16
N ASN F 215 9.66 -1.13 16.75
CA ASN F 215 8.62 -0.11 16.44
C ASN F 215 8.60 0.40 14.99
N ARG F 216 9.64 0.06 14.21
CA ARG F 216 9.74 0.43 12.80
C ARG F 216 8.98 -0.54 11.87
N ILE F 217 8.62 -1.70 12.40
CA ILE F 217 8.16 -2.79 11.53
C ILE F 217 6.67 -3.02 11.78
N LEU F 218 5.89 -3.00 10.71
CA LEU F 218 4.46 -3.19 10.89
C LEU F 218 4.13 -4.48 10.16
N VAL F 219 3.48 -5.43 10.85
CA VAL F 219 3.08 -6.71 10.24
C VAL F 219 1.57 -6.77 10.25
N ARG F 220 0.97 -7.04 9.10
CA ARG F 220 -0.47 -7.09 8.94
C ARG F 220 -0.90 -8.42 8.36
N VAL F 221 -1.89 -9.04 8.99
CA VAL F 221 -2.41 -10.35 8.58
C VAL F 221 -3.91 -10.26 8.45
N LYS F 222 -4.41 -10.33 7.22
CA LYS F 222 -5.84 -10.36 6.98
C LYS F 222 -6.41 -11.76 7.23
N ARG F 223 -5.88 -12.75 6.49
CA ARG F 223 -6.23 -14.14 6.71
C ARG F 223 -5.15 -15.06 6.14
N MET F 224 -5.21 -16.31 6.53
CA MET F 224 -4.45 -17.40 5.93
C MET F 224 -5.41 -18.37 5.28
N GLY F 225 -4.96 -18.91 4.15
CA GLY F 225 -5.57 -20.08 3.55
C GLY F 225 -5.06 -21.35 4.23
N GLY F 226 -5.24 -21.40 5.55
CA GLY F 226 -4.79 -22.54 6.34
C GLY F 226 -3.46 -22.21 6.97
N GLY F 227 -3.24 -22.75 8.17
CA GLY F 227 -2.02 -22.56 8.94
C GLY F 227 -1.60 -23.86 9.62
N PHE F 228 -2.49 -24.41 10.46
CA PHE F 228 -2.34 -25.71 11.11
C PHE F 228 -1.08 -25.87 11.97
N GLY F 229 -0.55 -24.77 12.49
CA GLY F 229 0.74 -24.79 13.20
C GLY F 229 1.95 -24.51 12.31
N GLY F 230 1.83 -24.78 11.00
CA GLY F 230 2.93 -24.56 10.07
C GLY F 230 3.31 -23.10 9.85
N LYS F 231 2.41 -22.21 10.27
CA LYS F 231 2.64 -20.75 10.12
C LYS F 231 2.80 -20.09 11.48
N GLU F 232 3.05 -20.92 12.50
CA GLU F 232 3.27 -20.43 13.87
C GLU F 232 4.66 -19.82 14.04
N THR F 233 5.69 -20.43 13.42
CA THR F 233 7.03 -19.85 13.43
C THR F 233 7.74 -19.90 12.08
N ARG F 234 7.50 -20.96 11.32
CA ARG F 234 8.30 -21.21 10.11
C ARG F 234 8.05 -20.21 8.97
N SER F 235 6.96 -19.43 9.06
CA SER F 235 6.67 -18.40 8.06
C SER F 235 7.79 -17.34 8.03
N THR F 236 8.54 -17.21 9.13
CA THR F 236 9.58 -16.20 9.18
C THR F 236 10.74 -16.50 8.22
N LEU F 237 10.88 -17.76 7.78
CA LEU F 237 11.92 -18.12 6.83
C LEU F 237 11.71 -17.33 5.54
N VAL F 238 10.46 -17.21 5.10
CA VAL F 238 10.17 -16.43 3.91
C VAL F 238 10.17 -14.93 4.24
N SER F 239 9.46 -14.55 5.31
CA SER F 239 9.30 -13.14 5.68
C SER F 239 10.64 -12.41 5.86
N VAL F 240 11.61 -13.07 6.47
CA VAL F 240 12.88 -12.39 6.77
C VAL F 240 13.66 -12.21 5.45
N ALA F 241 13.66 -13.22 4.59
CA ALA F 241 14.33 -13.09 3.30
C ALA F 241 13.71 -11.99 2.44
N VAL F 242 12.37 -11.93 2.42
CA VAL F 242 11.67 -10.90 1.65
C VAL F 242 11.94 -9.50 2.23
N ALA F 243 11.90 -9.37 3.55
CA ALA F 243 12.29 -8.13 4.19
C ALA F 243 13.67 -7.70 3.71
N LEU F 244 14.59 -8.64 3.61
CA LEU F 244 15.98 -8.27 3.25
C LEU F 244 16.00 -7.76 1.84
N ALA F 245 15.26 -8.42 0.95
CA ALA F 245 15.23 -7.97 -0.43
C ALA F 245 14.68 -6.56 -0.53
N ALA F 246 13.63 -6.27 0.23
CA ALA F 246 13.01 -4.94 0.23
C ALA F 246 13.99 -3.89 0.73
N TYR F 247 14.70 -4.23 1.79
CA TYR F 247 15.67 -3.33 2.39
C TYR F 247 16.77 -3.02 1.39
N LYS F 248 17.30 -4.05 0.76
CA LYS F 248 18.43 -3.88 -0.16
C LYS F 248 18.06 -3.13 -1.45
N THR F 249 16.91 -3.44 -2.03
CA THR F 249 16.55 -2.88 -3.33
C THR F 249 15.83 -1.54 -3.17
N GLY F 250 15.23 -1.34 -2.00
CA GLY F 250 14.34 -0.21 -1.76
C GLY F 250 13.01 -0.31 -2.49
N HIS F 251 12.72 -1.49 -3.07
CA HIS F 251 11.47 -1.74 -3.80
C HIS F 251 10.56 -2.66 -2.95
N PRO F 252 9.23 -2.57 -3.15
CA PRO F 252 8.38 -3.66 -2.62
C PRO F 252 8.84 -4.99 -3.20
N VAL F 253 8.77 -6.05 -2.38
CA VAL F 253 9.18 -7.39 -2.82
C VAL F 253 8.19 -8.40 -2.25
N ARG F 254 7.86 -9.42 -3.05
CA ARG F 254 7.05 -10.54 -2.52
C ARG F 254 7.60 -11.91 -2.89
N CYS F 255 7.07 -12.91 -2.20
CA CYS F 255 7.35 -14.29 -2.48
C CYS F 255 6.18 -15.10 -1.95
N MET F 256 5.63 -15.95 -2.81
CA MET F 256 4.78 -17.05 -2.38
C MET F 256 5.52 -18.33 -2.79
N LEU F 257 5.61 -19.29 -1.88
CA LEU F 257 6.33 -20.55 -2.19
C LEU F 257 5.52 -21.43 -3.12
N ASP F 258 6.21 -22.12 -4.05
CA ASP F 258 5.55 -23.20 -4.77
C ASP F 258 5.43 -24.34 -3.76
N ARG F 259 4.47 -25.24 -3.97
CA ARG F 259 4.22 -26.39 -3.11
C ARG F 259 5.49 -27.17 -2.78
N ASN F 260 6.30 -27.44 -3.81
CA ASN F 260 7.50 -28.27 -3.63
C ASN F 260 8.55 -27.58 -2.74
N GLU F 261 8.68 -26.27 -2.87
CA GLU F 261 9.54 -25.50 -1.93
C GLU F 261 9.01 -25.58 -0.52
N ASP F 262 7.71 -25.32 -0.37
CA ASP F 262 7.05 -25.32 0.94
C ASP F 262 7.27 -26.64 1.68
N MET F 263 6.96 -27.75 1.02
CA MET F 263 7.11 -29.08 1.66
C MET F 263 8.55 -29.38 2.08
N LEU F 264 9.53 -28.91 1.29
CA LEU F 264 10.95 -29.17 1.55
C LEU F 264 11.51 -28.32 2.69
N ILE F 265 11.18 -27.03 2.66
CA ILE F 265 11.88 -26.02 3.45
C ILE F 265 11.28 -25.79 4.84
N THR F 266 9.95 -25.82 4.95
CA THR F 266 9.23 -25.19 6.07
C THR F 266 8.93 -26.09 7.28
N GLY F 267 9.23 -27.38 7.20
CA GLY F 267 9.11 -28.28 8.35
C GLY F 267 7.70 -28.83 8.46
N GLY F 268 7.53 -29.93 9.18
CA GLY F 268 6.22 -30.51 9.38
C GLY F 268 6.06 -31.03 10.79
N ARG F 269 5.14 -31.96 10.96
CA ARG F 269 4.97 -32.60 12.26
C ARG F 269 6.22 -33.44 12.59
N HIS F 270 6.56 -33.53 13.87
CA HIS F 270 7.65 -34.37 14.33
C HIS F 270 7.34 -35.86 14.23
N PRO F 271 8.15 -36.61 13.47
CA PRO F 271 8.16 -38.08 13.63
C PRO F 271 8.50 -38.41 15.07
N PHE F 272 7.91 -39.48 15.63
CA PHE F 272 8.25 -39.91 16.98
C PHE F 272 8.65 -41.40 16.95
N LEU F 273 9.65 -41.74 17.75
CA LEU F 273 9.99 -43.13 18.04
C LEU F 273 9.76 -43.35 19.51
N ALA F 274 9.12 -44.44 19.88
CA ALA F 274 8.91 -44.75 21.29
C ALA F 274 9.34 -46.19 21.59
N ARG F 275 9.99 -46.36 22.74
CA ARG F 275 10.26 -47.68 23.31
C ARG F 275 9.50 -47.74 24.62
N TYR F 276 8.61 -48.73 24.74
CA TYR F 276 7.68 -48.80 25.87
C TYR F 276 7.70 -50.15 26.61
N LYS F 277 7.29 -50.10 27.86
CA LYS F 277 7.17 -51.28 28.71
C LYS F 277 5.98 -51.03 29.63
N VAL F 278 4.96 -51.88 29.51
CA VAL F 278 3.74 -51.73 30.29
C VAL F 278 3.52 -52.99 31.13
N GLY F 279 3.30 -52.80 32.43
CA GLY F 279 2.96 -53.91 33.33
C GLY F 279 1.49 -53.87 33.65
N PHE F 280 0.86 -55.03 33.67
CA PHE F 280 -0.58 -55.12 33.88
C PHE F 280 -1.00 -56.43 34.56
N MET F 281 -2.16 -56.40 35.21
CA MET F 281 -2.78 -57.59 35.78
C MET F 281 -3.50 -58.41 34.70
N LYS F 282 -3.89 -59.65 35.03
CA LYS F 282 -4.56 -60.55 34.09
C LYS F 282 -5.93 -60.00 33.72
N THR F 283 -6.38 -59.04 34.51
CA THR F 283 -7.65 -58.35 34.28
C THR F 283 -7.54 -57.24 33.22
N GLY F 284 -6.31 -56.90 32.83
CA GLY F 284 -6.10 -55.79 31.90
C GLY F 284 -5.85 -54.46 32.61
N THR F 285 -5.91 -54.46 33.95
CA THR F 285 -5.60 -53.28 34.76
C THR F 285 -4.11 -52.94 34.72
N ILE F 286 -3.80 -51.68 34.39
CA ILE F 286 -2.42 -51.23 34.24
C ILE F 286 -1.84 -50.86 35.61
N VAL F 287 -0.62 -51.31 35.87
CA VAL F 287 0.02 -51.13 37.16
C VAL F 287 1.35 -50.39 37.05
N ALA F 288 1.95 -50.42 35.87
CA ALA F 288 3.23 -49.71 35.64
C ALA F 288 3.44 -49.42 34.16
N LEU F 289 4.01 -48.25 33.87
CA LEU F 289 4.31 -47.87 32.48
C LEU F 289 5.60 -47.08 32.41
N GLU F 290 6.50 -47.48 31.53
CA GLU F 290 7.67 -46.68 31.16
C GLU F 290 7.66 -46.46 29.67
N VAL F 291 7.80 -45.21 29.24
CA VAL F 291 7.87 -44.88 27.82
C VAL F 291 9.01 -43.90 27.63
N ASP F 292 9.96 -44.25 26.79
CA ASP F 292 10.93 -43.27 26.31
C ASP F 292 10.54 -42.80 24.91
N HIS F 293 10.36 -41.48 24.77
CA HIS F 293 9.97 -40.86 23.50
C HIS F 293 11.19 -40.19 22.86
N TYR F 294 11.25 -40.24 21.54
CA TYR F 294 12.29 -39.55 20.76
C TYR F 294 11.63 -38.84 19.59
N SER F 295 11.80 -37.52 19.49
CA SER F 295 11.24 -36.79 18.33
C SER F 295 12.34 -36.50 17.33
N ASN F 296 12.00 -36.52 16.05
CA ASN F 296 12.92 -36.04 15.03
C ASN F 296 12.71 -34.55 14.82
N ALA F 297 13.53 -33.77 15.52
CA ALA F 297 13.42 -32.32 15.55
C ALA F 297 13.99 -31.63 14.29
N GLY F 298 14.96 -32.26 13.62
CA GLY F 298 15.61 -31.59 12.48
C GLY F 298 16.69 -30.60 12.89
N ASN F 299 16.99 -29.62 12.04
CA ASN F 299 18.21 -28.84 12.14
C ASN F 299 18.15 -27.55 12.99
N SER F 300 17.09 -27.37 13.77
CA SER F 300 17.04 -26.34 14.80
C SER F 300 16.04 -26.75 15.86
N ARG F 301 16.07 -26.06 16.99
CA ARG F 301 15.15 -26.34 18.09
C ARG F 301 13.72 -25.97 17.73
N ASP F 302 13.49 -24.74 17.27
CA ASP F 302 12.12 -24.26 17.06
C ASP F 302 11.23 -24.62 18.24
N LEU F 303 10.06 -25.22 17.99
CA LEU F 303 9.09 -25.57 19.06
C LEU F 303 9.24 -26.99 19.60
N SER F 304 10.34 -27.64 19.26
CA SER F 304 10.53 -29.05 19.58
C SER F 304 10.38 -29.37 21.07
N HIS F 305 10.98 -28.55 21.93
CA HIS F 305 10.90 -28.82 23.37
C HIS F 305 9.48 -28.81 23.88
N SER F 306 8.76 -27.73 23.58
CA SER F 306 7.36 -27.58 23.98
C SER F 306 6.47 -28.69 23.45
N ILE F 307 6.76 -29.12 22.22
CA ILE F 307 6.04 -30.26 21.63
C ILE F 307 6.27 -31.56 22.42
N MET F 308 7.52 -31.81 22.81
CA MET F 308 7.82 -32.94 23.71
C MET F 308 7.15 -32.79 25.08
N GLU F 309 7.11 -31.58 25.62
CA GLU F 309 6.40 -31.36 26.87
C GLU F 309 4.97 -31.84 26.70
N ARG F 310 4.32 -31.40 25.62
CA ARG F 310 2.93 -31.75 25.42
C ARG F 310 2.75 -33.27 25.24
N ALA F 311 3.73 -33.91 24.61
CA ALA F 311 3.71 -35.38 24.44
C ALA F 311 3.67 -36.04 25.80
N LEU F 312 4.64 -35.68 26.63
CA LEU F 312 4.70 -36.21 27.98
C LEU F 312 3.42 -35.97 28.79
N PHE F 313 2.78 -34.81 28.59
CA PHE F 313 1.52 -34.52 29.30
C PHE F 313 0.33 -35.36 28.84
N HIS F 314 0.44 -36.00 27.67
CA HIS F 314 -0.63 -36.79 27.10
C HIS F 314 -0.37 -38.31 26.97
N MET F 315 0.72 -38.78 27.55
CA MET F 315 1.12 -40.18 27.45
C MET F 315 0.16 -41.10 28.21
N ASP F 316 -0.69 -40.49 29.06
CA ASP F 316 -1.76 -41.21 29.79
C ASP F 316 -3.05 -41.42 29.00
N ASN F 317 -3.25 -40.66 27.91
CA ASN F 317 -4.57 -40.45 27.33
C ASN F 317 -5.65 -40.30 28.40
N CYS F 318 -6.65 -41.19 28.42
CA CYS F 318 -7.72 -41.11 29.43
C CYS F 318 -7.58 -42.15 30.54
N TYR F 319 -6.36 -42.66 30.75
CA TYR F 319 -6.16 -43.82 31.64
C TYR F 319 -5.36 -43.50 32.91
N LYS F 320 -5.87 -43.97 34.03
CA LYS F 320 -5.22 -43.83 35.34
C LYS F 320 -4.14 -44.89 35.47
N ILE F 321 -2.89 -44.44 35.65
CA ILE F 321 -1.75 -45.34 35.73
C ILE F 321 -0.91 -44.98 36.96
N PRO F 322 -0.99 -45.84 37.99
CA PRO F 322 -0.45 -45.59 39.35
C PRO F 322 1.03 -45.32 39.37
N ASN F 323 1.79 -46.02 38.52
CA ASN F 323 3.25 -45.92 38.51
C ASN F 323 3.72 -45.72 37.08
N ILE F 324 4.36 -44.58 36.84
CA ILE F 324 4.53 -44.13 35.46
C ILE F 324 5.79 -43.29 35.29
N ARG F 325 6.49 -43.50 34.20
CA ARG F 325 7.71 -42.75 33.90
C ARG F 325 7.74 -42.53 32.42
N GLY F 326 7.70 -41.26 32.00
CA GLY F 326 7.86 -40.92 30.60
C GLY F 326 9.08 -40.03 30.46
N THR F 327 9.88 -40.27 29.43
CA THR F 327 11.00 -39.43 29.11
C THR F 327 10.83 -38.96 27.67
N GLY F 328 11.47 -37.85 27.33
CA GLY F 328 11.56 -37.42 25.94
C GLY F 328 12.93 -36.87 25.59
N ARG F 329 13.41 -37.19 24.40
CA ARG F 329 14.58 -36.53 23.84
C ARG F 329 14.25 -35.96 22.49
N LEU F 330 14.93 -34.86 22.16
CA LEU F 330 14.78 -34.21 20.87
C LEU F 330 16.02 -34.53 20.05
N CYS F 331 15.82 -35.21 18.92
CA CYS F 331 16.92 -35.63 18.08
C CYS F 331 17.33 -34.53 17.13
N LYS F 332 18.60 -34.16 17.23
CA LYS F 332 19.21 -33.14 16.39
C LYS F 332 19.68 -33.82 15.11
N THR F 333 19.00 -33.51 14.01
CA THR F 333 19.26 -34.17 12.73
C THR F 333 19.41 -33.21 11.56
N ASN F 334 19.99 -33.73 10.47
CA ASN F 334 20.18 -32.97 9.25
C ASN F 334 18.96 -33.02 8.33
N LEU F 335 17.81 -32.61 8.87
CA LEU F 335 16.58 -32.46 8.11
C LEU F 335 15.99 -31.08 8.43
N SER F 336 15.14 -30.58 7.55
CA SER F 336 14.40 -29.34 7.85
C SER F 336 13.82 -29.40 9.24
N SER F 337 13.97 -28.31 9.98
CA SER F 337 13.47 -28.23 11.35
C SER F 337 11.98 -28.45 11.40
N ASN F 338 11.54 -29.44 12.14
CA ASN F 338 10.10 -29.68 12.33
C ASN F 338 9.50 -28.75 13.38
N THR F 339 8.18 -28.64 13.42
CA THR F 339 7.56 -27.51 14.10
C THR F 339 6.18 -27.89 14.60
N ALA F 340 5.36 -26.88 14.94
CA ALA F 340 4.01 -27.14 15.39
C ALA F 340 3.16 -27.72 14.26
N PHE F 341 2.29 -28.65 14.62
CA PHE F 341 1.26 -29.14 13.69
C PHE F 341 0.13 -29.59 14.62
N ARG F 342 -1.04 -29.02 14.38
CA ARG F 342 -2.28 -29.28 15.07
C ARG F 342 -2.21 -30.50 15.97
N GLY F 343 -2.10 -30.28 17.29
CA GLY F 343 -1.98 -31.43 18.19
C GLY F 343 -0.67 -31.33 18.96
N PHE F 344 0.41 -30.93 18.28
CA PHE F 344 1.61 -30.43 18.96
C PHE F 344 2.20 -31.48 19.92
N GLY F 345 2.39 -32.70 19.43
CA GLY F 345 3.06 -33.75 20.23
C GLY F 345 2.03 -34.60 20.96
N GLY F 346 0.83 -34.05 21.13
CA GLY F 346 -0.30 -34.80 21.68
C GLY F 346 -0.69 -36.04 20.87
N PRO F 347 -1.02 -35.88 19.57
CA PRO F 347 -1.43 -37.07 18.83
C PRO F 347 -0.38 -38.20 18.80
N GLN F 348 0.91 -37.85 18.70
CA GLN F 348 1.99 -38.84 18.80
C GLN F 348 1.95 -39.64 20.13
N ALA F 349 1.95 -38.90 21.25
CA ALA F 349 1.92 -39.54 22.58
C ALA F 349 0.65 -40.33 22.85
N LEU F 350 -0.50 -39.79 22.40
CA LEU F 350 -1.78 -40.46 22.57
C LEU F 350 -1.79 -41.77 21.77
N PHE F 351 -1.22 -41.72 20.57
CA PHE F 351 -1.09 -42.89 19.70
C PHE F 351 -0.25 -43.99 20.33
N ILE F 352 0.85 -43.59 20.95
CA ILE F 352 1.73 -44.53 21.65
C ILE F 352 0.96 -45.20 22.77
N ALA F 353 0.18 -44.42 23.53
CA ALA F 353 -0.71 -44.94 24.58
C ALA F 353 -1.73 -45.93 24.03
N GLU F 354 -2.48 -45.54 23.00
CA GLU F 354 -3.52 -46.43 22.49
C GLU F 354 -2.91 -47.73 21.93
N ASN F 355 -1.71 -47.62 21.37
CA ASN F 355 -1.03 -48.81 20.86
C ASN F 355 -0.73 -49.85 21.95
N TRP F 356 -0.05 -49.45 23.03
CA TRP F 356 0.15 -50.41 24.11
C TRP F 356 -1.15 -50.87 24.76
N MET F 357 -2.15 -49.98 24.82
CA MET F 357 -3.46 -50.38 25.36
C MET F 357 -4.07 -51.49 24.51
N SER F 358 -3.98 -51.33 23.20
CA SER F 358 -4.52 -52.34 22.29
C SER F 358 -3.79 -53.70 22.52
N GLU F 359 -2.49 -53.65 22.83
CA GLU F 359 -1.65 -54.83 23.04
C GLU F 359 -1.94 -55.51 24.39
N VAL F 360 -2.27 -54.70 25.39
CA VAL F 360 -2.70 -55.19 26.70
C VAL F 360 -3.98 -56.04 26.56
N ALA F 361 -4.97 -55.49 25.86
CA ALA F 361 -6.24 -56.18 25.58
C ALA F 361 -6.05 -57.55 24.89
N VAL F 362 -5.24 -57.56 23.84
CA VAL F 362 -4.94 -58.78 23.09
C VAL F 362 -4.19 -59.81 23.95
N THR F 363 -3.20 -59.33 24.73
CA THR F 363 -2.44 -60.19 25.65
C THR F 363 -3.37 -60.84 26.67
N CYS F 364 -4.31 -60.06 27.21
CA CYS F 364 -5.27 -60.57 28.19
C CYS F 364 -6.43 -61.34 27.55
N GLY F 365 -6.52 -61.32 26.22
CA GLY F 365 -7.63 -61.95 25.52
C GLY F 365 -8.98 -61.39 25.94
N LEU F 366 -9.03 -60.09 26.23
CA LEU F 366 -10.27 -59.42 26.66
C LEU F 366 -10.72 -58.40 25.61
N PRO F 367 -12.03 -58.06 25.60
CA PRO F 367 -12.50 -57.05 24.65
C PRO F 367 -11.88 -55.67 24.91
N ALA F 368 -11.34 -55.06 23.86
CA ALA F 368 -10.62 -53.77 23.93
C ALA F 368 -11.41 -52.67 24.66
N GLU F 369 -12.71 -52.55 24.38
CA GLU F 369 -13.54 -51.56 25.07
C GLU F 369 -13.60 -51.77 26.57
N GLU F 370 -13.51 -53.02 27.00
CA GLU F 370 -13.61 -53.37 28.42
C GLU F 370 -12.32 -52.95 29.15
N VAL F 371 -11.19 -53.18 28.49
CA VAL F 371 -9.89 -52.86 29.07
C VAL F 371 -9.68 -51.35 29.15
N ARG F 372 -10.05 -50.66 28.09
CA ARG F 372 -10.01 -49.19 28.09
C ARG F 372 -10.88 -48.61 29.21
N TRP F 373 -12.13 -49.05 29.29
CA TRP F 373 -13.06 -48.58 30.31
C TRP F 373 -12.56 -48.82 31.75
N LYS F 374 -12.14 -50.06 32.02
CA LYS F 374 -11.62 -50.48 33.32
C LYS F 374 -10.50 -49.59 33.82
N ASN F 375 -9.72 -49.06 32.88
CA ASN F 375 -8.53 -48.28 33.21
C ASN F 375 -8.77 -46.77 33.15
N MET F 376 -9.98 -46.37 32.78
CA MET F 376 -10.30 -44.95 32.63
C MET F 376 -10.23 -44.17 33.96
N TYR F 377 -9.69 -42.95 33.89
CA TYR F 377 -9.79 -42.00 35.00
C TYR F 377 -11.24 -41.89 35.48
N LYS F 378 -11.40 -41.43 36.71
CA LYS F 378 -12.72 -41.09 37.25
C LYS F 378 -12.73 -39.60 37.57
N GLU F 379 -13.93 -39.02 37.64
CA GLU F 379 -14.10 -37.63 38.09
C GLU F 379 -13.26 -37.35 39.33
N GLY F 380 -12.41 -36.33 39.23
CA GLY F 380 -11.60 -35.89 40.35
C GLY F 380 -10.26 -36.58 40.49
N ASP F 381 -9.98 -37.57 39.65
CA ASP F 381 -8.65 -38.18 39.64
C ASP F 381 -7.58 -37.15 39.34
N LEU F 382 -6.35 -37.46 39.72
CA LEU F 382 -5.19 -36.70 39.33
C LEU F 382 -4.49 -37.43 38.20
N THR F 383 -4.00 -36.67 37.23
CA THR F 383 -3.16 -37.17 36.15
C THR F 383 -1.77 -37.49 36.66
N HIS F 384 -0.93 -38.05 35.78
CA HIS F 384 0.48 -38.34 36.10
C HIS F 384 1.32 -37.11 36.38
N PHE F 385 0.83 -35.93 35.96
CA PHE F 385 1.46 -34.65 36.31
C PHE F 385 0.66 -33.92 37.41
N ASN F 386 -0.19 -34.67 38.11
CA ASN F 386 -0.81 -34.23 39.34
C ASN F 386 -1.82 -33.10 39.21
N GLN F 387 -2.45 -33.03 38.04
CA GLN F 387 -3.54 -32.09 37.85
C GLN F 387 -4.88 -32.80 37.95
N ARG F 388 -5.81 -32.20 38.68
CA ARG F 388 -7.09 -32.82 38.96
C ARG F 388 -7.98 -32.73 37.73
N LEU F 389 -8.74 -33.80 37.49
CA LEU F 389 -9.67 -33.82 36.36
C LEU F 389 -11.05 -33.44 36.84
N GLU F 390 -11.37 -32.17 36.64
CA GLU F 390 -12.66 -31.61 37.05
C GLU F 390 -13.55 -31.51 35.82
N GLY F 391 -14.77 -32.04 35.91
CA GLY F 391 -15.66 -32.07 34.76
C GLY F 391 -15.16 -33.04 33.71
N PHE F 392 -14.72 -34.21 34.17
CA PHE F 392 -14.23 -35.28 33.30
C PHE F 392 -15.41 -35.96 32.57
N SER F 393 -15.54 -35.67 31.28
CA SER F 393 -16.75 -36.04 30.56
C SER F 393 -16.59 -37.21 29.62
N VAL F 394 -15.41 -37.83 29.63
CA VAL F 394 -15.20 -38.98 28.75
C VAL F 394 -16.22 -40.10 29.04
N PRO F 395 -16.47 -40.41 30.32
CA PRO F 395 -17.50 -41.45 30.56
C PRO F 395 -18.85 -41.18 29.88
N ARG F 396 -19.28 -39.91 29.85
CA ARG F 396 -20.51 -39.53 29.14
C ARG F 396 -20.35 -39.69 27.63
N CYS F 397 -19.23 -39.19 27.10
CA CYS F 397 -18.95 -39.29 25.68
C CYS F 397 -18.91 -40.76 25.21
N TRP F 398 -18.28 -41.61 26.03
CA TRP F 398 -18.10 -43.05 25.76
C TRP F 398 -19.46 -43.73 25.70
N ASP F 399 -20.24 -43.53 26.75
CA ASP F 399 -21.58 -44.10 26.85
C ASP F 399 -22.46 -43.67 25.67
N GLU F 400 -22.46 -42.38 25.36
CA GLU F 400 -23.31 -41.89 24.29
C GLU F 400 -22.86 -42.33 22.91
N CYS F 401 -21.55 -42.42 22.70
CA CYS F 401 -21.01 -42.89 21.43
C CYS F 401 -21.29 -44.39 21.24
N LEU F 402 -21.08 -45.18 22.29
CA LEU F 402 -21.44 -46.62 22.26
C LEU F 402 -22.90 -46.78 21.83
N LYS F 403 -23.78 -46.03 22.50
CA LYS F 403 -25.20 -46.10 22.21
C LYS F 403 -25.55 -45.66 20.78
N SER F 404 -25.09 -44.47 20.38
CA SER F 404 -25.54 -43.90 19.11
C SER F 404 -24.84 -44.51 17.90
N SER F 405 -23.64 -45.05 18.09
CA SER F 405 -22.95 -45.75 17.01
C SER F 405 -23.46 -47.20 16.90
N GLN F 406 -24.23 -47.62 17.91
CA GLN F 406 -24.71 -49.01 18.03
C GLN F 406 -23.53 -49.96 17.93
N TYR F 407 -22.56 -49.71 18.82
CA TYR F 407 -21.25 -50.37 18.79
C TYR F 407 -21.35 -51.89 18.91
N TYR F 408 -22.01 -52.37 19.96
CA TYR F 408 -22.10 -53.81 20.24
C TYR F 408 -22.84 -54.60 19.14
N ALA F 409 -23.92 -54.04 18.60
CA ALA F 409 -24.60 -54.68 17.47
C ALA F 409 -23.69 -54.79 16.25
N ARG F 410 -22.95 -53.72 15.97
CA ARG F 410 -22.05 -53.72 14.83
C ARG F 410 -20.78 -54.57 15.03
N LYS F 411 -20.33 -54.73 16.27
CA LYS F 411 -19.19 -55.62 16.56
C LYS F 411 -19.52 -57.06 16.17
N SER F 412 -20.76 -57.47 16.44
CA SER F 412 -21.28 -58.76 16.02
C SER F 412 -21.31 -58.92 14.51
N GLU F 413 -21.86 -57.92 13.82
CA GLU F 413 -21.92 -57.93 12.35
C GLU F 413 -20.53 -57.95 11.70
N VAL F 414 -19.55 -57.32 12.35
CA VAL F 414 -18.16 -57.33 11.86
C VAL F 414 -17.59 -58.74 11.91
N ASP F 415 -17.91 -59.46 12.99
CA ASP F 415 -17.46 -60.82 13.18
C ASP F 415 -18.10 -61.75 12.14
N LYS F 416 -19.41 -61.56 11.95
CA LYS F 416 -20.13 -62.26 10.89
C LYS F 416 -19.46 -62.04 9.53
N PHE F 417 -19.15 -60.77 9.21
CA PHE F 417 -18.50 -60.47 7.95
C PHE F 417 -17.19 -61.23 7.83
N ASN F 418 -16.43 -61.22 8.92
CA ASN F 418 -15.12 -61.83 8.97
C ASN F 418 -15.20 -63.37 8.80
N LYS F 419 -16.25 -63.96 9.37
CA LYS F 419 -16.47 -65.39 9.20
C LYS F 419 -16.82 -65.77 7.76
N GLU F 420 -17.52 -64.88 7.07
CA GLU F 420 -18.06 -65.16 5.73
C GLU F 420 -17.18 -64.68 4.59
N ASN F 421 -16.06 -64.04 4.92
CA ASN F 421 -15.13 -63.50 3.92
C ASN F 421 -13.68 -63.92 4.16
N CYS F 422 -13.00 -64.23 3.07
CA CYS F 422 -11.64 -64.73 3.17
C CYS F 422 -10.58 -63.68 2.84
N TRP F 423 -10.85 -62.87 1.80
CA TRP F 423 -9.88 -61.92 1.24
C TRP F 423 -10.20 -60.43 1.52
N LYS F 424 -11.28 -60.20 2.25
CA LYS F 424 -11.66 -58.88 2.79
C LYS F 424 -11.99 -59.06 4.26
N LYS F 425 -11.59 -58.10 5.10
CA LYS F 425 -11.88 -58.18 6.54
C LYS F 425 -12.36 -56.83 7.09
N ARG F 426 -13.17 -56.86 8.13
CA ARG F 426 -13.64 -55.63 8.76
C ARG F 426 -13.03 -55.44 10.15
N GLY F 427 -12.92 -54.19 10.57
CA GLY F 427 -12.45 -53.86 11.90
C GLY F 427 -13.32 -52.74 12.45
N LEU F 428 -13.46 -52.70 13.77
CA LEU F 428 -14.25 -51.70 14.45
C LEU F 428 -13.53 -51.38 15.74
N CYS F 429 -13.35 -50.09 16.04
CA CYS F 429 -12.67 -49.67 17.27
C CYS F 429 -13.24 -48.36 17.81
N ILE F 430 -13.29 -48.26 19.13
CA ILE F 430 -13.74 -47.05 19.80
C ILE F 430 -12.65 -46.56 20.74
N ILE F 431 -12.25 -45.30 20.59
CA ILE F 431 -11.20 -44.76 21.45
C ILE F 431 -11.55 -43.40 22.04
N PRO F 432 -11.06 -43.10 23.25
CA PRO F 432 -11.31 -41.78 23.81
C PRO F 432 -10.13 -40.87 23.56
N THR F 433 -10.30 -39.57 23.83
CA THR F 433 -9.19 -38.66 23.98
C THR F 433 -9.45 -37.59 25.05
N LYS F 434 -8.39 -37.13 25.68
CA LYS F 434 -8.40 -35.85 26.41
C LYS F 434 -7.23 -35.02 25.93
N PHE F 435 -7.42 -33.70 25.90
CA PHE F 435 -6.42 -32.77 25.37
C PHE F 435 -6.42 -31.54 26.26
N GLY F 436 -5.27 -31.28 26.86
CA GLY F 436 -5.07 -30.21 27.81
C GLY F 436 -5.04 -28.86 27.13
N ILE F 437 -5.85 -27.93 27.65
CA ILE F 437 -6.00 -26.60 27.05
C ILE F 437 -5.19 -25.49 27.76
N SER F 438 -4.16 -24.99 27.05
CA SER F 438 -3.33 -23.81 27.37
C SER F 438 -1.96 -24.01 26.76
N PHE F 439 -1.25 -22.92 26.44
CA PHE F 439 0.18 -23.06 26.12
C PHE F 439 0.85 -23.60 27.38
N THR F 440 1.80 -24.53 27.24
CA THR F 440 2.48 -25.10 28.40
C THR F 440 3.52 -24.13 28.95
N VAL F 441 3.82 -23.11 28.14
CA VAL F 441 4.58 -21.94 28.61
C VAL F 441 3.57 -20.93 29.16
N PRO F 442 3.57 -20.70 30.48
CA PRO F 442 2.53 -19.85 31.06
C PRO F 442 2.44 -18.46 30.42
N PHE F 443 3.57 -17.85 30.04
CA PHE F 443 3.52 -16.45 29.58
C PHE F 443 2.84 -16.20 28.23
N LEU F 444 2.68 -17.24 27.43
CA LEU F 444 1.94 -17.12 26.18
C LEU F 444 0.43 -17.01 26.38
N ASN F 445 -0.06 -17.38 27.57
CA ASN F 445 -1.49 -17.34 27.86
C ASN F 445 -1.94 -15.94 28.22
N GLN F 446 -1.74 -15.04 27.26
CA GLN F 446 -2.14 -13.65 27.40
C GLN F 446 -2.74 -13.20 26.10
N ALA F 447 -3.68 -12.24 26.17
CA ALA F 447 -4.38 -11.79 24.98
C ALA F 447 -4.85 -10.35 25.11
N GLY F 448 -4.69 -9.57 24.04
CA GLY F 448 -5.21 -8.20 23.94
C GLY F 448 -6.25 -7.99 22.84
N ALA F 449 -7.06 -6.95 23.04
CA ALA F 449 -8.01 -6.48 22.04
C ALA F 449 -8.04 -4.93 22.12
N LEU F 450 -8.55 -4.33 21.05
CA LEU F 450 -8.68 -2.87 20.94
C LEU F 450 -9.96 -2.66 20.16
N ILE F 451 -10.89 -1.92 20.73
CA ILE F 451 -12.20 -1.76 20.10
C ILE F 451 -12.46 -0.27 20.00
N HIS F 452 -12.93 0.15 18.83
CA HIS F 452 -13.39 1.52 18.62
C HIS F 452 -14.85 1.51 18.24
N VAL F 453 -15.63 2.44 18.81
CA VAL F 453 -16.97 2.71 18.25
C VAL F 453 -16.89 4.05 17.50
N TYR F 454 -17.22 4.08 16.20
CA TYR F 454 -17.19 5.32 15.45
C TYR F 454 -18.53 6.03 15.65
N THR F 455 -18.59 7.29 15.23
CA THR F 455 -19.73 8.13 15.58
C THR F 455 -21.04 7.77 14.88
N ASP F 456 -20.98 6.88 13.87
CA ASP F 456 -22.22 6.28 13.28
C ASP F 456 -22.72 5.04 14.04
N GLY F 457 -22.03 4.67 15.12
CA GLY F 457 -22.38 3.50 15.90
C GLY F 457 -21.73 2.22 15.38
N SER F 458 -21.03 2.28 14.24
CA SER F 458 -20.31 1.09 13.81
C SER F 458 -19.07 0.85 14.66
N VAL F 459 -18.73 -0.43 14.82
CA VAL F 459 -17.74 -0.89 15.79
C VAL F 459 -16.64 -1.61 15.04
N LEU F 460 -15.38 -1.30 15.33
CA LEU F 460 -14.26 -1.99 14.72
C LEU F 460 -13.52 -2.70 15.83
N VAL F 461 -13.41 -4.01 15.70
CA VAL F 461 -12.77 -4.83 16.71
C VAL F 461 -11.45 -5.30 16.15
N SER F 462 -10.40 -5.16 16.96
CA SER F 462 -9.10 -5.71 16.65
C SER F 462 -8.64 -6.56 17.84
N HIS F 463 -8.04 -7.72 17.55
CA HIS F 463 -7.54 -8.57 18.64
C HIS F 463 -6.27 -9.26 18.13
N GLY F 464 -5.52 -9.88 19.04
CA GLY F 464 -4.22 -10.47 18.69
C GLY F 464 -4.28 -11.71 17.82
N GLY F 465 -5.48 -12.30 17.71
CA GLY F 465 -5.67 -13.56 16.98
C GLY F 465 -5.79 -13.39 15.47
N THR F 466 -5.34 -14.38 14.71
CA THR F 466 -5.45 -14.38 13.26
C THR F 466 -6.50 -15.38 12.77
N GLU F 467 -7.06 -15.11 11.59
CA GLU F 467 -8.01 -16.00 10.94
C GLU F 467 -7.26 -16.91 9.97
N MET F 468 -7.41 -18.23 10.15
CA MET F 468 -6.83 -19.22 9.20
C MET F 468 -7.86 -20.24 8.64
N GLY F 469 -9.13 -19.93 8.84
CA GLY F 469 -10.22 -20.80 8.45
C GLY F 469 -11.05 -21.29 9.61
N GLN F 470 -10.55 -21.13 10.85
CA GLN F 470 -11.17 -21.72 12.04
C GLN F 470 -12.37 -20.89 12.52
N GLY F 471 -12.53 -19.69 11.97
CA GLY F 471 -13.72 -18.87 12.25
C GLY F 471 -13.61 -18.11 13.55
N LEU F 472 -12.37 -17.79 13.91
CA LEU F 472 -12.09 -16.99 15.10
C LEU F 472 -12.72 -15.59 15.04
N HIS F 473 -12.52 -14.87 13.93
CA HIS F 473 -13.16 -13.53 13.80
C HIS F 473 -14.70 -13.63 13.89
N THR F 474 -15.27 -14.66 13.26
CA THR F 474 -16.70 -14.91 13.35
C THR F 474 -17.09 -15.01 14.83
N LYS F 475 -16.39 -15.86 15.58
CA LYS F 475 -16.70 -16.03 17.00
C LYS F 475 -16.51 -14.78 17.83
N MET F 476 -15.44 -14.04 17.55
CA MET F 476 -15.20 -12.77 18.22
C MET F 476 -16.32 -11.74 17.94
N VAL F 477 -16.85 -11.73 16.73
CA VAL F 477 -17.99 -10.85 16.40
C VAL F 477 -19.25 -11.28 17.14
N GLN F 478 -19.43 -12.58 17.24
CA GLN F 478 -20.57 -13.11 18.00
C GLN F 478 -20.49 -12.72 19.45
N VAL F 479 -19.28 -12.80 20.02
CA VAL F 479 -19.03 -12.40 21.42
C VAL F 479 -19.29 -10.89 21.65
N ALA F 480 -18.66 -10.06 20.80
CA ALA F 480 -18.87 -8.62 20.83
C ALA F 480 -20.34 -8.24 20.70
N SER F 481 -21.05 -8.83 19.75
CA SER F 481 -22.49 -8.59 19.59
C SER F 481 -23.28 -8.93 20.86
N LYS F 482 -23.00 -10.08 21.46
CA LYS F 482 -23.63 -10.49 22.71
C LYS F 482 -23.27 -9.53 23.85
N ALA F 483 -21.98 -9.22 24.00
CA ALA F 483 -21.54 -8.37 25.12
C ALA F 483 -22.07 -6.93 25.01
N LEU F 484 -22.01 -6.34 23.82
CA LEU F 484 -22.53 -4.98 23.60
C LEU F 484 -24.03 -4.87 23.49
N LYS F 485 -24.69 -6.00 23.23
CA LYS F 485 -26.12 -6.08 22.97
C LYS F 485 -26.56 -5.34 21.70
N ILE F 486 -25.78 -5.50 20.64
CA ILE F 486 -26.10 -4.91 19.34
C ILE F 486 -25.98 -6.00 18.26
N PRO F 487 -26.68 -5.82 17.14
CA PRO F 487 -26.60 -6.83 16.08
C PRO F 487 -25.18 -7.01 15.52
N ILE F 488 -24.85 -8.24 15.13
CA ILE F 488 -23.58 -8.50 14.46
C ILE F 488 -23.27 -7.59 13.27
N SER F 489 -24.30 -7.13 12.54
CA SER F 489 -24.06 -6.26 11.37
C SER F 489 -23.39 -4.93 11.73
N LYS F 490 -23.39 -4.55 13.00
CA LYS F 490 -22.78 -3.28 13.41
C LYS F 490 -21.30 -3.40 13.75
N ILE F 491 -20.78 -4.63 13.72
CA ILE F 491 -19.42 -4.90 14.17
C ILE F 491 -18.59 -5.42 13.00
N TYR F 492 -17.31 -5.10 12.95
CA TYR F 492 -16.45 -5.54 11.87
C TYR F 492 -15.08 -5.82 12.41
N ILE F 493 -14.47 -6.90 11.92
CA ILE F 493 -13.04 -7.17 12.09
C ILE F 493 -12.37 -7.16 10.73
N SER F 494 -11.36 -6.30 10.59
CA SER F 494 -10.67 -6.14 9.32
C SER F 494 -9.44 -7.03 9.17
N GLU F 495 -8.57 -7.06 10.18
CA GLU F 495 -7.29 -7.72 10.07
C GLU F 495 -6.68 -7.77 11.47
N THR F 496 -5.53 -8.44 11.54
CA THR F 496 -4.74 -8.50 12.76
C THR F 496 -3.51 -7.69 12.46
N SER F 497 -3.05 -6.84 13.40
CA SER F 497 -1.89 -6.02 13.08
C SER F 497 -1.12 -5.63 14.32
N THR F 498 0.19 -5.51 14.18
CA THR F 498 1.06 -5.28 15.33
C THR F 498 0.97 -3.85 15.87
N ASN F 499 0.39 -2.94 15.08
CA ASN F 499 0.18 -1.54 15.55
C ASN F 499 -1.19 -1.30 16.23
N THR F 500 -2.00 -2.35 16.31
CA THR F 500 -3.25 -2.23 17.05
C THR F 500 -3.17 -3.04 18.32
N VAL F 501 -2.69 -4.28 18.21
CA VAL F 501 -2.47 -5.10 19.39
C VAL F 501 -1.03 -5.61 19.36
N PRO F 502 -0.17 -5.16 20.29
CA PRO F 502 1.22 -5.58 20.28
C PRO F 502 1.49 -6.85 21.07
N ASN F 503 2.68 -7.42 20.87
CA ASN F 503 3.18 -8.51 21.70
C ASN F 503 2.24 -9.69 21.78
N SER F 504 1.57 -9.99 20.67
CA SER F 504 0.61 -11.08 20.69
C SER F 504 1.31 -12.44 20.65
N SER F 505 0.73 -13.40 21.34
CA SER F 505 1.15 -14.79 21.27
C SER F 505 0.70 -15.26 19.88
N PRO F 506 1.35 -16.31 19.31
CA PRO F 506 0.89 -16.90 18.02
C PRO F 506 -0.55 -17.38 18.16
N THR F 507 -1.31 -17.41 17.06
CA THR F 507 -2.65 -17.93 17.14
C THR F 507 -2.53 -19.46 17.12
N ALA F 508 -2.67 -20.08 18.31
CA ALA F 508 -2.15 -21.43 18.56
C ALA F 508 -2.68 -22.02 19.88
N ALA F 509 -2.41 -23.31 20.11
CA ALA F 509 -2.80 -24.01 21.33
C ALA F 509 -4.32 -24.10 21.51
N SER F 510 -5.08 -23.86 20.44
CA SER F 510 -6.55 -23.95 20.48
C SER F 510 -7.24 -22.96 21.43
N VAL F 511 -6.46 -22.05 22.04
CA VAL F 511 -7.00 -21.16 23.08
C VAL F 511 -7.47 -19.77 22.59
N SER F 512 -7.44 -19.55 21.27
CA SER F 512 -7.63 -18.18 20.76
C SER F 512 -9.04 -17.67 21.08
N THR F 513 -10.05 -18.53 20.93
CA THR F 513 -11.41 -18.16 21.30
C THR F 513 -11.50 -17.86 22.77
N ASP F 514 -10.87 -18.69 23.58
CA ASP F 514 -10.90 -18.53 25.02
C ASP F 514 -10.33 -17.17 25.41
N ILE F 515 -9.15 -16.87 24.87
CA ILE F 515 -8.37 -15.76 25.42
C ILE F 515 -8.71 -14.44 24.75
N TYR F 516 -8.81 -14.43 23.41
CA TYR F 516 -9.25 -13.22 22.74
C TYR F 516 -10.73 -12.96 23.02
N GLY F 517 -11.50 -14.02 23.25
CA GLY F 517 -12.93 -13.87 23.60
C GLY F 517 -13.03 -13.08 24.88
N GLN F 518 -12.14 -13.37 25.81
CA GLN F 518 -12.13 -12.66 27.09
C GLN F 518 -11.71 -11.19 26.94
N ALA F 519 -10.63 -10.94 26.18
CA ALA F 519 -10.17 -9.59 25.90
C ALA F 519 -11.22 -8.72 25.21
N VAL F 520 -11.87 -9.27 24.20
CA VAL F 520 -12.97 -8.62 23.51
C VAL F 520 -14.11 -8.30 24.47
N TYR F 521 -14.49 -9.28 25.28
CA TYR F 521 -15.52 -9.12 26.31
C TYR F 521 -15.21 -7.96 27.27
N GLU F 522 -13.97 -7.91 27.75
CA GLU F 522 -13.58 -6.86 28.69
C GLU F 522 -13.64 -5.45 28.08
N ALA F 523 -13.09 -5.32 26.88
CA ALA F 523 -13.18 -4.07 26.14
C ALA F 523 -14.62 -3.63 25.93
N CYS F 524 -15.51 -4.59 25.63
CA CYS F 524 -16.92 -4.32 25.44
C CYS F 524 -17.55 -3.80 26.72
N GLN F 525 -17.17 -4.40 27.84
CA GLN F 525 -17.68 -4.01 29.15
C GLN F 525 -17.31 -2.57 29.46
N THR F 526 -16.07 -2.19 29.20
CA THR F 526 -15.61 -0.79 29.30
C THR F 526 -16.49 0.16 28.46
N ILE F 527 -16.66 -0.13 27.17
CA ILE F 527 -17.59 0.63 26.32
C ILE F 527 -18.99 0.80 26.95
N LEU F 528 -19.59 -0.30 27.37
CA LEU F 528 -20.93 -0.25 27.99
C LEU F 528 -21.01 0.63 29.23
N LYS F 529 -19.97 0.53 30.06
CA LYS F 529 -19.86 1.35 31.27
C LYS F 529 -19.84 2.83 30.87
N ARG F 530 -19.10 3.16 29.81
CA ARG F 530 -18.97 4.54 29.40
C ARG F 530 -20.24 5.07 28.74
N LEU F 531 -20.98 4.18 28.09
CA LEU F 531 -22.23 4.56 27.44
C LEU F 531 -23.42 4.65 28.39
N GLU F 532 -23.29 4.02 29.55
CA GLU F 532 -24.44 3.84 30.45
C GLU F 532 -25.17 5.16 30.82
N PRO F 533 -24.43 6.24 31.17
CA PRO F 533 -25.10 7.52 31.48
C PRO F 533 -25.98 8.05 30.34
N PHE F 534 -25.55 7.84 29.10
CA PHE F 534 -26.30 8.29 27.93
C PHE F 534 -27.53 7.45 27.66
N LYS F 535 -27.43 6.13 27.91
CA LYS F 535 -28.60 5.25 27.87
C LYS F 535 -29.68 5.77 28.85
N LYS F 536 -29.26 6.07 30.08
CA LYS F 536 -30.17 6.58 31.11
C LYS F 536 -30.83 7.90 30.77
N LYS F 537 -30.12 8.78 30.06
CA LYS F 537 -30.65 10.07 29.65
C LYS F 537 -31.64 9.97 28.48
N ASN F 538 -31.53 8.90 27.69
CA ASN F 538 -32.30 8.71 26.46
C ASN F 538 -32.71 7.24 26.37
N PRO F 539 -33.52 6.77 27.35
CA PRO F 539 -33.84 5.36 27.52
C PRO F 539 -34.62 4.77 26.36
N ASP F 540 -35.33 5.60 25.59
CA ASP F 540 -36.10 5.13 24.45
C ASP F 540 -35.32 5.32 23.13
N GLY F 541 -34.06 5.73 23.23
CA GLY F 541 -33.24 6.01 22.06
C GLY F 541 -32.50 4.81 21.50
N SER F 542 -31.71 5.04 20.45
CA SER F 542 -31.00 3.97 19.77
C SER F 542 -29.54 3.93 20.17
N TRP F 543 -28.88 2.81 19.90
CA TRP F 543 -27.43 2.70 20.03
C TRP F 543 -26.75 3.92 19.40
N GLU F 544 -27.15 4.24 18.18
CA GLU F 544 -26.50 5.33 17.43
C GLU F 544 -26.60 6.67 18.18
N ASP F 545 -27.76 6.91 18.81
CA ASP F 545 -27.96 8.16 19.55
C ASP F 545 -27.13 8.21 20.83
N TRP F 546 -26.98 7.06 21.48
CA TRP F 546 -26.16 6.98 22.70
C TRP F 546 -24.68 7.21 22.39
N VAL F 547 -24.20 6.65 21.28
CA VAL F 547 -22.79 6.81 20.88
C VAL F 547 -22.52 8.29 20.57
N MET F 548 -23.40 8.90 19.78
CA MET F 548 -23.23 10.31 19.38
C MET F 548 -23.27 11.21 20.61
N ALA F 549 -24.18 10.94 21.54
CA ALA F 549 -24.22 11.71 22.79
C ALA F 549 -22.92 11.55 23.57
N ALA F 550 -22.37 10.33 23.61
CA ALA F 550 -21.13 10.08 24.33
C ALA F 550 -20.00 10.88 23.68
N TYR F 551 -19.95 10.82 22.36
CA TYR F 551 -18.93 11.56 21.60
C TYR F 551 -18.96 13.06 21.90
N GLN F 552 -20.17 13.63 21.87
CA GLN F 552 -20.38 15.07 22.04
C GLN F 552 -20.12 15.55 23.47
N ASP F 553 -20.16 14.59 24.39
CA ASP F 553 -19.81 14.84 25.80
C ASP F 553 -18.35 14.50 26.06
N ARG F 554 -17.61 14.24 24.98
CA ARG F 554 -16.17 13.97 25.05
C ARG F 554 -15.86 12.79 25.98
N VAL F 555 -16.63 11.72 25.79
CA VAL F 555 -16.32 10.42 26.38
C VAL F 555 -15.64 9.56 25.33
N SER F 556 -14.51 8.95 25.72
CA SER F 556 -13.71 8.14 24.77
C SER F 556 -14.46 6.89 24.37
N LEU F 557 -14.50 6.60 23.06
CA LEU F 557 -15.18 5.41 22.58
C LEU F 557 -14.13 4.41 22.05
N SER F 558 -12.94 4.45 22.63
CA SER F 558 -11.86 3.52 22.27
C SER F 558 -11.29 2.94 23.54
N THR F 559 -11.07 1.62 23.53
CA THR F 559 -10.54 0.99 24.71
C THR F 559 -9.83 -0.29 24.35
N THR F 560 -8.87 -0.63 25.20
CA THR F 560 -8.23 -1.94 25.13
C THR F 560 -8.98 -2.91 26.03
N GLY F 561 -8.71 -4.19 25.84
CA GLY F 561 -9.19 -5.26 26.69
C GLY F 561 -8.03 -6.22 26.77
N PHE F 562 -7.93 -6.95 27.89
CA PHE F 562 -6.77 -7.85 28.10
C PHE F 562 -7.19 -9.02 28.99
N TYR F 563 -6.62 -10.19 28.73
CA TYR F 563 -6.89 -11.35 29.56
C TYR F 563 -5.61 -12.14 29.75
N ARG F 564 -5.45 -12.66 30.96
CA ARG F 564 -4.31 -13.46 31.41
C ARG F 564 -4.90 -14.71 32.08
N THR F 565 -4.67 -15.89 31.51
CA THR F 565 -5.27 -17.13 32.04
C THR F 565 -4.74 -17.36 33.46
N PRO F 566 -5.64 -17.51 34.45
CA PRO F 566 -5.12 -17.62 35.83
C PRO F 566 -4.63 -19.02 36.21
N ASN F 567 -3.79 -19.06 37.24
CA ASN F 567 -3.38 -20.28 37.93
C ASN F 567 -2.71 -21.35 37.05
N LEU F 568 -1.86 -20.92 36.11
CA LEU F 568 -1.02 -21.83 35.33
C LEU F 568 0.41 -21.69 35.80
N GLY F 569 1.08 -22.83 35.95
CA GLY F 569 2.49 -22.84 36.31
C GLY F 569 2.93 -24.23 36.71
N TYR F 570 3.09 -25.13 35.73
CA TYR F 570 3.56 -26.49 36.02
C TYR F 570 5.07 -26.50 36.10
N SER F 571 5.58 -27.23 37.10
CA SER F 571 7.02 -27.40 37.25
C SER F 571 7.45 -28.84 37.04
N PHE F 572 8.39 -29.02 36.11
CA PHE F 572 8.98 -30.34 35.87
C PHE F 572 9.85 -30.77 37.04
N GLU F 573 10.35 -29.80 37.80
CA GLU F 573 11.14 -30.07 39.01
C GLU F 573 10.29 -30.70 40.12
N THR F 574 9.11 -30.13 40.39
CA THR F 574 8.27 -30.61 41.50
C THR F 574 7.10 -31.53 41.10
N ASN F 575 6.91 -31.77 39.80
CA ASN F 575 5.69 -32.44 39.28
C ASN F 575 4.40 -31.90 39.92
N SER F 576 4.26 -30.57 39.94
CA SER F 576 3.05 -29.94 40.45
C SER F 576 2.83 -28.57 39.79
N GLY F 577 1.66 -27.98 40.08
CA GLY F 577 1.21 -26.74 39.46
C GLY F 577 0.43 -27.08 38.20
N ASN F 578 -0.68 -26.38 37.96
CA ASN F 578 -1.49 -26.61 36.76
C ASN F 578 -0.75 -26.39 35.43
N ALA F 579 -0.78 -27.39 34.56
CA ALA F 579 -0.25 -27.24 33.21
C ALA F 579 -1.34 -26.70 32.26
N PHE F 580 -2.58 -27.03 32.57
CA PHE F 580 -3.69 -26.66 31.70
C PHE F 580 -4.81 -26.00 32.47
N HIS F 581 -5.63 -25.27 31.74
CA HIS F 581 -6.73 -24.56 32.34
C HIS F 581 -7.89 -25.52 32.55
N TYR F 582 -8.12 -26.37 31.55
CA TYR F 582 -9.11 -27.45 31.59
C TYR F 582 -8.75 -28.42 30.45
N PHE F 583 -9.58 -29.43 30.21
CA PHE F 583 -9.33 -30.37 29.13
C PHE F 583 -10.56 -30.45 28.23
N THR F 584 -10.32 -30.71 26.96
CA THR F 584 -11.40 -30.97 26.02
C THR F 584 -11.41 -32.49 25.81
N TYR F 585 -12.62 -33.08 25.74
CA TYR F 585 -12.77 -34.54 25.69
C TYR F 585 -13.57 -35.00 24.48
N GLY F 586 -13.39 -36.27 24.10
CA GLY F 586 -14.14 -36.83 22.98
C GLY F 586 -13.94 -38.33 22.85
N VAL F 587 -14.76 -38.93 21.99
CA VAL F 587 -14.72 -40.35 21.74
C VAL F 587 -15.11 -40.54 20.29
N ALA F 588 -14.42 -41.43 19.60
CA ALA F 588 -14.77 -41.77 18.23
C ALA F 588 -14.78 -43.29 18.05
N CYS F 589 -15.67 -43.75 17.17
CA CYS F 589 -15.85 -45.14 16.83
C CYS F 589 -15.82 -45.18 15.32
N SER F 590 -14.86 -45.91 14.76
CA SER F 590 -14.74 -46.08 13.32
C SER F 590 -14.74 -47.55 12.89
N GLU F 591 -15.28 -47.80 11.70
CA GLU F 591 -15.34 -49.12 11.12
C GLU F 591 -14.69 -49.03 9.76
N VAL F 592 -13.86 -50.01 9.43
CA VAL F 592 -13.20 -50.05 8.15
C VAL F 592 -13.36 -51.42 7.50
N GLU F 593 -13.15 -51.49 6.19
CA GLU F 593 -13.02 -52.76 5.48
C GLU F 593 -11.67 -52.75 4.77
N ILE F 594 -10.86 -53.79 5.00
CA ILE F 594 -9.59 -53.90 4.28
C ILE F 594 -9.67 -54.94 3.15
N ASP F 595 -8.99 -54.64 2.05
CA ASP F 595 -8.73 -55.63 1.01
C ASP F 595 -7.39 -56.32 1.33
N CYS F 596 -7.44 -57.56 1.81
CA CYS F 596 -6.24 -58.28 2.28
C CYS F 596 -5.28 -58.59 1.14
N LEU F 597 -5.81 -58.57 -0.09
CA LEU F 597 -5.03 -58.84 -1.28
C LEU F 597 -4.26 -57.62 -1.82
N THR F 598 -4.70 -56.40 -1.50
CA THR F 598 -4.08 -55.18 -2.06
C THR F 598 -3.53 -54.20 -1.02
N GLY F 599 -4.08 -54.25 0.19
CA GLY F 599 -3.72 -53.31 1.24
C GLY F 599 -4.58 -52.06 1.22
N ASP F 600 -5.45 -51.93 0.20
CA ASP F 600 -6.44 -50.85 0.17
C ASP F 600 -7.45 -51.05 1.30
N HIS F 601 -8.17 -49.99 1.67
CA HIS F 601 -9.22 -50.08 2.66
C HIS F 601 -10.29 -49.02 2.39
N LYS F 602 -11.48 -49.24 2.96
CA LYS F 602 -12.59 -48.31 2.86
C LYS F 602 -13.01 -47.92 4.26
N ASN F 603 -13.16 -46.62 4.48
CA ASN F 603 -13.69 -46.12 5.73
C ASN F 603 -15.21 -46.16 5.66
N LEU F 604 -15.81 -47.07 6.42
CA LEU F 604 -17.22 -47.35 6.31
C LEU F 604 -18.12 -46.37 7.06
N ARG F 605 -17.75 -46.08 8.30
CA ARG F 605 -18.57 -45.27 9.17
C ARG F 605 -17.72 -44.84 10.35
N THR F 606 -17.95 -43.60 10.78
CA THR F 606 -17.31 -43.02 11.96
C THR F 606 -18.38 -42.25 12.73
N ASP F 607 -18.44 -42.45 14.04
CA ASP F 607 -19.31 -41.70 14.92
C ASP F 607 -18.44 -41.00 15.95
N ILE F 608 -18.63 -39.70 16.10
CA ILE F 608 -17.91 -38.92 17.10
C ILE F 608 -18.87 -38.23 18.09
N VAL F 609 -18.47 -38.22 19.36
CA VAL F 609 -19.15 -37.44 20.37
C VAL F 609 -18.09 -36.59 21.02
N MET F 610 -18.22 -35.27 20.90
CA MET F 610 -17.16 -34.37 21.36
C MET F 610 -17.71 -33.43 22.43
N ASP F 611 -16.96 -33.26 23.50
CA ASP F 611 -17.32 -32.30 24.52
C ASP F 611 -16.62 -30.98 24.24
N VAL F 612 -17.37 -30.03 23.70
CA VAL F 612 -16.86 -28.69 23.49
C VAL F 612 -17.57 -27.67 24.41
N GLY F 613 -18.09 -28.14 25.54
CA GLY F 613 -18.84 -27.27 26.48
C GLY F 613 -20.08 -26.75 25.78
N SER F 614 -20.46 -25.52 26.11
CA SER F 614 -21.56 -24.85 25.43
C SER F 614 -20.98 -24.07 24.26
N SER F 615 -21.20 -24.62 23.07
CA SER F 615 -20.57 -24.11 21.86
C SER F 615 -20.96 -22.67 21.57
N LEU F 616 -19.98 -21.83 21.26
CA LEU F 616 -20.26 -20.49 20.78
C LEU F 616 -20.96 -20.55 19.41
N ASN F 617 -20.62 -21.56 18.63
CA ASN F 617 -21.12 -21.72 17.28
C ASN F 617 -21.03 -23.20 16.88
N PRO F 618 -22.15 -23.95 17.00
CA PRO F 618 -22.20 -25.38 16.69
C PRO F 618 -21.74 -25.74 15.27
N ALA F 619 -22.05 -24.91 14.28
CA ALA F 619 -21.63 -25.19 12.91
C ALA F 619 -20.11 -25.12 12.78
N ILE F 620 -19.53 -24.06 13.31
CA ILE F 620 -18.07 -23.89 13.28
C ILE F 620 -17.39 -25.02 14.07
N ASP F 621 -17.93 -25.33 15.26
CA ASP F 621 -17.31 -26.36 16.12
C ASP F 621 -17.42 -27.78 15.54
N ILE F 622 -18.56 -28.12 14.97
CA ILE F 622 -18.67 -29.39 14.25
C ILE F 622 -17.71 -29.38 13.04
N GLY F 623 -17.57 -28.23 12.41
CA GLY F 623 -16.62 -28.08 11.30
C GLY F 623 -15.20 -28.31 11.76
N GLN F 624 -14.88 -27.85 12.96
CA GLN F 624 -13.55 -28.08 13.50
C GLN F 624 -13.30 -29.55 13.85
N VAL F 625 -14.29 -30.20 14.46
CA VAL F 625 -14.18 -31.64 14.74
C VAL F 625 -13.99 -32.48 13.47
N GLU F 626 -14.80 -32.24 12.45
CA GLU F 626 -14.65 -32.96 11.17
C GLU F 626 -13.30 -32.72 10.48
N GLY F 627 -12.89 -31.47 10.42
CA GLY F 627 -11.59 -31.15 9.78
C GLY F 627 -10.42 -31.76 10.50
N ALA F 628 -10.42 -31.64 11.82
CA ALA F 628 -9.37 -32.20 12.64
C ALA F 628 -9.36 -33.71 12.48
N PHE F 629 -10.52 -34.35 12.68
CA PHE F 629 -10.58 -35.80 12.49
C PHE F 629 -10.02 -36.25 11.13
N VAL F 630 -10.38 -35.54 10.05
CA VAL F 630 -9.85 -35.93 8.73
C VAL F 630 -8.31 -35.73 8.62
N GLN F 631 -7.77 -34.66 9.21
CA GLN F 631 -6.30 -34.53 9.22
C GLN F 631 -5.60 -35.66 10.02
N GLY F 632 -6.23 -36.10 11.10
CA GLY F 632 -5.74 -37.25 11.90
C GLY F 632 -5.81 -38.55 11.11
N LEU F 633 -6.93 -38.80 10.45
CA LEU F 633 -7.03 -39.94 9.54
C LEU F 633 -5.93 -39.92 8.46
N GLY F 634 -5.62 -38.74 7.91
CA GLY F 634 -4.52 -38.60 6.99
C GLY F 634 -3.18 -38.94 7.62
N LEU F 635 -2.92 -38.37 8.80
CA LEU F 635 -1.71 -38.67 9.58
C LEU F 635 -1.47 -40.18 9.81
N PHE F 636 -2.52 -40.87 10.25
CA PHE F 636 -2.42 -42.28 10.62
C PHE F 636 -2.61 -43.31 9.50
N THR F 637 -3.15 -42.89 8.35
CA THR F 637 -3.51 -43.87 7.31
C THR F 637 -3.08 -43.58 5.85
N LEU F 638 -2.79 -42.33 5.52
CA LEU F 638 -2.63 -41.98 4.10
C LEU F 638 -1.32 -41.26 3.82
N GLU F 639 -0.98 -40.33 4.73
CA GLU F 639 0.10 -39.39 4.47
C GLU F 639 1.46 -39.94 4.88
N GLU F 640 2.38 -39.94 3.93
CA GLU F 640 3.68 -40.54 4.14
C GLU F 640 4.76 -39.73 3.44
N LEU F 641 5.67 -39.19 4.23
CA LEU F 641 6.81 -38.49 3.70
C LEU F 641 7.96 -39.49 3.55
N HIS F 642 8.66 -39.41 2.43
CA HIS F 642 9.70 -40.40 2.13
C HIS F 642 10.95 -39.63 1.67
N TYR F 643 12.11 -40.01 2.22
CA TYR F 643 13.39 -39.36 1.99
C TYR F 643 14.36 -40.30 1.29
N SER F 644 15.26 -39.77 0.46
CA SER F 644 16.39 -40.55 -0.01
C SER F 644 17.30 -40.92 1.20
N PRO F 645 18.13 -41.97 1.07
CA PRO F 645 19.08 -42.28 2.15
C PRO F 645 20.01 -41.11 2.48
N GLU F 646 20.26 -40.28 1.47
CA GLU F 646 21.07 -39.05 1.64
C GLU F 646 20.31 -37.89 2.31
N GLY F 647 19.03 -38.10 2.60
CA GLY F 647 18.20 -37.14 3.33
C GLY F 647 17.40 -36.12 2.51
N SER F 648 17.18 -36.41 1.24
CA SER F 648 16.43 -35.54 0.37
C SER F 648 14.98 -36.02 0.22
N LEU F 649 14.04 -35.14 0.55
CA LEU F 649 12.63 -35.46 0.53
C LEU F 649 12.19 -35.81 -0.89
N HIS F 650 11.56 -36.97 -1.05
CA HIS F 650 11.04 -37.41 -2.34
C HIS F 650 9.65 -36.88 -2.61
N THR F 651 8.84 -36.82 -1.56
CA THR F 651 7.41 -36.55 -1.69
C THR F 651 7.15 -35.05 -1.56
N ARG F 652 7.03 -34.37 -2.69
CA ARG F 652 7.06 -32.90 -2.71
C ARG F 652 5.82 -32.27 -3.35
N GLY F 653 4.78 -33.07 -3.55
CA GLY F 653 3.54 -32.53 -4.09
C GLY F 653 2.41 -33.52 -3.96
N PRO F 654 1.22 -33.11 -4.40
CA PRO F 654 0.03 -33.95 -4.25
C PRO F 654 0.05 -35.24 -5.08
N SER F 655 0.96 -35.37 -6.03
CA SER F 655 1.11 -36.62 -6.79
C SER F 655 1.81 -37.72 -5.98
N THR F 656 2.63 -37.32 -5.01
CA THR F 656 3.43 -38.27 -4.23
C THR F 656 3.11 -38.22 -2.73
N TYR F 657 2.34 -37.23 -2.30
CA TYR F 657 1.93 -37.10 -0.92
C TYR F 657 0.43 -36.97 -0.89
N LYS F 658 -0.25 -37.96 -0.35
CA LYS F 658 -1.70 -38.02 -0.47
C LYS F 658 -2.38 -37.61 0.82
N ILE F 659 -2.96 -36.42 0.82
CA ILE F 659 -3.86 -36.01 1.90
C ILE F 659 -5.26 -36.54 1.59
N PRO F 660 -6.13 -36.64 2.62
CA PRO F 660 -7.48 -37.14 2.34
C PRO F 660 -8.20 -36.35 1.25
N ALA F 661 -8.93 -37.11 0.42
CA ALA F 661 -9.68 -36.55 -0.70
C ALA F 661 -11.17 -36.69 -0.39
N PHE F 662 -12.00 -36.15 -1.28
CA PHE F 662 -13.45 -36.23 -1.10
C PHE F 662 -13.91 -37.67 -0.83
N GLY F 663 -13.30 -38.62 -1.52
CA GLY F 663 -13.66 -40.03 -1.39
C GLY F 663 -12.97 -40.81 -0.29
N SER F 664 -12.09 -40.15 0.47
CA SER F 664 -11.40 -40.80 1.60
C SER F 664 -12.23 -40.81 2.87
N ILE F 665 -13.22 -39.93 2.97
CA ILE F 665 -13.92 -39.76 4.23
C ILE F 665 -14.87 -40.94 4.49
N PRO F 666 -15.13 -41.25 5.78
CA PRO F 666 -16.08 -42.33 6.11
C PRO F 666 -17.42 -42.13 5.38
N THR F 667 -17.93 -43.19 4.76
CA THR F 667 -19.20 -43.14 4.02
C THR F 667 -20.35 -42.61 4.90
N GLU F 668 -20.39 -43.07 6.14
CA GLU F 668 -21.28 -42.49 7.13
C GLU F 668 -20.43 -41.80 8.18
N PHE F 669 -20.62 -40.50 8.33
CA PHE F 669 -19.71 -39.65 9.13
C PHE F 669 -20.60 -38.84 10.07
N ARG F 670 -20.72 -39.27 11.32
CA ARG F 670 -21.63 -38.64 12.28
C ARG F 670 -20.89 -37.97 13.42
N VAL F 671 -21.17 -36.68 13.64
CA VAL F 671 -20.56 -35.93 14.72
C VAL F 671 -21.64 -35.32 15.59
N SER F 672 -21.50 -35.47 16.91
CA SER F 672 -22.42 -34.90 17.87
C SER F 672 -21.63 -34.12 18.90
N LEU F 673 -22.18 -32.99 19.34
CA LEU F 673 -21.61 -32.25 20.45
C LEU F 673 -22.36 -32.57 21.74
N LEU F 674 -21.61 -32.96 22.77
CA LEU F 674 -22.18 -33.33 24.06
C LEU F 674 -23.07 -32.20 24.55
N ARG F 675 -24.28 -32.56 25.01
CA ARG F 675 -25.25 -31.62 25.55
C ARG F 675 -25.08 -31.42 27.06
N ASP F 676 -25.57 -30.29 27.55
CA ASP F 676 -25.59 -29.96 28.97
C ASP F 676 -24.26 -30.23 29.68
N CYS F 677 -23.19 -29.63 29.17
CA CYS F 677 -21.89 -29.72 29.82
C CYS F 677 -21.14 -28.37 29.82
N PRO F 678 -21.73 -27.34 30.44
CA PRO F 678 -21.08 -26.00 30.46
C PRO F 678 -19.68 -26.03 31.07
N ASN F 679 -18.74 -25.35 30.41
CA ASN F 679 -17.39 -25.22 30.95
C ASN F 679 -17.22 -23.89 31.67
N LYS F 680 -17.30 -23.92 33.00
CA LYS F 680 -17.12 -22.71 33.81
C LYS F 680 -15.82 -21.95 33.54
N LYS F 681 -14.82 -22.62 32.97
CA LYS F 681 -13.47 -22.03 32.86
C LYS F 681 -13.22 -21.18 31.61
N ALA F 682 -14.15 -21.17 30.65
CA ALA F 682 -13.92 -20.35 29.45
C ALA F 682 -15.12 -19.50 29.04
N ILE F 683 -14.89 -18.59 28.10
CA ILE F 683 -15.90 -17.61 27.68
C ILE F 683 -17.24 -18.22 27.31
N TYR F 684 -18.31 -17.72 27.96
CA TYR F 684 -19.68 -18.18 27.71
C TYR F 684 -19.83 -19.70 27.79
N ALA F 685 -19.03 -20.30 28.68
CA ALA F 685 -19.06 -21.75 28.99
C ALA F 685 -18.64 -22.67 27.86
N SER F 686 -17.90 -22.13 26.89
CA SER F 686 -17.41 -22.88 25.74
C SER F 686 -16.09 -23.62 26.05
N LYS F 687 -15.63 -24.43 25.10
CA LYS F 687 -14.33 -25.08 25.17
C LYS F 687 -13.52 -24.99 23.86
N ALA F 688 -12.20 -24.96 24.02
CA ALA F 688 -11.30 -25.08 22.84
C ALA F 688 -11.66 -26.31 22.02
N VAL F 689 -11.70 -26.17 20.69
CA VAL F 689 -12.05 -27.28 19.78
C VAL F 689 -11.03 -27.54 18.64
N GLY F 690 -10.09 -26.61 18.42
CA GLY F 690 -9.19 -26.67 17.26
C GLY F 690 -8.40 -27.96 17.10
N GLU F 691 -7.58 -28.31 18.09
CA GLU F 691 -6.70 -29.47 18.03
C GLU F 691 -7.23 -30.76 18.67
N PRO F 692 -8.05 -30.65 19.74
CA PRO F 692 -8.47 -31.88 20.42
C PRO F 692 -9.05 -33.04 19.60
N PRO F 693 -9.82 -32.77 18.52
CA PRO F 693 -10.41 -33.90 17.77
C PRO F 693 -9.47 -34.66 16.84
N LEU F 694 -8.30 -34.08 16.52
CA LEU F 694 -7.41 -34.69 15.52
C LEU F 694 -7.05 -36.12 15.85
N PHE F 695 -6.66 -36.35 17.10
CA PHE F 695 -6.26 -37.70 17.51
C PHE F 695 -7.37 -38.74 17.32
N LEU F 696 -8.64 -38.32 17.38
CA LEU F 696 -9.75 -39.27 17.18
C LEU F 696 -9.67 -39.97 15.81
N GLY F 697 -8.94 -39.37 14.88
CA GLY F 697 -8.62 -40.01 13.61
C GLY F 697 -7.92 -41.37 13.75
N ALA F 698 -7.25 -41.59 14.89
CA ALA F 698 -6.56 -42.84 15.19
C ALA F 698 -7.52 -44.02 15.28
N SER F 699 -8.79 -43.73 15.55
CA SER F 699 -9.83 -44.77 15.59
C SER F 699 -9.92 -45.58 14.29
N VAL F 700 -9.66 -44.91 13.16
CA VAL F 700 -9.51 -45.58 11.86
C VAL F 700 -8.27 -46.49 11.85
N PHE F 701 -7.16 -46.03 12.46
CA PHE F 701 -5.92 -46.84 12.51
C PHE F 701 -6.16 -48.16 13.28
N PHE F 702 -6.83 -48.06 14.43
CA PHE F 702 -7.00 -49.24 15.27
C PHE F 702 -8.09 -50.19 14.76
N ALA F 703 -9.07 -49.64 14.04
CA ALA F 703 -10.02 -50.44 13.26
C ALA F 703 -9.27 -51.24 12.19
N ILE F 704 -8.34 -50.60 11.48
CA ILE F 704 -7.50 -51.29 10.47
C ILE F 704 -6.67 -52.40 11.13
N LYS F 705 -6.08 -52.09 12.28
CA LYS F 705 -5.24 -53.05 12.99
C LYS F 705 -6.04 -54.32 13.35
N ASP F 706 -7.24 -54.10 13.90
CA ASP F 706 -8.24 -55.10 14.23
C ASP F 706 -8.61 -55.95 13.01
N ALA F 707 -8.84 -55.31 11.86
CA ALA F 707 -9.08 -56.03 10.61
C ALA F 707 -7.85 -56.86 10.15
N ILE F 708 -6.65 -56.31 10.32
CA ILE F 708 -5.42 -57.06 9.98
C ILE F 708 -5.31 -58.29 10.88
N ARG F 709 -5.64 -58.11 12.16
CA ARG F 709 -5.64 -59.17 13.14
C ARG F 709 -6.63 -60.29 12.74
N ALA F 710 -7.78 -59.90 12.19
CA ALA F 710 -8.69 -60.88 11.58
C ALA F 710 -8.08 -61.59 10.37
N ALA F 711 -7.44 -60.84 9.46
CA ALA F 711 -6.78 -61.42 8.29
C ALA F 711 -5.67 -62.38 8.68
N ARG F 712 -4.91 -62.03 9.72
CA ARG F 712 -3.85 -62.90 10.17
C ARG F 712 -4.39 -64.21 10.78
N ALA F 713 -5.50 -64.12 11.51
CA ALA F 713 -6.20 -65.29 12.03
C ALA F 713 -6.64 -66.23 10.89
N GLN F 714 -7.07 -65.65 9.77
CA GLN F 714 -7.50 -66.39 8.59
C GLN F 714 -6.37 -67.15 7.89
N HIS F 715 -5.22 -66.50 7.73
CA HIS F 715 -4.18 -67.02 6.84
C HIS F 715 -2.80 -67.31 7.46
N THR F 716 -2.62 -67.05 8.75
CA THR F 716 -1.32 -67.26 9.39
C THR F 716 -1.40 -68.08 10.69
N ASN F 717 -0.34 -67.93 11.51
CA ASN F 717 -0.22 -68.47 12.87
C ASN F 717 -1.40 -68.14 13.80
N ASN F 718 -1.93 -69.17 14.47
CA ASN F 718 -3.22 -69.05 15.16
C ASN F 718 -3.17 -68.59 16.62
N ASN F 719 -2.15 -67.80 16.97
CA ASN F 719 -2.08 -67.19 18.30
C ASN F 719 -3.08 -66.05 18.38
N THR F 720 -4.18 -66.28 19.08
CA THR F 720 -5.19 -65.26 19.33
C THR F 720 -4.58 -64.16 20.22
N LYS F 721 -3.34 -64.39 20.66
CA LYS F 721 -2.62 -63.48 21.53
C LYS F 721 -1.24 -63.15 20.95
N GLU F 722 -1.11 -63.38 19.65
CA GLU F 722 0.03 -62.90 18.87
C GLU F 722 0.02 -61.37 18.83
N LEU F 723 1.21 -60.77 18.92
CA LEU F 723 1.33 -59.34 18.65
C LEU F 723 2.20 -59.14 17.43
N PHE F 724 1.92 -58.08 16.68
CA PHE F 724 2.73 -57.73 15.53
C PHE F 724 2.90 -56.22 15.52
N ARG F 725 3.99 -55.75 14.94
CA ARG F 725 4.23 -54.32 14.96
C ARG F 725 3.64 -53.66 13.72
N LEU F 726 2.89 -52.59 13.97
CA LEU F 726 2.30 -51.79 12.92
C LEU F 726 2.57 -50.33 13.23
N ASP F 727 3.55 -49.74 12.54
CA ASP F 727 3.86 -48.31 12.69
C ASP F 727 2.78 -47.44 12.02
N SER F 728 2.82 -46.13 12.28
CA SER F 728 1.96 -45.20 11.56
C SER F 728 2.82 -44.42 10.57
N PRO F 729 2.29 -44.11 9.36
CA PRO F 729 0.94 -44.39 8.88
C PRO F 729 0.76 -45.82 8.38
N ALA F 730 -0.42 -46.37 8.64
CA ALA F 730 -0.83 -47.64 8.05
C ALA F 730 -1.20 -47.45 6.58
N THR F 731 -0.19 -47.37 5.74
CA THR F 731 -0.35 -47.29 4.28
C THR F 731 -0.75 -48.63 3.65
N PRO F 732 -1.20 -48.63 2.37
CA PRO F 732 -1.43 -49.91 1.68
C PRO F 732 -0.24 -50.87 1.73
N GLU F 733 0.98 -50.35 1.63
CA GLU F 733 2.17 -51.18 1.80
C GLU F 733 2.17 -51.92 3.14
N LYS F 734 1.99 -51.19 4.24
CA LYS F 734 2.10 -51.75 5.58
C LYS F 734 0.94 -52.71 5.87
N ILE F 735 -0.26 -52.35 5.41
CA ILE F 735 -1.44 -53.17 5.57
C ILE F 735 -1.25 -54.50 4.80
N ARG F 736 -0.89 -54.42 3.52
CA ARG F 736 -0.71 -55.64 2.72
C ARG F 736 0.36 -56.56 3.31
N ASN F 737 1.56 -56.04 3.53
CA ASN F 737 2.66 -56.82 4.12
C ASN F 737 2.26 -57.52 5.44
N ALA F 738 1.44 -56.86 6.26
CA ALA F 738 1.00 -57.42 7.55
C ALA F 738 -0.07 -58.49 7.40
N CYS F 739 -0.72 -58.51 6.23
CA CYS F 739 -1.68 -59.57 5.91
C CYS F 739 -0.93 -60.74 5.30
N VAL F 740 -0.10 -61.36 6.14
CA VAL F 740 0.75 -62.48 5.78
C VAL F 740 -0.15 -63.62 5.27
N ASP F 741 0.18 -64.14 4.10
CA ASP F 741 -0.61 -65.22 3.48
C ASP F 741 0.31 -66.02 2.57
N LYS F 742 -0.30 -66.79 1.66
CA LYS F 742 0.46 -67.62 0.72
C LYS F 742 1.17 -66.81 -0.36
N PHE F 743 0.79 -65.54 -0.51
CA PHE F 743 1.43 -64.68 -1.51
C PHE F 743 2.58 -63.91 -0.93
N THR F 744 2.40 -63.36 0.26
CA THR F 744 3.49 -62.62 0.92
C THR F 744 4.69 -63.53 1.14
N THR F 745 4.41 -64.79 1.48
CA THR F 745 5.43 -65.79 1.76
C THR F 745 6.00 -66.36 0.47
#